data_8G7C
#
_entry.id   8G7C
#
_cell.length_a   1.00
_cell.length_b   1.00
_cell.length_c   1.00
_cell.angle_alpha   90.00
_cell.angle_beta   90.00
_cell.angle_gamma   90.00
#
_symmetry.space_group_name_H-M   'P 1'
#
loop_
_entity.id
_entity.type
_entity.pdbx_description
1 polymer 'Spike glycoprotein'
2 polymer Nanosota-4
3 non-polymer 2-acetamido-2-deoxy-beta-D-glucopyranose
#
loop_
_entity_poly.entity_id
_entity_poly.type
_entity_poly.pdbx_seq_one_letter_code
_entity_poly.pdbx_strand_id
1 'polypeptide(L)'
;QCVNLTTRTQLPPAYTNSFTRGVYYPDKVFRSSVLHSTQDLFLPFFSNVTWFHAIHVSGTNGTKRFDNPVLPFNDGVYFA
STEKSNIIRGWIFGTTLDSKTQSLLIVNNATNVVIKVCEFQFCNDPFLGVYYHKNNKSWMESEFRVYSSANNCTFEYVSQ
PFLMDLEGKQGNFKNLREFVFKNIDGYFKIYSKHTPINLVRDLPQGFSALEPLVDLPIGINITRFQTLLALHRSYLTPGD
SSSGWTAGAAAYYVGYLQPRTFLLKYNENGTITDAVDCALDPLSETKCTLKSFTVEKGIYQTSNFRVQPTESIVRFPNIT
NLCPFGEVFNATRFASVYAWNRKRISNCVADYSVLYNSASFSTFKCYGVSPTKLNDLCFTNVYADSFVIRGDEVRQIAPG
QTGKIADYNYKLPDDFTGCVIAWNSNNLDSKVGGNYNYLYRLFRKSNLKPFERDISTEIYQAGSTPCNGVEGFNCYFPLQ
SYGFQPTNGVGYQPYRVVVLSFELLHAPATVCGPKKSTNLVKNKCVNFNFNGLTGTGVLTESNKKFLPFQQFGRDIADTT
DAVRDPQTLEILDITPCSFGGVSVITPGTNTSNQVAVLYQGVNCTEVPVAIHADQLTPTWRVYSTGSNVFQTRAGCLIGA
EHVNNSYECDIPIGAGICASYQTQTNSPAGARSVASQSIIAYTMSLGAENSVAYSNNSIAIPTNFTISVTTEILPVSMTK
TSVDCTMYICGDSTECSNLLLQYGSFCTQLNRALTGIAVEQDKNTQEVFAQVKQIYKTPPIKDFGGFNFSQILPDPSKPS
KRSPIEDLLFNKVTLADAGFIKQYGDCLGDIAARDLICAQKFNGLTVLPPLLTDEMIAQYTSALLAGTITSGWTFGAGPA
LQIPFPMQMAYRFNGIGVTQNVLYENQKLIANQFNSAIGKIQDSLSSTPSALGKLQDVVNQNAQALNTLVKQLSSNFGAI
SSVLNDILSRLDPPEAEVQIDRLITGRLQSLQTYVTQQLIRAAEIRASANLAATKMSECVLGQSKRVDFCGKGYHLMSFP
QSAPHGVVFLHVTYVPAQEKNFTTAPAICHDGKAHFPREGVFVSNGTHWFVTQRNFYEPQIITTDNTFVSGNCDVVIGIV
NNTVYDPLQPELDSFKEELDKYFKNHTSPDVDLGDISGINASVVNIQKEIDRLNEVAKNLNESLIDLQELGKYEQYIKGS
GYIPEAPRDGQAYVRKDGEWVLLSTFLGHHHHHH
;
A,B,D
2 'polypeptide(L)'
;QVQLQESGGGLVQPGGSLRLSCAASGFTLDYYAIGWFRQAPGKEREGVSCISSSGGRTNYADSVKGRFTISRDNTKNTVY
LQMNSLKPEDTAVYYCAAWEASRWYCPLQFSADFSSWGQGTQVTVSSGGQHHHHHHGAYPYDVPDYAS
;
E,G,F
#
loop_
_chem_comp.id
_chem_comp.type
_chem_comp.name
_chem_comp.formula
NAG D-saccharide, beta linking 2-acetamido-2-deoxy-beta-D-glucopyranose 'C8 H15 N O6'
#
# COMPACT_ATOMS: atom_id res chain seq x y z
N GLN A 1 58.61 -25.00 9.99
CA GLN A 1 59.11 -24.75 8.63
C GLN A 1 59.09 -26.02 7.79
N CYS A 2 59.11 -25.84 6.48
CA CYS A 2 58.96 -26.93 5.52
C CYS A 2 60.32 -27.36 4.96
N VAL A 3 60.32 -28.53 4.33
CA VAL A 3 61.47 -29.09 3.65
C VAL A 3 61.03 -29.51 2.26
N ASN A 4 61.80 -29.10 1.24
CA ASN A 4 61.45 -29.40 -0.14
C ASN A 4 61.74 -30.86 -0.47
N LEU A 5 60.78 -31.49 -1.15
CA LEU A 5 60.91 -32.87 -1.62
C LEU A 5 60.97 -32.86 -3.15
N THR A 6 60.93 -34.06 -3.74
CA THR A 6 61.03 -34.19 -5.19
C THR A 6 59.65 -34.10 -5.84
N THR A 7 59.66 -34.01 -7.17
CA THR A 7 58.44 -33.83 -7.93
C THR A 7 57.60 -35.10 -7.90
N ARG A 8 56.28 -34.91 -7.95
CA ARG A 8 55.33 -36.02 -7.88
C ARG A 8 55.27 -36.81 -9.19
N THR A 9 55.78 -36.24 -10.28
CA THR A 9 55.89 -36.87 -11.59
C THR A 9 54.53 -37.18 -12.22
N GLN A 10 53.44 -36.72 -11.63
CA GLN A 10 52.09 -36.91 -12.18
C GLN A 10 51.80 -38.39 -12.43
N LEU A 11 51.78 -39.14 -11.34
CA LEU A 11 51.51 -40.57 -11.42
C LEU A 11 50.10 -40.81 -11.96
N PRO A 12 49.93 -41.76 -12.88
CA PRO A 12 48.60 -41.98 -13.45
C PRO A 12 47.64 -42.46 -12.39
N PRO A 13 46.37 -42.07 -12.49
CA PRO A 13 45.39 -42.49 -11.48
C PRO A 13 45.07 -43.97 -11.57
N ALA A 14 44.71 -44.54 -10.42
CA ALA A 14 44.25 -45.92 -10.33
C ALA A 14 42.89 -45.94 -9.64
N TYR A 15 41.98 -46.75 -10.17
CA TYR A 15 40.62 -46.79 -9.69
C TYR A 15 40.32 -48.12 -9.01
N THR A 16 39.29 -48.13 -8.17
CA THR A 16 38.77 -49.38 -7.64
C THR A 16 37.31 -49.17 -7.29
N ASN A 17 36.64 -50.24 -6.86
CA ASN A 17 35.20 -50.25 -6.66
C ASN A 17 34.87 -50.23 -5.17
N SER A 18 33.90 -49.40 -4.80
CA SER A 18 33.43 -49.33 -3.42
C SER A 18 32.09 -50.04 -3.31
N PHE A 19 31.95 -50.90 -2.31
CA PHE A 19 30.78 -51.76 -2.16
C PHE A 19 29.92 -51.30 -0.99
N THR A 20 28.89 -50.51 -1.31
CA THR A 20 27.81 -50.10 -0.39
C THR A 20 28.37 -49.65 0.96
N ARG A 21 29.19 -48.60 0.90
CA ARG A 21 29.81 -48.03 2.09
C ARG A 21 29.51 -46.55 2.13
N GLY A 22 30.10 -45.87 3.11
CA GLY A 22 29.99 -44.43 3.20
C GLY A 22 28.57 -43.93 3.45
N VAL A 23 27.84 -44.59 4.34
CA VAL A 23 26.53 -44.12 4.76
C VAL A 23 26.64 -43.56 6.17
N TYR A 24 26.17 -42.33 6.34
CA TYR A 24 26.27 -41.63 7.61
C TYR A 24 24.90 -41.13 8.05
N TYR A 25 24.72 -41.03 9.36
CA TYR A 25 23.46 -40.55 9.92
C TYR A 25 23.21 -39.13 9.44
N PRO A 26 22.27 -38.92 8.52
CA PRO A 26 22.10 -37.58 7.96
C PRO A 26 21.63 -36.56 8.99
N ASP A 27 20.84 -36.96 9.96
CA ASP A 27 20.28 -36.05 10.95
C ASP A 27 20.73 -36.48 12.35
N LYS A 28 20.17 -35.80 13.35
CA LYS A 28 20.35 -36.15 14.75
C LYS A 28 19.06 -36.76 15.31
N VAL A 29 18.37 -37.55 14.49
CA VAL A 29 17.02 -38.00 14.76
C VAL A 29 17.05 -39.49 15.09
N PHE A 30 16.18 -39.90 16.01
CA PHE A 30 15.98 -41.30 16.35
C PHE A 30 14.64 -41.76 15.81
N ARG A 31 14.67 -42.74 14.90
CA ARG A 31 13.48 -43.39 14.39
C ARG A 31 13.61 -44.89 14.62
N SER A 32 12.51 -45.54 15.01
CA SER A 32 12.53 -46.94 15.40
C SER A 32 11.76 -47.77 14.38
N SER A 33 12.44 -48.73 13.76
CA SER A 33 11.82 -49.73 12.88
C SER A 33 10.97 -49.07 11.79
N VAL A 34 11.58 -48.16 11.04
CA VAL A 34 10.88 -47.46 9.96
C VAL A 34 11.82 -47.35 8.77
N LEU A 35 11.22 -47.20 7.59
CA LEU A 35 11.98 -46.97 6.37
C LEU A 35 11.88 -45.48 6.06
N HIS A 36 13.03 -44.82 5.91
CA HIS A 36 13.07 -43.38 5.76
C HIS A 36 13.83 -43.01 4.49
N SER A 37 13.33 -42.01 3.77
CA SER A 37 13.94 -41.55 2.54
C SER A 37 14.58 -40.19 2.76
N THR A 38 15.85 -40.06 2.39
CA THR A 38 16.57 -38.80 2.55
C THR A 38 17.29 -38.44 1.26
N GLN A 39 17.18 -37.19 0.86
CA GLN A 39 17.83 -36.66 -0.34
C GLN A 39 18.92 -35.69 0.10
N ASP A 40 20.17 -36.09 -0.06
CA ASP A 40 21.31 -35.22 0.23
C ASP A 40 22.54 -35.88 -0.37
N LEU A 41 23.71 -35.33 -0.07
CA LEU A 41 24.95 -35.80 -0.69
C LEU A 41 25.46 -37.05 0.02
N PHE A 42 25.85 -38.04 -0.78
CA PHE A 42 26.36 -39.31 -0.25
C PHE A 42 27.41 -39.85 -1.21
N LEU A 43 27.91 -41.04 -0.89
CA LEU A 43 28.76 -41.80 -1.80
C LEU A 43 27.89 -42.72 -2.64
N PRO A 44 27.86 -42.56 -3.96
CA PRO A 44 27.01 -43.44 -4.78
C PRO A 44 27.49 -44.89 -4.70
N PHE A 45 26.54 -45.81 -4.65
CA PHE A 45 26.88 -47.21 -4.49
C PHE A 45 27.64 -47.71 -5.72
N PHE A 46 28.55 -48.65 -5.47
CA PHE A 46 29.36 -49.26 -6.52
C PHE A 46 30.07 -48.20 -7.36
N SER A 47 30.59 -47.19 -6.69
CA SER A 47 31.31 -46.13 -7.38
C SER A 47 32.78 -46.46 -7.50
N ASN A 48 33.42 -45.79 -8.45
CA ASN A 48 34.86 -45.91 -8.65
C ASN A 48 35.54 -44.89 -7.75
N VAL A 49 36.17 -45.38 -6.68
CA VAL A 49 36.92 -44.55 -5.76
C VAL A 49 38.39 -44.61 -6.14
N THR A 50 39.07 -43.48 -6.00
CA THR A 50 40.49 -43.39 -6.34
C THR A 50 41.31 -43.70 -5.09
N TRP A 51 42.20 -44.67 -5.19
CA TRP A 51 42.97 -45.12 -4.05
C TRP A 51 44.44 -44.79 -4.24
N PHE A 52 45.11 -44.43 -3.15
CA PHE A 52 46.51 -44.04 -3.21
C PHE A 52 47.30 -44.79 -2.15
N HIS A 53 48.47 -45.26 -2.58
CA HIS A 53 49.50 -45.71 -1.65
C HIS A 53 50.04 -44.51 -0.88
N ALA A 54 50.28 -44.70 0.41
CA ALA A 54 50.91 -43.65 1.19
C ALA A 54 52.31 -43.34 0.66
N ILE A 55 53.13 -44.38 0.52
CA ILE A 55 54.45 -44.29 -0.09
C ILE A 55 54.42 -45.18 -1.33
N HIS A 56 54.90 -44.65 -2.45
CA HIS A 56 54.96 -45.41 -3.69
C HIS A 56 56.41 -45.64 -4.10
N VAL A 57 56.68 -46.83 -4.61
CA VAL A 57 57.97 -47.19 -5.18
C VAL A 57 57.69 -47.50 -6.66
N SER A 58 57.81 -46.48 -7.51
CA SER A 58 57.51 -46.62 -8.92
C SER A 58 58.73 -46.50 -9.83
N GLY A 59 59.82 -45.90 -9.34
CA GLY A 59 61.00 -45.76 -10.15
C GLY A 59 61.79 -47.06 -10.27
N THR A 60 62.66 -47.10 -11.27
CA THR A 60 63.50 -48.28 -11.47
C THR A 60 64.48 -48.45 -10.30
N ASN A 61 65.06 -47.36 -9.82
CA ASN A 61 65.98 -47.47 -8.68
C ASN A 61 65.25 -47.89 -7.41
N GLY A 62 64.00 -47.48 -7.24
CA GLY A 62 63.25 -47.87 -6.07
C GLY A 62 62.93 -46.71 -5.14
N THR A 63 62.73 -45.52 -5.70
CA THR A 63 62.48 -44.34 -4.88
C THR A 63 61.18 -44.50 -4.10
N LYS A 64 61.26 -44.30 -2.79
CA LYS A 64 60.10 -44.33 -1.90
C LYS A 64 59.62 -42.90 -1.73
N ARG A 65 58.51 -42.55 -2.39
CA ARG A 65 58.07 -41.17 -2.36
C ARG A 65 56.60 -41.07 -1.95
N PHE A 66 56.33 -40.07 -1.12
CA PHE A 66 54.95 -39.76 -0.74
C PHE A 66 54.15 -39.39 -1.98
N ASP A 67 52.98 -39.99 -2.12
CA ASP A 67 52.09 -39.69 -3.22
C ASP A 67 50.94 -38.88 -2.64
N ASN A 68 51.08 -37.56 -2.65
CA ASN A 68 50.12 -36.68 -1.97
C ASN A 68 49.63 -35.56 -2.90
N PRO A 69 49.00 -35.90 -4.02
CA PRO A 69 48.46 -34.86 -4.88
C PRO A 69 47.36 -34.11 -4.15
N VAL A 70 47.28 -32.81 -4.40
CA VAL A 70 46.21 -32.02 -3.83
C VAL A 70 44.95 -32.30 -4.65
N LEU A 71 43.87 -32.68 -3.96
CA LEU A 71 42.75 -33.26 -4.67
C LEU A 71 41.51 -32.39 -4.57
N PRO A 72 40.68 -32.35 -5.61
CA PRO A 72 39.49 -31.51 -5.57
C PRO A 72 38.52 -31.96 -4.48
N PHE A 73 38.14 -31.02 -3.62
CA PHE A 73 37.15 -31.24 -2.58
C PHE A 73 35.88 -30.54 -3.05
N ASN A 74 35.01 -31.29 -3.71
CA ASN A 74 33.75 -30.75 -4.22
C ASN A 74 32.56 -31.49 -3.62
N ASP A 75 31.63 -30.74 -3.04
CA ASP A 75 30.45 -31.29 -2.38
C ASP A 75 30.84 -32.39 -1.40
N GLY A 76 31.74 -32.06 -0.48
CA GLY A 76 32.17 -33.00 0.53
C GLY A 76 33.11 -34.03 -0.04
N VAL A 77 33.53 -34.96 0.83
CA VAL A 77 34.39 -36.06 0.40
C VAL A 77 34.21 -37.23 1.37
N TYR A 78 34.49 -38.43 0.86
CA TYR A 78 34.58 -39.64 1.66
C TYR A 78 36.03 -40.08 1.66
N PHE A 79 36.62 -40.19 2.84
CA PHE A 79 38.00 -40.64 2.99
C PHE A 79 37.99 -41.90 3.84
N ALA A 80 38.51 -42.98 3.29
CA ALA A 80 38.65 -44.23 4.04
C ALA A 80 40.12 -44.57 4.18
N SER A 81 40.57 -44.75 5.40
CA SER A 81 41.95 -45.12 5.65
C SER A 81 41.97 -46.60 6.02
N THR A 82 42.67 -47.40 5.23
CA THR A 82 42.96 -48.77 5.62
C THR A 82 44.45 -48.82 5.93
N GLU A 83 44.77 -48.88 7.21
CA GLU A 83 46.15 -48.71 7.62
C GLU A 83 46.41 -49.49 8.91
N LYS A 84 47.68 -49.49 9.28
CA LYS A 84 48.18 -50.20 10.45
C LYS A 84 49.23 -49.41 11.21
N SER A 85 49.81 -48.35 10.64
CA SER A 85 50.98 -47.69 11.21
C SER A 85 50.78 -46.19 11.44
N ASN A 86 49.53 -45.70 11.39
CA ASN A 86 49.21 -44.31 11.73
C ASN A 86 49.96 -43.30 10.85
N ILE A 87 50.26 -43.66 9.61
CA ILE A 87 50.98 -42.72 8.75
C ILE A 87 50.10 -41.54 8.41
N ILE A 88 48.80 -41.74 8.30
CA ILE A 88 47.87 -40.65 8.04
C ILE A 88 47.68 -39.85 9.32
N ARG A 89 47.85 -38.53 9.22
CA ARG A 89 47.91 -37.70 10.41
C ARG A 89 46.97 -36.51 10.39
N GLY A 90 46.68 -35.97 9.21
CA GLY A 90 45.92 -34.74 9.19
C GLY A 90 45.39 -34.42 7.81
N TRP A 91 44.82 -33.23 7.71
CA TRP A 91 44.15 -32.78 6.50
C TRP A 91 44.18 -31.26 6.43
N ILE A 92 44.34 -30.74 5.21
CA ILE A 92 44.39 -29.29 4.97
C ILE A 92 43.35 -28.94 3.92
N PHE A 93 42.52 -27.94 4.20
CA PHE A 93 41.38 -27.60 3.36
C PHE A 93 41.47 -26.13 2.99
N GLY A 94 41.23 -25.81 1.73
CA GLY A 94 41.28 -24.43 1.31
C GLY A 94 41.06 -24.30 -0.19
N THR A 95 41.12 -23.06 -0.67
CA THR A 95 40.95 -22.77 -2.08
C THR A 95 42.29 -22.54 -2.78
N THR A 96 43.07 -21.57 -2.30
CA THR A 96 44.36 -21.26 -2.89
C THR A 96 45.53 -21.76 -2.06
N LEU A 97 45.31 -22.16 -0.81
CA LEU A 97 46.34 -22.76 0.04
C LEU A 97 47.53 -21.83 0.21
N ASP A 98 47.23 -20.56 0.50
CA ASP A 98 48.26 -19.56 0.76
C ASP A 98 47.70 -18.55 1.75
N SER A 99 48.51 -17.53 2.06
CA SER A 99 48.05 -16.47 2.95
C SER A 99 46.99 -15.59 2.32
N LYS A 100 46.79 -15.67 1.00
CA LYS A 100 45.80 -14.83 0.35
C LYS A 100 44.39 -15.16 0.84
N THR A 101 44.07 -16.44 0.97
CA THR A 101 42.75 -16.89 1.39
C THR A 101 42.87 -17.73 2.65
N GLN A 102 41.82 -17.70 3.47
CA GLN A 102 41.81 -18.46 4.72
C GLN A 102 41.88 -19.96 4.44
N SER A 103 42.56 -20.68 5.33
CA SER A 103 42.79 -22.11 5.19
C SER A 103 42.57 -22.80 6.53
N LEU A 104 42.07 -24.04 6.47
CA LEU A 104 41.77 -24.82 7.67
C LEU A 104 42.70 -26.02 7.75
N LEU A 105 43.09 -26.38 8.97
CA LEU A 105 44.03 -27.45 9.24
C LEU A 105 43.54 -28.31 10.39
N ILE A 106 43.59 -29.63 10.20
CA ILE A 106 43.35 -30.62 11.25
C ILE A 106 44.60 -31.48 11.36
N VAL A 107 45.12 -31.61 12.57
CA VAL A 107 46.30 -32.43 12.84
C VAL A 107 45.98 -33.37 13.98
N ASN A 108 46.52 -34.59 13.93
CA ASN A 108 46.31 -35.58 14.97
C ASN A 108 47.66 -36.07 15.45
N ASN A 109 47.98 -35.78 16.70
CA ASN A 109 49.20 -36.24 17.34
C ASN A 109 48.83 -37.39 18.29
N ALA A 110 49.86 -37.99 18.91
CA ALA A 110 49.62 -39.10 19.82
C ALA A 110 48.80 -38.70 21.04
N THR A 111 48.70 -37.39 21.33
CA THR A 111 47.96 -36.92 22.50
C THR A 111 46.51 -36.60 22.16
N ASN A 112 46.30 -35.67 21.23
CA ASN A 112 44.98 -35.12 20.97
C ASN A 112 44.97 -34.59 19.54
N VAL A 113 43.95 -33.80 19.22
CA VAL A 113 43.80 -33.24 17.88
C VAL A 113 43.86 -31.72 17.97
N VAL A 114 44.39 -31.11 16.91
CA VAL A 114 44.52 -29.67 16.80
C VAL A 114 43.71 -29.22 15.59
N ILE A 115 42.79 -28.28 15.80
CA ILE A 115 41.97 -27.74 14.72
C ILE A 115 42.20 -26.24 14.68
N LYS A 116 42.66 -25.74 13.53
CA LYS A 116 42.93 -24.33 13.34
C LYS A 116 42.37 -23.86 12.01
N VAL A 117 42.08 -22.56 11.91
CA VAL A 117 41.79 -21.93 10.63
C VAL A 117 42.45 -20.55 10.64
N CYS A 118 43.40 -20.34 9.73
CA CYS A 118 44.16 -19.11 9.69
C CYS A 118 44.64 -18.86 8.26
N GLU A 119 45.34 -17.76 8.07
CA GLU A 119 46.03 -17.47 6.80
C GLU A 119 47.46 -17.99 6.85
N PHE A 120 47.59 -19.31 6.94
CA PHE A 120 48.90 -19.93 6.88
C PHE A 120 49.53 -19.72 5.51
N GLN A 121 50.82 -20.05 5.42
CA GLN A 121 51.54 -20.10 4.15
C GLN A 121 52.05 -21.52 3.97
N PHE A 122 51.27 -22.34 3.26
CA PHE A 122 51.58 -23.74 3.11
C PHE A 122 52.64 -23.95 2.02
N CYS A 123 53.52 -24.91 2.25
CA CYS A 123 54.49 -25.31 1.26
C CYS A 123 53.88 -26.32 0.29
N ASN A 124 54.64 -26.66 -0.74
CA ASN A 124 54.14 -27.56 -1.77
C ASN A 124 54.06 -29.00 -1.27
N ASP A 125 54.89 -29.36 -0.29
CA ASP A 125 55.00 -30.74 0.20
C ASP A 125 54.90 -30.76 1.72
N PRO A 126 53.69 -30.66 2.26
CA PRO A 126 53.53 -30.76 3.72
C PRO A 126 53.56 -32.20 4.20
N PHE A 127 54.00 -32.37 5.44
CA PHE A 127 54.11 -33.65 6.13
C PHE A 127 54.58 -33.35 7.55
N LEU A 128 54.52 -34.38 8.40
CA LEU A 128 55.02 -34.25 9.77
C LEU A 128 56.18 -35.21 9.99
N GLY A 129 57.32 -34.66 10.38
CA GLY A 129 58.45 -35.50 10.76
C GLY A 129 58.17 -36.22 12.06
N VAL A 130 57.95 -37.52 11.98
CA VAL A 130 57.55 -38.34 13.13
C VAL A 130 58.71 -39.26 13.47
N TYR A 131 59.16 -39.21 14.72
CA TYR A 131 60.28 -40.03 15.16
C TYR A 131 59.96 -40.66 16.51
N TYR A 132 60.45 -41.88 16.69
CA TYR A 132 60.29 -42.58 17.96
C TYR A 132 61.34 -42.10 18.96
N HIS A 133 61.03 -42.28 20.23
CA HIS A 133 61.98 -41.95 21.29
C HIS A 133 62.94 -43.10 21.53
N LYS A 134 64.07 -42.78 22.16
CA LYS A 134 65.16 -43.74 22.26
C LYS A 134 64.91 -44.84 23.28
N ASN A 135 64.02 -44.63 24.25
CA ASN A 135 63.83 -45.59 25.32
C ASN A 135 62.43 -46.19 25.38
N ASN A 136 61.39 -45.37 25.23
CA ASN A 136 60.02 -45.84 25.43
C ASN A 136 59.39 -46.39 24.16
N LYS A 137 59.37 -45.57 23.10
CA LYS A 137 58.77 -45.90 21.80
C LYS A 137 57.27 -46.14 21.88
N SER A 138 56.63 -45.83 23.02
CA SER A 138 55.20 -46.00 23.13
C SER A 138 54.45 -44.94 22.32
N TRP A 139 54.90 -43.70 22.40
CA TRP A 139 54.34 -42.62 21.60
C TRP A 139 55.43 -42.04 20.70
N MET A 140 54.99 -41.40 19.62
CA MET A 140 55.89 -40.89 18.58
C MET A 140 55.84 -39.38 18.57
N GLU A 141 57.01 -38.74 18.62
CA GLU A 141 57.08 -37.29 18.62
C GLU A 141 57.00 -36.75 17.20
N SER A 142 56.22 -35.69 17.02
CA SER A 142 55.94 -35.14 15.70
C SER A 142 56.37 -33.68 15.64
N GLU A 143 57.03 -33.31 14.55
CA GLU A 143 57.36 -31.93 14.23
C GLU A 143 56.67 -31.56 12.93
N PHE A 144 55.92 -30.45 12.93
CA PHE A 144 55.10 -30.08 11.79
C PHE A 144 55.92 -29.30 10.77
N ARG A 145 55.85 -29.75 9.51
CA ARG A 145 56.43 -29.03 8.38
C ARG A 145 55.34 -28.67 7.40
N VAL A 146 54.25 -28.09 7.90
CA VAL A 146 53.06 -27.84 7.12
C VAL A 146 53.04 -26.42 6.57
N TYR A 147 53.13 -25.42 7.44
CA TYR A 147 53.06 -24.02 7.03
C TYR A 147 54.25 -23.25 7.57
N SER A 148 54.61 -22.19 6.86
CA SER A 148 55.72 -21.33 7.30
C SER A 148 55.29 -20.44 8.47
N SER A 149 54.10 -19.85 8.40
CA SER A 149 53.67 -18.88 9.39
C SER A 149 52.15 -18.93 9.51
N ALA A 150 51.63 -18.25 10.53
CA ALA A 150 50.20 -18.21 10.80
C ALA A 150 49.77 -16.79 11.12
N ASN A 151 48.63 -16.39 10.58
CA ASN A 151 48.07 -15.06 10.83
C ASN A 151 46.55 -15.14 10.72
N ASN A 152 45.88 -14.26 11.48
CA ASN A 152 44.42 -14.11 11.43
C ASN A 152 43.72 -15.42 11.76
N CYS A 153 44.00 -15.93 12.95
CA CYS A 153 43.41 -17.18 13.43
C CYS A 153 42.08 -16.88 14.10
N THR A 154 40.99 -17.38 13.51
CA THR A 154 39.64 -17.09 13.98
C THR A 154 39.00 -18.28 14.68
N PHE A 155 39.75 -19.33 14.97
CA PHE A 155 39.19 -20.49 15.64
C PHE A 155 40.32 -21.30 16.24
N GLU A 156 39.95 -22.21 17.14
CA GLU A 156 40.86 -23.16 17.77
C GLU A 156 40.03 -24.25 18.41
N TYR A 157 40.44 -25.50 18.22
CA TYR A 157 39.68 -26.60 18.81
C TYR A 157 40.62 -27.74 19.22
N VAL A 158 40.37 -28.28 20.40
CA VAL A 158 41.12 -29.39 20.97
C VAL A 158 40.14 -30.37 21.59
N SER A 159 40.28 -31.65 21.27
CA SER A 159 39.38 -32.69 21.80
C SER A 159 40.08 -34.04 21.69
N GLN A 160 39.31 -35.12 21.84
CA GLN A 160 39.83 -36.48 21.84
C GLN A 160 40.39 -36.85 20.47
N PRO A 161 41.32 -37.81 20.42
CA PRO A 161 41.96 -38.17 19.14
C PRO A 161 40.95 -38.74 18.16
N PHE A 162 40.88 -38.12 16.97
CA PHE A 162 40.03 -38.65 15.91
C PHE A 162 40.54 -40.00 15.43
N LEU A 163 41.85 -40.13 15.30
CA LEU A 163 42.49 -41.38 14.88
C LEU A 163 43.00 -42.12 16.10
N MET A 164 42.49 -43.32 16.31
CA MET A 164 42.96 -44.19 17.38
C MET A 164 44.35 -44.72 17.07
N ASP A 165 45.13 -44.94 18.12
CA ASP A 165 46.50 -45.41 17.96
C ASP A 165 46.53 -46.80 17.34
N LEU A 166 47.46 -47.01 16.40
CA LEU A 166 47.61 -48.26 15.66
C LEU A 166 48.84 -49.05 16.05
N GLU A 167 49.39 -48.82 17.23
CA GLU A 167 50.56 -49.58 17.68
C GLU A 167 50.15 -50.62 18.73
N GLY A 171 50.96 -59.15 12.17
CA GLY A 171 51.33 -57.93 11.48
C GLY A 171 50.33 -57.53 10.41
N ASN A 172 49.15 -58.13 10.45
CA ASN A 172 48.08 -57.87 9.50
C ASN A 172 46.86 -57.26 10.21
N PHE A 173 47.08 -56.56 11.32
CA PHE A 173 45.96 -55.97 12.04
C PHE A 173 45.59 -54.62 11.45
N LYS A 174 45.49 -54.57 10.12
CA LYS A 174 45.03 -53.35 9.47
C LYS A 174 43.57 -53.13 9.84
N ASN A 175 43.19 -51.87 10.05
CA ASN A 175 41.82 -51.59 10.47
C ASN A 175 41.26 -50.45 9.63
N LEU A 176 39.99 -50.58 9.24
CA LEU A 176 39.36 -49.62 8.35
C LEU A 176 38.71 -48.52 9.17
N ARG A 177 39.17 -47.29 8.96
CA ARG A 177 38.64 -46.10 9.62
C ARG A 177 38.07 -45.19 8.55
N GLU A 178 36.76 -45.03 8.54
CA GLU A 178 36.08 -44.19 7.56
C GLU A 178 35.76 -42.83 8.16
N PHE A 179 35.79 -41.84 7.29
CA PHE A 179 35.41 -40.48 7.63
C PHE A 179 34.69 -39.88 6.43
N VAL A 180 33.68 -39.08 6.72
CA VAL A 180 32.98 -38.29 5.72
C VAL A 180 33.03 -36.84 6.16
N PHE A 181 33.50 -35.96 5.28
CA PHE A 181 33.59 -34.55 5.58
C PHE A 181 32.65 -33.77 4.68
N LYS A 182 31.91 -32.84 5.28
CA LYS A 182 31.03 -31.94 4.54
C LYS A 182 31.30 -30.51 4.96
N ASN A 183 31.08 -29.58 4.03
CA ASN A 183 31.19 -28.15 4.28
C ASN A 183 29.90 -27.50 3.77
N ILE A 184 28.92 -27.35 4.66
CA ILE A 184 27.60 -26.87 4.28
C ILE A 184 27.19 -25.72 5.21
N ASP A 185 26.71 -24.63 4.61
CA ASP A 185 26.25 -23.45 5.36
C ASP A 185 27.34 -22.95 6.31
N GLY A 186 28.57 -22.92 5.82
CA GLY A 186 29.70 -22.51 6.63
C GLY A 186 30.07 -23.45 7.75
N TYR A 187 29.26 -24.47 8.01
CA TYR A 187 29.57 -25.46 9.03
C TYR A 187 30.37 -26.61 8.43
N PHE A 188 31.37 -27.04 9.17
CA PHE A 188 32.29 -28.11 8.77
C PHE A 188 31.96 -29.33 9.60
N LYS A 189 31.32 -30.32 9.00
CA LYS A 189 30.86 -31.50 9.71
C LYS A 189 31.75 -32.69 9.40
N ILE A 190 32.20 -33.39 10.45
CA ILE A 190 33.05 -34.57 10.32
C ILE A 190 32.35 -35.76 10.99
N TYR A 191 32.18 -36.82 10.22
CA TYR A 191 31.55 -38.07 10.66
C TYR A 191 32.59 -39.18 10.57
N SER A 192 32.68 -40.00 11.62
CA SER A 192 33.77 -40.97 11.68
C SER A 192 33.26 -42.33 12.15
N LYS A 193 34.05 -43.37 11.87
CA LYS A 193 33.76 -44.72 12.35
C LYS A 193 34.96 -45.66 12.17
N HIS A 194 35.26 -46.44 13.19
CA HIS A 194 36.36 -47.40 13.13
C HIS A 194 35.84 -48.83 13.17
N THR A 195 36.55 -49.73 12.49
CA THR A 195 36.17 -51.14 12.47
C THR A 195 37.40 -51.96 12.13
N PRO A 196 37.52 -53.18 12.64
CA PRO A 196 38.60 -54.07 12.19
C PRO A 196 38.32 -54.66 10.81
N ILE A 197 39.36 -54.69 9.97
CA ILE A 197 39.32 -55.36 8.68
C ILE A 197 40.26 -56.54 8.72
N ASN A 198 40.00 -57.52 7.86
CA ASN A 198 40.86 -58.68 7.71
C ASN A 198 40.94 -59.10 6.25
N LEU A 199 42.17 -59.25 5.75
CA LEU A 199 42.47 -59.91 4.47
C LEU A 199 41.69 -59.34 3.29
N VAL A 200 41.36 -58.05 3.33
CA VAL A 200 40.73 -57.37 2.20
C VAL A 200 41.59 -56.17 1.86
N ARG A 201 42.31 -56.24 0.73
CA ARG A 201 43.16 -55.13 0.30
C ARG A 201 42.33 -53.88 0.05
N ASP A 202 41.23 -54.03 -0.68
CA ASP A 202 40.34 -52.91 -0.98
C ASP A 202 39.30 -52.80 0.14
N LEU A 203 38.26 -52.01 -0.08
CA LEU A 203 37.19 -51.93 0.91
C LEU A 203 36.52 -53.29 1.07
N PRO A 204 36.14 -53.67 2.29
CA PRO A 204 35.45 -54.95 2.49
C PRO A 204 33.95 -54.82 2.26
N GLN A 205 33.34 -55.93 1.90
CA GLN A 205 31.91 -55.97 1.60
C GLN A 205 31.11 -56.21 2.88
N GLY A 206 30.16 -55.33 3.14
CA GLY A 206 29.37 -55.43 4.35
C GLY A 206 28.52 -54.18 4.49
N PHE A 207 28.18 -53.85 5.73
CA PHE A 207 27.51 -52.59 6.00
C PHE A 207 27.89 -52.08 7.38
N SER A 208 28.31 -50.82 7.45
CA SER A 208 28.70 -50.20 8.71
C SER A 208 28.09 -48.81 8.79
N ALA A 209 27.66 -48.43 9.98
CA ALA A 209 27.06 -47.12 10.21
C ALA A 209 28.15 -46.12 10.54
N LEU A 210 28.22 -45.04 9.77
CA LEU A 210 29.14 -43.95 10.05
C LEU A 210 28.52 -43.03 11.10
N GLU A 211 29.14 -42.96 12.27
CA GLU A 211 28.60 -42.17 13.37
C GLU A 211 29.06 -40.72 13.26
N PRO A 212 28.20 -39.75 13.58
CA PRO A 212 28.65 -38.36 13.60
C PRO A 212 29.59 -38.13 14.77
N LEU A 213 30.59 -37.28 14.54
CA LEU A 213 31.51 -37.00 15.63
C LEU A 213 31.51 -35.52 15.98
N VAL A 214 31.72 -34.62 15.02
CA VAL A 214 31.94 -33.21 15.37
C VAL A 214 31.37 -32.31 14.28
N ASP A 215 30.96 -31.11 14.69
CA ASP A 215 30.65 -30.01 13.78
C ASP A 215 31.48 -28.79 14.18
N LEU A 216 31.74 -27.93 13.19
CA LEU A 216 32.60 -26.77 13.37
C LEU A 216 31.94 -25.53 12.79
N PRO A 217 31.97 -24.41 13.52
CA PRO A 217 31.46 -23.14 12.97
C PRO A 217 32.54 -22.34 12.23
N ILE A 218 33.08 -22.90 11.16
CA ILE A 218 34.24 -22.28 10.50
C ILE A 218 33.80 -21.17 9.55
N GLY A 219 32.84 -21.44 8.68
CA GLY A 219 32.35 -20.42 7.77
C GLY A 219 33.32 -19.95 6.70
N ILE A 220 34.02 -20.88 6.05
CA ILE A 220 34.92 -20.55 4.96
C ILE A 220 34.57 -21.40 3.75
N ASN A 221 34.96 -20.93 2.57
CA ASN A 221 34.77 -21.70 1.35
C ASN A 221 35.97 -22.60 1.10
N ILE A 222 35.71 -23.82 0.66
CA ILE A 222 36.75 -24.81 0.42
C ILE A 222 36.52 -25.44 -0.94
N THR A 223 37.56 -25.44 -1.78
CA THR A 223 37.50 -26.03 -3.10
C THR A 223 38.53 -27.13 -3.31
N ARG A 224 39.60 -27.16 -2.53
CA ARG A 224 40.73 -28.04 -2.79
C ARG A 224 41.26 -28.57 -1.47
N PHE A 225 41.75 -29.81 -1.47
CA PHE A 225 42.20 -30.40 -0.22
C PHE A 225 43.36 -31.35 -0.49
N GLN A 226 44.05 -31.72 0.60
CA GLN A 226 45.24 -32.55 0.52
C GLN A 226 45.40 -33.28 1.84
N THR A 227 46.18 -34.35 1.83
CA THR A 227 46.31 -35.23 2.99
C THR A 227 47.71 -35.16 3.58
N LEU A 228 47.78 -35.38 4.90
CA LEU A 228 49.00 -35.25 5.67
C LEU A 228 49.52 -36.61 6.11
N LEU A 229 50.80 -36.85 5.87
CA LEU A 229 51.45 -38.10 6.22
C LEU A 229 52.51 -37.89 7.28
N ALA A 230 52.94 -39.01 7.85
CA ALA A 230 53.98 -39.03 8.87
C ALA A 230 55.27 -39.55 8.23
N LEU A 231 56.24 -38.66 8.09
CA LEU A 231 57.57 -39.01 7.58
C LEU A 231 58.37 -39.64 8.72
N HIS A 232 58.49 -40.96 8.70
CA HIS A 232 59.39 -41.64 9.62
C HIS A 232 60.79 -41.78 9.06
N ARG A 233 60.95 -41.66 7.74
CA ARG A 233 62.23 -41.70 7.08
C ARG A 233 62.90 -40.33 7.17
N SER A 234 64.18 -40.29 6.76
CA SER A 234 64.95 -39.05 6.76
C SER A 234 64.98 -38.47 5.35
N TYR A 235 64.50 -37.23 5.22
CA TYR A 235 64.55 -36.56 3.93
C TYR A 235 65.99 -36.22 3.53
N LEU A 236 66.84 -35.87 4.49
CA LEU A 236 68.24 -35.61 4.19
C LEU A 236 68.94 -36.86 3.69
N THR A 237 68.67 -38.01 4.31
CA THR A 237 69.32 -39.27 3.97
C THR A 237 68.24 -40.31 3.70
N PRO A 238 67.76 -40.41 2.46
CA PRO A 238 66.77 -41.45 2.14
C PRO A 238 67.44 -42.82 2.05
N GLY A 239 66.87 -43.78 2.77
CA GLY A 239 67.41 -45.12 2.75
C GLY A 239 67.12 -45.85 1.45
N ASP A 240 67.90 -46.89 1.19
CA ASP A 240 67.70 -47.68 -0.01
C ASP A 240 66.36 -48.40 0.01
N SER A 241 66.02 -49.00 1.15
CA SER A 241 64.74 -49.69 1.32
C SER A 241 64.52 -49.93 2.81
N SER A 242 63.29 -50.26 3.16
CA SER A 242 62.83 -50.59 4.51
C SER A 242 62.93 -49.42 5.47
N SER A 243 63.38 -48.25 5.02
CA SER A 243 63.45 -47.09 5.91
C SER A 243 62.05 -46.54 6.19
N GLY A 244 61.18 -46.57 5.19
CA GLY A 244 59.80 -46.15 5.39
C GLY A 244 58.97 -47.22 6.07
N TRP A 245 57.73 -47.39 5.62
CA TRP A 245 56.82 -48.39 6.19
C TRP A 245 56.32 -49.29 5.07
N THR A 246 57.03 -50.40 4.86
CA THR A 246 56.72 -51.43 3.85
C THR A 246 56.19 -50.84 2.54
N ALA A 247 56.93 -49.85 2.04
CA ALA A 247 56.64 -49.23 0.73
C ALA A 247 55.22 -48.68 0.67
N GLY A 248 54.77 -48.07 1.77
CA GLY A 248 53.45 -47.46 1.82
C GLY A 248 52.31 -48.41 1.57
N ALA A 249 52.35 -49.59 2.20
CA ALA A 249 51.29 -50.57 2.02
C ALA A 249 49.96 -50.04 2.52
N ALA A 250 49.97 -49.30 3.63
CA ALA A 250 48.78 -48.62 4.10
C ALA A 250 48.26 -47.69 3.00
N ALA A 251 46.94 -47.66 2.84
CA ALA A 251 46.35 -47.01 1.68
C ALA A 251 45.19 -46.13 2.11
N TYR A 252 44.91 -45.12 1.29
CA TYR A 252 43.77 -44.27 1.55
C TYR A 252 42.92 -44.12 0.30
N TYR A 253 41.61 -44.11 0.51
CA TYR A 253 40.60 -44.21 -0.53
C TYR A 253 39.80 -42.92 -0.54
N VAL A 254 39.53 -42.40 -1.72
CA VAL A 254 38.86 -41.12 -1.87
C VAL A 254 37.66 -41.29 -2.79
N GLY A 255 36.50 -40.84 -2.33
CA GLY A 255 35.31 -40.83 -3.15
C GLY A 255 34.62 -39.49 -3.08
N TYR A 256 34.07 -39.05 -4.20
CA TYR A 256 33.42 -37.75 -4.31
C TYR A 256 31.92 -37.92 -4.18
N LEU A 257 31.36 -37.36 -3.13
CA LEU A 257 29.93 -37.44 -2.90
C LEU A 257 29.17 -36.67 -3.97
N GLN A 258 27.93 -37.10 -4.21
CA GLN A 258 27.01 -36.36 -5.05
C GLN A 258 25.64 -36.40 -4.41
N PRO A 259 24.76 -35.45 -4.75
CA PRO A 259 23.37 -35.54 -4.28
C PRO A 259 22.74 -36.84 -4.75
N ARG A 260 22.01 -37.48 -3.84
CA ARG A 260 21.30 -38.71 -4.14
C ARG A 260 20.18 -38.87 -3.12
N THR A 261 19.22 -39.73 -3.46
CA THR A 261 18.13 -40.09 -2.57
C THR A 261 18.37 -41.50 -2.09
N PHE A 262 18.72 -41.65 -0.83
CA PHE A 262 18.87 -42.96 -0.22
C PHE A 262 17.63 -43.34 0.57
N LEU A 263 17.43 -44.64 0.70
CA LEU A 263 16.39 -45.22 1.53
C LEU A 263 17.09 -46.00 2.64
N LEU A 264 17.01 -45.46 3.85
CA LEU A 264 17.64 -46.03 5.03
C LEU A 264 16.62 -46.85 5.80
N LYS A 265 17.09 -47.93 6.42
CA LYS A 265 16.23 -48.77 7.26
C LYS A 265 16.67 -48.62 8.71
N TYR A 266 15.79 -48.08 9.55
CA TYR A 266 16.03 -47.96 10.98
C TYR A 266 15.39 -49.16 11.67
N ASN A 267 16.20 -49.92 12.40
CA ASN A 267 15.68 -51.01 13.21
C ASN A 267 15.15 -50.47 14.53
N GLU A 268 14.85 -51.37 15.47
CA GLU A 268 14.20 -50.95 16.71
C GLU A 268 15.12 -50.10 17.57
N ASN A 269 16.40 -50.45 17.67
CA ASN A 269 17.31 -49.69 18.52
C ASN A 269 17.61 -48.32 17.96
N GLY A 270 17.54 -48.14 16.65
CA GLY A 270 17.82 -46.86 16.04
C GLY A 270 19.15 -46.83 15.33
N THR A 271 19.57 -47.97 14.79
CA THR A 271 20.86 -48.10 14.12
C THR A 271 20.65 -48.36 12.64
N ILE A 272 21.33 -47.59 11.81
CA ILE A 272 21.27 -47.80 10.36
C ILE A 272 21.81 -49.19 10.05
N THR A 273 21.00 -50.01 9.40
CA THR A 273 21.42 -51.36 9.07
C THR A 273 21.51 -51.63 7.57
N ASP A 274 20.64 -51.05 6.75
CA ASP A 274 20.72 -51.20 5.30
C ASP A 274 20.25 -49.93 4.62
N ALA A 275 20.72 -49.76 3.38
CA ALA A 275 20.38 -48.61 2.56
C ALA A 275 20.19 -49.06 1.12
N VAL A 276 19.32 -48.35 0.41
CA VAL A 276 19.01 -48.63 -0.98
C VAL A 276 19.19 -47.35 -1.78
N ASP A 277 19.89 -47.46 -2.91
CA ASP A 277 20.25 -46.31 -3.73
C ASP A 277 19.25 -46.17 -4.86
N CYS A 278 18.43 -45.13 -4.80
CA CYS A 278 17.34 -44.97 -5.77
C CYS A 278 17.85 -44.78 -7.19
N ALA A 279 19.05 -44.26 -7.36
CA ALA A 279 19.52 -43.90 -8.70
C ALA A 279 20.33 -45.00 -9.38
N LEU A 280 20.46 -46.17 -8.76
CA LEU A 280 21.40 -47.18 -9.28
C LEU A 280 20.77 -48.03 -10.38
N ASP A 281 19.74 -48.79 -10.05
CA ASP A 281 19.18 -49.83 -10.90
C ASP A 281 17.67 -49.75 -10.95
N PRO A 282 17.04 -50.33 -11.97
CA PRO A 282 15.56 -50.35 -12.00
C PRO A 282 14.96 -51.01 -10.78
N LEU A 283 15.54 -52.11 -10.30
CA LEU A 283 15.05 -52.72 -9.07
C LEU A 283 15.14 -51.76 -7.92
N SER A 284 16.21 -50.97 -7.87
CA SER A 284 16.37 -49.98 -6.81
C SER A 284 15.31 -48.89 -6.89
N GLU A 285 15.00 -48.41 -8.10
CA GLU A 285 13.92 -47.44 -8.23
C GLU A 285 12.58 -48.03 -7.79
N THR A 286 12.33 -49.30 -8.13
CA THR A 286 11.11 -49.93 -7.66
C THR A 286 11.06 -50.00 -6.14
N LYS A 287 12.18 -50.36 -5.51
CA LYS A 287 12.21 -50.42 -4.06
C LYS A 287 11.97 -49.05 -3.44
N CYS A 288 12.56 -48.01 -4.03
CA CYS A 288 12.37 -46.66 -3.50
C CYS A 288 10.92 -46.20 -3.65
N THR A 289 10.30 -46.45 -4.81
CA THR A 289 8.93 -45.99 -5.00
C THR A 289 7.95 -46.79 -4.16
N LEU A 290 8.13 -48.11 -4.10
CA LEU A 290 7.26 -48.96 -3.31
C LEU A 290 7.54 -48.84 -1.81
N LYS A 291 8.71 -48.31 -1.44
CA LYS A 291 9.06 -48.05 -0.05
C LYS A 291 9.06 -49.34 0.77
N SER A 292 9.75 -50.35 0.27
CA SER A 292 9.94 -51.59 1.01
C SER A 292 11.15 -52.32 0.43
N PHE A 293 11.67 -53.26 1.20
CA PHE A 293 12.79 -54.07 0.75
C PHE A 293 12.34 -55.30 -0.03
N THR A 294 11.21 -55.89 0.32
CA THR A 294 10.67 -57.03 -0.40
C THR A 294 9.60 -56.54 -1.39
N VAL A 295 9.74 -56.98 -2.64
CA VAL A 295 8.81 -56.62 -3.70
C VAL A 295 8.19 -57.89 -4.21
N GLU A 296 6.85 -57.97 -4.15
CA GLU A 296 6.15 -59.11 -4.71
C GLU A 296 6.15 -59.05 -6.23
N LYS A 297 6.13 -60.22 -6.86
CA LYS A 297 6.19 -60.28 -8.31
C LYS A 297 5.00 -59.57 -8.93
N GLY A 298 5.24 -58.94 -10.08
CA GLY A 298 4.20 -58.24 -10.79
C GLY A 298 4.79 -57.09 -11.58
N ILE A 299 3.95 -56.08 -11.79
CA ILE A 299 4.30 -54.88 -12.54
C ILE A 299 4.13 -53.67 -11.63
N TYR A 300 5.09 -52.75 -11.68
CA TYR A 300 5.05 -51.55 -10.89
C TYR A 300 5.46 -50.35 -11.75
N GLN A 301 4.83 -49.22 -11.49
CA GLN A 301 5.11 -47.99 -12.22
C GLN A 301 6.09 -47.15 -11.42
N THR A 302 7.21 -46.78 -12.03
CA THR A 302 8.28 -46.09 -11.33
C THR A 302 8.41 -44.63 -11.74
N SER A 303 8.64 -44.33 -13.01
CA SER A 303 9.09 -42.97 -13.33
C SER A 303 8.59 -42.60 -14.72
N ASN A 304 9.17 -41.56 -15.31
CA ASN A 304 8.75 -41.11 -16.63
C ASN A 304 9.98 -40.88 -17.50
N PHE A 305 9.73 -40.74 -18.80
CA PHE A 305 10.75 -40.67 -19.85
C PHE A 305 10.56 -39.44 -20.72
N ARG A 306 10.44 -38.28 -20.09
CA ARG A 306 10.38 -37.04 -20.85
C ARG A 306 11.74 -36.80 -21.52
N VAL A 307 11.77 -36.91 -22.85
CA VAL A 307 13.02 -36.85 -23.58
C VAL A 307 13.61 -35.45 -23.49
N GLN A 308 14.88 -35.36 -23.12
CA GLN A 308 15.55 -34.08 -23.09
C GLN A 308 15.82 -33.60 -24.50
N PRO A 309 15.75 -32.29 -24.75
CA PRO A 309 16.09 -31.76 -26.08
C PRO A 309 17.59 -31.72 -26.27
N THR A 310 17.99 -31.46 -27.51
CA THR A 310 19.40 -31.58 -27.90
C THR A 310 20.03 -30.26 -28.29
N GLU A 311 19.39 -29.44 -29.10
CA GLU A 311 19.97 -28.19 -29.56
C GLU A 311 18.97 -27.06 -29.38
N SER A 312 19.50 -25.84 -29.43
CA SER A 312 18.70 -24.62 -29.33
C SER A 312 18.80 -23.88 -30.65
N ILE A 313 17.65 -23.58 -31.25
CA ILE A 313 17.58 -22.91 -32.54
C ILE A 313 16.79 -21.60 -32.38
N VAL A 314 17.38 -20.52 -32.89
CA VAL A 314 16.75 -19.21 -32.89
C VAL A 314 16.66 -18.74 -34.33
N ARG A 315 15.45 -18.43 -34.79
CA ARG A 315 15.24 -17.92 -36.13
C ARG A 315 14.29 -16.74 -36.08
N PHE A 316 14.66 -15.66 -36.77
CA PHE A 316 13.83 -14.47 -36.89
C PHE A 316 14.00 -13.91 -38.28
N PRO A 317 12.99 -13.20 -38.80
CA PRO A 317 13.13 -12.61 -40.14
C PRO A 317 14.18 -11.52 -40.14
N ASN A 318 15.27 -11.74 -40.87
CA ASN A 318 16.44 -10.87 -40.75
C ASN A 318 16.16 -9.49 -41.31
N ILE A 319 16.57 -8.47 -40.54
CA ILE A 319 16.34 -7.07 -40.86
C ILE A 319 17.63 -6.31 -40.64
N THR A 320 17.95 -5.40 -41.56
CA THR A 320 19.21 -4.66 -41.52
C THR A 320 19.05 -3.20 -41.12
N ASN A 321 18.01 -2.52 -41.58
CA ASN A 321 17.84 -1.11 -41.25
C ASN A 321 17.43 -0.96 -39.79
N LEU A 322 18.21 -0.19 -39.03
CA LEU A 322 17.91 0.04 -37.63
C LEU A 322 16.69 0.93 -37.48
N CYS A 323 16.08 0.88 -36.30
CA CYS A 323 14.95 1.76 -36.01
C CYS A 323 15.39 3.21 -36.06
N PRO A 324 14.52 4.10 -36.51
CA PRO A 324 14.83 5.53 -36.46
C PRO A 324 14.61 6.11 -35.07
N PHE A 325 15.07 5.40 -34.04
CA PHE A 325 15.03 5.94 -32.68
C PHE A 325 15.88 7.19 -32.57
N GLY A 326 16.97 7.26 -33.32
CA GLY A 326 17.82 8.43 -33.26
C GLY A 326 17.10 9.70 -33.68
N GLU A 327 16.49 9.68 -34.87
CA GLU A 327 15.83 10.87 -35.37
C GLU A 327 14.55 11.19 -34.58
N VAL A 328 14.15 10.33 -33.66
CA VAL A 328 13.04 10.64 -32.76
C VAL A 328 13.53 11.24 -31.45
N PHE A 329 14.50 10.59 -30.79
CA PHE A 329 15.01 11.10 -29.51
C PHE A 329 16.02 12.23 -29.71
N ASN A 330 16.83 12.15 -30.76
CA ASN A 330 17.76 13.24 -31.08
C ASN A 330 17.06 14.34 -31.85
N ALA A 331 15.74 14.36 -31.85
CA ALA A 331 15.02 15.22 -32.78
C ALA A 331 15.19 16.69 -32.40
N THR A 332 15.24 17.53 -33.42
CA THR A 332 15.37 18.96 -33.19
C THR A 332 14.11 19.52 -32.55
N ARG A 333 12.95 19.22 -33.13
CA ARG A 333 11.72 19.88 -32.73
C ARG A 333 10.70 18.84 -32.30
N PHE A 334 9.77 19.26 -31.44
CA PHE A 334 8.65 18.43 -31.04
C PHE A 334 7.39 19.27 -31.07
N ALA A 335 6.31 18.69 -31.59
CA ALA A 335 5.06 19.43 -31.74
C ALA A 335 4.40 19.65 -30.39
N SER A 336 3.39 20.53 -30.39
CA SER A 336 2.64 20.81 -29.16
C SER A 336 2.01 19.54 -28.61
N VAL A 337 1.68 19.57 -27.32
CA VAL A 337 1.36 18.35 -26.59
C VAL A 337 -0.15 18.14 -26.49
N TYR A 338 -0.93 18.98 -27.16
CA TYR A 338 -2.28 18.58 -27.55
C TYR A 338 -2.37 18.39 -29.06
N ALA A 339 -1.23 18.42 -29.76
CA ALA A 339 -1.15 18.21 -31.21
C ALA A 339 -0.10 17.13 -31.43
N TRP A 340 -0.54 15.88 -31.53
CA TRP A 340 0.34 14.74 -31.40
C TRP A 340 0.79 14.18 -32.74
N ASN A 341 2.11 13.98 -32.86
CA ASN A 341 2.71 13.21 -33.94
C ASN A 341 2.92 11.79 -33.42
N ARG A 342 1.99 10.91 -33.74
CA ARG A 342 2.07 9.50 -33.36
C ARG A 342 2.74 8.73 -34.49
N LYS A 343 3.89 8.13 -34.20
CA LYS A 343 4.69 7.47 -35.22
C LYS A 343 4.59 5.95 -35.07
N ARG A 344 4.30 5.27 -36.18
CA ARG A 344 4.34 3.82 -36.21
C ARG A 344 5.70 3.36 -36.68
N ILE A 345 6.29 2.39 -35.98
CA ILE A 345 7.61 1.87 -36.28
C ILE A 345 7.50 0.37 -36.44
N SER A 346 8.05 -0.14 -37.55
CA SER A 346 7.97 -1.54 -37.94
C SER A 346 9.10 -1.83 -38.92
N ASN A 347 9.35 -3.12 -39.13
CA ASN A 347 10.29 -3.60 -40.15
C ASN A 347 11.70 -3.06 -39.94
N CYS A 348 12.14 -3.00 -38.69
CA CYS A 348 13.44 -2.44 -38.37
C CYS A 348 13.87 -2.83 -36.97
N VAL A 349 15.16 -3.14 -36.83
CA VAL A 349 15.70 -3.73 -35.61
C VAL A 349 15.79 -2.66 -34.53
N ALA A 350 15.33 -2.99 -33.32
CA ALA A 350 15.28 -2.05 -32.20
C ALA A 350 16.38 -2.39 -31.21
N ASP A 351 17.38 -1.50 -31.12
CA ASP A 351 18.48 -1.67 -30.16
C ASP A 351 18.18 -0.81 -28.93
N TYR A 352 17.33 -1.34 -28.05
CA TYR A 352 16.99 -0.64 -26.83
C TYR A 352 18.16 -0.54 -25.86
N SER A 353 19.25 -1.27 -26.12
CA SER A 353 20.40 -1.23 -25.22
C SER A 353 20.99 0.17 -25.14
N VAL A 354 21.09 0.86 -26.27
CA VAL A 354 21.61 2.23 -26.26
C VAL A 354 20.71 3.14 -25.44
N LEU A 355 19.40 3.03 -25.63
CA LEU A 355 18.47 3.88 -24.89
C LEU A 355 18.57 3.64 -23.39
N TYR A 356 18.65 2.38 -22.99
CA TYR A 356 18.70 2.09 -21.56
C TYR A 356 20.05 2.49 -20.95
N ASN A 357 21.14 2.24 -21.67
CA ASN A 357 22.48 2.51 -21.15
C ASN A 357 23.00 3.88 -21.56
N SER A 358 22.13 4.80 -21.98
CA SER A 358 22.58 6.13 -22.33
C SER A 358 22.93 6.95 -21.10
N ALA A 359 22.29 6.67 -19.96
CA ALA A 359 22.49 7.41 -18.72
C ALA A 359 22.26 8.90 -18.93
N SER A 360 21.23 9.24 -19.70
CA SER A 360 20.85 10.63 -19.92
C SER A 360 19.35 10.89 -19.78
N PHE A 361 18.52 9.87 -19.74
CA PHE A 361 17.08 10.04 -19.57
C PHE A 361 16.72 10.01 -18.09
N SER A 362 15.82 10.90 -17.70
CA SER A 362 15.49 11.09 -16.28
C SER A 362 14.27 10.32 -15.82
N THR A 363 13.71 9.44 -16.66
CA THR A 363 12.56 8.64 -16.26
C THR A 363 12.42 7.47 -17.21
N PHE A 364 12.43 6.26 -16.65
CA PHE A 364 12.27 5.00 -17.40
C PHE A 364 11.23 4.15 -16.69
N LYS A 365 9.97 4.23 -17.13
CA LYS A 365 8.90 3.44 -16.52
C LYS A 365 8.35 2.45 -17.55
N CYS A 366 8.70 1.18 -17.38
CA CYS A 366 8.21 0.12 -18.26
C CYS A 366 7.20 -0.73 -17.51
N TYR A 367 6.01 -0.88 -18.10
CA TYR A 367 4.93 -1.66 -17.51
C TYR A 367 4.63 -2.85 -18.41
N GLY A 368 4.51 -4.03 -17.81
CA GLY A 368 4.22 -5.25 -18.52
C GLY A 368 5.44 -5.97 -19.05
N VAL A 369 6.59 -5.30 -19.10
CA VAL A 369 7.83 -5.90 -19.56
C VAL A 369 8.99 -5.31 -18.77
N SER A 370 9.91 -6.17 -18.35
CA SER A 370 11.12 -5.69 -17.70
C SER A 370 12.01 -5.00 -18.73
N PRO A 371 12.63 -3.88 -18.37
CA PRO A 371 13.40 -3.12 -19.38
C PRO A 371 14.67 -3.82 -19.82
N THR A 372 15.23 -4.72 -19.01
CA THR A 372 16.47 -5.39 -19.39
C THR A 372 16.25 -6.54 -20.37
N LYS A 373 15.01 -6.98 -20.56
CA LYS A 373 14.70 -8.06 -21.49
C LYS A 373 14.11 -7.58 -22.80
N LEU A 374 14.08 -6.26 -23.03
CA LEU A 374 13.58 -5.74 -24.30
C LEU A 374 14.40 -6.20 -25.49
N ASN A 375 15.66 -6.57 -25.28
CA ASN A 375 16.48 -7.07 -26.37
C ASN A 375 16.03 -8.45 -26.82
N ASP A 376 15.51 -9.27 -25.91
CA ASP A 376 15.21 -10.66 -26.20
C ASP A 376 13.84 -10.86 -26.84
N LEU A 377 12.79 -10.30 -26.24
CA LEU A 377 11.44 -10.43 -26.76
C LEU A 377 11.15 -9.27 -27.71
N CYS A 378 10.58 -9.60 -28.87
CA CYS A 378 10.31 -8.59 -29.89
C CYS A 378 8.84 -8.54 -30.25
N PHE A 379 8.40 -7.38 -30.70
CA PHE A 379 6.99 -7.05 -30.83
C PHE A 379 6.58 -7.05 -32.31
N THR A 380 5.28 -6.84 -32.54
CA THR A 380 4.77 -6.78 -33.90
C THR A 380 4.82 -5.38 -34.48
N ASN A 381 4.53 -4.35 -33.68
CA ASN A 381 4.60 -2.95 -34.06
C ASN A 381 4.82 -2.12 -32.80
N VAL A 382 5.54 -1.01 -32.96
CA VAL A 382 5.79 -0.12 -31.83
C VAL A 382 5.33 1.28 -32.20
N TYR A 383 4.74 1.98 -31.24
CA TYR A 383 4.22 3.31 -31.45
C TYR A 383 4.95 4.29 -30.56
N ALA A 384 5.33 5.43 -31.12
CA ALA A 384 6.14 6.43 -30.44
C ALA A 384 5.42 7.77 -30.41
N ASP A 385 5.42 8.40 -29.24
CA ASP A 385 4.92 9.76 -29.07
C ASP A 385 5.97 10.58 -28.34
N SER A 386 6.38 11.73 -28.92
CA SER A 386 7.52 12.51 -28.43
C SER A 386 7.11 13.97 -28.26
N PHE A 387 7.14 14.47 -27.03
CA PHE A 387 6.51 15.76 -26.72
C PHE A 387 7.27 16.43 -25.57
N VAL A 388 6.72 17.52 -25.05
CA VAL A 388 7.37 18.26 -23.95
C VAL A 388 6.32 18.68 -22.91
N ILE A 389 6.58 18.36 -21.65
CA ILE A 389 5.67 18.68 -20.54
C ILE A 389 6.52 19.18 -19.37
N ARG A 390 5.91 19.98 -18.50
CA ARG A 390 6.64 20.41 -17.31
C ARG A 390 6.90 19.24 -16.37
N GLY A 391 7.75 19.49 -15.37
CA GLY A 391 8.27 18.40 -14.56
C GLY A 391 7.25 17.73 -13.65
N ASP A 392 6.43 18.52 -12.95
CA ASP A 392 5.60 17.97 -11.89
C ASP A 392 4.58 16.96 -12.44
N GLU A 393 4.35 16.96 -13.74
CA GLU A 393 3.36 16.11 -14.36
C GLU A 393 3.93 14.98 -15.21
N VAL A 394 5.27 14.81 -15.22
CA VAL A 394 5.80 13.59 -15.82
C VAL A 394 5.36 12.39 -14.99
N ARG A 395 5.02 12.61 -13.71
CA ARG A 395 4.41 11.59 -12.88
C ARG A 395 3.00 11.24 -13.33
N GLN A 396 2.39 12.04 -14.22
CA GLN A 396 1.02 11.79 -14.64
C GLN A 396 0.91 11.02 -15.94
N ILE A 397 2.03 10.63 -16.54
CA ILE A 397 2.01 9.73 -17.70
C ILE A 397 2.25 8.33 -17.14
N ALA A 398 1.16 7.68 -16.73
CA ALA A 398 1.21 6.38 -16.07
C ALA A 398 -0.20 5.81 -16.11
N PRO A 399 -0.34 4.48 -16.06
CA PRO A 399 -1.69 3.91 -16.11
C PRO A 399 -2.41 3.98 -14.77
N GLY A 400 -3.71 4.27 -14.84
CA GLY A 400 -4.54 4.29 -13.65
C GLY A 400 -4.22 5.40 -12.65
N GLN A 401 -3.89 6.59 -13.13
CA GLN A 401 -3.64 7.73 -12.27
C GLN A 401 -4.34 8.97 -12.84
N THR A 402 -4.49 9.98 -11.99
CA THR A 402 -5.32 11.15 -12.28
C THR A 402 -4.47 12.41 -12.34
N GLY A 403 -5.11 13.49 -12.80
CA GLY A 403 -4.45 14.78 -12.98
C GLY A 403 -4.99 15.51 -14.18
N LYS A 404 -4.55 16.75 -14.42
CA LYS A 404 -5.04 17.49 -15.58
C LYS A 404 -4.61 16.81 -16.88
N ILE A 405 -3.35 16.38 -16.96
CA ILE A 405 -2.88 15.68 -18.15
C ILE A 405 -3.32 14.23 -18.13
N ALA A 406 -3.46 13.62 -16.95
CA ALA A 406 -3.88 12.24 -16.87
C ALA A 406 -5.38 12.05 -17.13
N ASP A 407 -6.15 13.14 -17.20
CA ASP A 407 -7.59 13.00 -17.39
C ASP A 407 -8.05 13.77 -18.63
N TYR A 408 -7.46 14.94 -18.86
CA TYR A 408 -7.85 15.80 -19.98
C TYR A 408 -6.92 15.69 -21.17
N ASN A 409 -5.79 15.01 -21.03
CA ASN A 409 -4.92 14.68 -22.16
C ASN A 409 -4.98 13.19 -22.47
N TYR A 410 -4.52 12.35 -21.56
CA TYR A 410 -4.47 10.90 -21.75
C TYR A 410 -4.78 10.23 -20.42
N LYS A 411 -5.88 9.49 -20.34
CA LYS A 411 -5.95 8.46 -19.32
C LYS A 411 -5.37 7.18 -19.91
N LEU A 412 -4.34 6.67 -19.29
CA LEU A 412 -3.75 5.49 -19.91
C LEU A 412 -4.50 4.26 -19.46
N PRO A 413 -4.82 3.34 -20.38
CA PRO A 413 -5.51 2.11 -19.96
C PRO A 413 -4.66 1.33 -18.98
N ASP A 414 -5.33 0.74 -17.99
CA ASP A 414 -4.62 0.06 -16.91
C ASP A 414 -3.90 -1.19 -17.37
N ASP A 415 -4.14 -1.66 -18.59
CA ASP A 415 -3.48 -2.84 -19.14
C ASP A 415 -2.36 -2.46 -20.10
N PHE A 416 -1.75 -1.30 -19.89
CA PHE A 416 -0.66 -0.86 -20.76
C PHE A 416 0.55 -1.78 -20.63
N THR A 417 1.13 -2.12 -21.78
CA THR A 417 2.45 -2.74 -21.84
C THR A 417 3.33 -1.85 -22.72
N GLY A 418 4.27 -1.16 -22.10
CA GLY A 418 5.07 -0.18 -22.82
C GLY A 418 5.91 0.62 -21.86
N CYS A 419 6.73 1.50 -22.44
CA CYS A 419 7.73 2.23 -21.67
C CYS A 419 7.57 3.73 -21.88
N VAL A 420 7.52 4.47 -20.79
CA VAL A 420 7.53 5.93 -20.79
C VAL A 420 8.95 6.38 -20.48
N ILE A 421 9.50 7.22 -21.34
CA ILE A 421 10.85 7.74 -21.20
C ILE A 421 10.76 9.25 -21.15
N ALA A 422 11.49 9.86 -20.22
CA ALA A 422 11.45 11.31 -20.08
C ALA A 422 12.83 11.83 -19.75
N TRP A 423 13.24 12.90 -20.43
CA TRP A 423 14.56 13.46 -20.19
C TRP A 423 14.52 14.98 -20.19
N ASN A 424 15.63 15.55 -19.76
CA ASN A 424 15.73 16.99 -19.49
C ASN A 424 15.89 17.78 -20.78
N SER A 425 15.22 18.93 -20.85
CA SER A 425 15.28 19.77 -22.04
C SER A 425 15.38 21.26 -21.69
N ASN A 426 16.18 21.60 -20.69
CA ASN A 426 16.34 23.01 -20.34
C ASN A 426 17.05 23.79 -21.43
N ASN A 427 18.16 23.27 -21.95
CA ASN A 427 18.99 24.00 -22.89
C ASN A 427 18.50 23.92 -24.32
N LEU A 428 17.46 23.13 -24.59
CA LEU A 428 16.99 22.92 -25.96
C LEU A 428 15.65 23.59 -26.26
N ASP A 429 14.68 23.51 -25.34
CA ASP A 429 13.36 24.08 -25.60
C ASP A 429 13.17 25.46 -24.98
N SER A 430 13.65 25.67 -23.76
CA SER A 430 13.43 26.93 -23.07
C SER A 430 14.20 28.07 -23.73
N LYS A 431 13.65 29.28 -23.60
CA LYS A 431 14.26 30.48 -24.12
C LYS A 431 14.28 31.55 -23.03
N VAL A 432 15.15 32.54 -23.20
CA VAL A 432 15.25 33.62 -22.24
C VAL A 432 13.95 34.39 -22.16
N GLY A 433 13.34 34.69 -23.30
CA GLY A 433 12.08 35.39 -23.34
C GLY A 433 10.85 34.53 -23.11
N GLY A 434 11.03 33.22 -22.95
CA GLY A 434 9.91 32.33 -22.75
C GLY A 434 9.36 31.78 -24.04
N ASN A 435 9.23 30.46 -24.13
CA ASN A 435 8.74 29.79 -25.33
C ASN A 435 7.25 29.53 -25.17
N TYR A 436 6.43 30.28 -25.91
CA TYR A 436 4.98 30.13 -25.86
C TYR A 436 4.44 29.31 -27.02
N ASN A 437 5.27 28.45 -27.61
CA ASN A 437 4.83 27.61 -28.72
C ASN A 437 4.15 26.33 -28.27
N TYR A 438 4.05 26.08 -26.97
CA TYR A 438 3.40 24.89 -26.45
C TYR A 438 2.19 25.28 -25.62
N LEU A 439 1.06 24.65 -25.93
CA LEU A 439 -0.25 25.03 -25.42
C LEU A 439 -0.94 23.79 -24.87
N TYR A 440 -1.43 23.87 -23.63
CA TYR A 440 -2.19 22.79 -23.03
C TYR A 440 -3.52 23.32 -22.50
N ARG A 441 -4.54 22.46 -22.53
CA ARG A 441 -5.85 22.86 -22.03
C ARG A 441 -6.00 22.50 -20.56
N LEU A 442 -6.89 23.23 -19.88
CA LEU A 442 -7.19 23.02 -18.48
C LEU A 442 -8.58 22.47 -18.23
N PHE A 443 -9.56 22.79 -19.07
CA PHE A 443 -10.92 22.32 -18.91
C PHE A 443 -11.38 21.56 -20.14
N ARG A 444 -12.09 20.46 -19.90
CA ARG A 444 -12.75 19.67 -20.93
C ARG A 444 -14.13 19.28 -20.42
N LYS A 445 -15.02 18.97 -21.36
CA LYS A 445 -16.37 18.55 -20.98
C LYS A 445 -16.34 17.25 -20.18
N SER A 446 -15.52 16.30 -20.59
CA SER A 446 -15.46 15.00 -19.94
C SER A 446 -14.08 14.41 -20.10
N ASN A 447 -13.77 13.42 -19.27
CA ASN A 447 -12.54 12.66 -19.42
C ASN A 447 -12.55 11.92 -20.75
N LEU A 448 -11.35 11.57 -21.22
CA LEU A 448 -11.14 11.19 -22.60
C LEU A 448 -10.88 9.69 -22.73
N LYS A 449 -11.15 9.17 -23.92
CA LYS A 449 -10.87 7.78 -24.25
C LYS A 449 -9.37 7.55 -24.35
N PRO A 450 -8.90 6.31 -24.21
CA PRO A 450 -7.46 6.07 -24.25
C PRO A 450 -6.91 6.23 -25.67
N PHE A 451 -5.74 6.87 -25.77
CA PHE A 451 -5.08 7.15 -27.04
C PHE A 451 -6.00 7.91 -28.00
N GLU A 452 -6.91 8.72 -27.46
CA GLU A 452 -7.85 9.47 -28.29
C GLU A 452 -7.31 10.86 -28.54
N ARG A 453 -7.34 11.28 -29.80
CA ARG A 453 -6.81 12.57 -30.21
C ARG A 453 -7.96 13.55 -30.45
N ASP A 454 -7.97 14.63 -29.70
CA ASP A 454 -8.91 15.73 -29.92
C ASP A 454 -8.11 16.98 -30.29
N ILE A 455 -8.47 17.58 -31.42
CA ILE A 455 -7.79 18.76 -31.93
C ILE A 455 -8.69 19.99 -31.89
N SER A 456 -9.94 19.82 -31.44
CA SER A 456 -10.91 20.91 -31.48
C SER A 456 -10.44 22.11 -30.65
N THR A 457 -10.64 23.30 -31.20
CA THR A 457 -10.29 24.56 -30.55
C THR A 457 -11.52 25.31 -30.06
N GLU A 458 -12.65 24.61 -29.89
CA GLU A 458 -13.88 25.27 -29.50
C GLU A 458 -13.76 25.88 -28.10
N ILE A 459 -14.30 27.09 -27.96
CA ILE A 459 -14.27 27.77 -26.66
C ILE A 459 -15.28 27.10 -25.73
N TYR A 460 -14.79 26.61 -24.60
CA TYR A 460 -15.66 25.90 -23.68
C TYR A 460 -16.54 26.88 -22.91
N GLN A 461 -17.67 26.36 -22.43
CA GLN A 461 -18.64 27.16 -21.69
C GLN A 461 -18.47 26.85 -20.20
N ALA A 462 -17.81 27.75 -19.48
CA ALA A 462 -17.62 27.57 -18.05
C ALA A 462 -18.91 27.77 -17.27
N GLY A 463 -19.84 28.58 -17.81
CA GLY A 463 -21.10 28.85 -17.18
C GLY A 463 -22.27 28.24 -17.91
N SER A 464 -23.45 28.77 -17.63
CA SER A 464 -24.68 28.28 -18.25
C SER A 464 -24.95 28.91 -19.61
N THR A 465 -24.45 30.11 -19.86
CA THR A 465 -24.67 30.78 -21.13
C THR A 465 -23.77 30.17 -22.22
N PRO A 466 -24.25 30.12 -23.46
CA PRO A 466 -23.42 29.60 -24.55
C PRO A 466 -22.41 30.63 -25.04
N CYS A 467 -21.19 30.16 -25.31
CA CYS A 467 -20.13 31.04 -25.78
C CYS A 467 -20.24 31.31 -27.27
N ASN A 468 -20.67 30.31 -28.05
CA ASN A 468 -20.77 30.42 -29.51
C ASN A 468 -19.44 30.81 -30.13
N GLY A 469 -18.36 30.21 -29.66
CA GLY A 469 -17.05 30.44 -30.21
C GLY A 469 -16.41 31.76 -29.86
N VAL A 470 -16.96 32.48 -28.87
CA VAL A 470 -16.46 33.80 -28.48
C VAL A 470 -16.21 33.77 -26.98
N GLU A 471 -15.04 34.29 -26.57
CA GLU A 471 -14.69 34.37 -25.17
C GLU A 471 -15.57 35.42 -24.48
N GLY A 472 -15.34 35.61 -23.18
CA GLY A 472 -16.09 36.57 -22.41
C GLY A 472 -16.32 36.15 -20.99
N PHE A 473 -17.58 36.04 -20.60
CA PHE A 473 -17.98 35.75 -19.23
C PHE A 473 -18.25 34.25 -19.10
N ASN A 474 -17.43 33.57 -18.30
CA ASN A 474 -17.44 32.11 -18.20
C ASN A 474 -17.18 31.47 -19.56
N CYS A 475 -16.28 32.09 -20.33
CA CYS A 475 -15.92 31.61 -21.66
C CYS A 475 -14.44 31.87 -21.87
N TYR A 476 -13.71 30.84 -22.30
CA TYR A 476 -12.27 30.94 -22.47
C TYR A 476 -11.80 30.09 -23.64
N PHE A 477 -10.69 30.51 -24.26
CA PHE A 477 -9.96 29.62 -25.14
C PHE A 477 -9.41 28.44 -24.33
N PRO A 478 -9.38 27.24 -24.91
CA PRO A 478 -8.96 26.08 -24.11
C PRO A 478 -7.48 26.05 -23.81
N LEU A 479 -6.63 26.47 -24.75
CA LEU A 479 -5.19 26.28 -24.63
C LEU A 479 -4.52 27.45 -23.92
N GLN A 480 -3.55 27.14 -23.08
CA GLN A 480 -2.73 28.11 -22.39
C GLN A 480 -1.26 27.76 -22.57
N SER A 481 -0.43 28.79 -22.66
CA SER A 481 1.00 28.63 -22.84
C SER A 481 1.74 29.02 -21.56
N TYR A 482 2.98 28.53 -21.47
CA TYR A 482 3.81 28.67 -20.29
C TYR A 482 5.15 29.30 -20.63
N GLY A 483 5.68 30.05 -19.66
CA GLY A 483 6.99 30.66 -19.79
C GLY A 483 8.13 29.69 -19.55
N PHE A 484 8.37 28.80 -20.50
CA PHE A 484 9.50 27.89 -20.40
C PHE A 484 10.79 28.67 -20.51
N GLN A 485 11.47 28.85 -19.39
CA GLN A 485 12.60 29.76 -19.26
C GLN A 485 13.77 29.05 -18.61
N PRO A 486 15.01 29.47 -18.90
CA PRO A 486 16.17 28.80 -18.30
C PRO A 486 16.35 29.09 -16.82
N THR A 487 15.65 30.09 -16.28
CA THR A 487 15.77 30.46 -14.88
C THR A 487 14.68 29.87 -13.99
N ASN A 488 13.78 29.06 -14.56
CA ASN A 488 12.66 28.56 -13.79
C ASN A 488 13.07 27.36 -12.94
N GLY A 489 12.23 27.06 -11.97
CA GLY A 489 12.47 25.92 -11.09
C GLY A 489 12.42 24.60 -11.83
N VAL A 490 12.94 23.57 -11.17
CA VAL A 490 13.01 22.24 -11.78
C VAL A 490 11.61 21.72 -12.07
N GLY A 491 10.65 21.99 -11.19
CA GLY A 491 9.28 21.55 -11.44
C GLY A 491 8.66 22.16 -12.67
N TYR A 492 9.10 23.36 -13.06
CA TYR A 492 8.54 24.07 -14.20
C TYR A 492 9.43 24.02 -15.44
N GLN A 493 10.51 23.23 -15.41
CA GLN A 493 11.33 23.08 -16.61
C GLN A 493 10.64 22.18 -17.62
N PRO A 494 10.90 22.38 -18.92
CA PRO A 494 10.36 21.44 -19.90
C PRO A 494 11.10 20.12 -19.85
N TYR A 495 10.38 19.06 -20.21
CA TYR A 495 10.95 17.73 -20.23
C TYR A 495 10.38 17.00 -21.44
N ARG A 496 11.25 16.37 -22.21
CA ARG A 496 10.84 15.67 -23.42
C ARG A 496 10.43 14.25 -23.05
N VAL A 497 9.17 13.93 -23.29
CA VAL A 497 8.57 12.66 -22.90
C VAL A 497 8.19 11.90 -24.17
N VAL A 498 8.70 10.68 -24.30
CA VAL A 498 8.38 9.79 -25.40
C VAL A 498 7.78 8.53 -24.80
N VAL A 499 6.57 8.20 -25.20
CA VAL A 499 5.95 6.93 -24.83
C VAL A 499 6.09 5.97 -25.99
N LEU A 500 6.55 4.76 -25.68
CA LEU A 500 6.67 3.66 -26.64
C LEU A 500 5.67 2.61 -26.22
N SER A 501 4.57 2.50 -26.96
CA SER A 501 3.60 1.44 -26.74
C SER A 501 3.95 0.27 -27.66
N PHE A 502 4.05 -0.92 -27.08
CA PHE A 502 4.48 -2.11 -27.81
C PHE A 502 3.27 -2.96 -28.13
N GLU A 503 3.33 -3.71 -29.23
CA GLU A 503 2.24 -4.58 -29.63
C GLU A 503 2.67 -6.04 -29.50
N LEU A 504 1.97 -6.79 -28.64
CA LEU A 504 2.14 -8.23 -28.51
C LEU A 504 0.84 -8.91 -28.93
N LEU A 505 0.87 -9.55 -30.09
CA LEU A 505 -0.25 -10.34 -30.58
C LEU A 505 0.28 -11.58 -31.28
N HIS A 506 -0.63 -12.50 -31.59
CA HIS A 506 -0.26 -13.69 -32.37
C HIS A 506 -0.27 -13.29 -33.85
N ALA A 507 0.78 -12.56 -34.23
CA ALA A 507 0.91 -11.99 -35.56
C ALA A 507 2.38 -11.92 -35.91
N PRO A 508 2.73 -11.80 -37.19
CA PRO A 508 4.14 -11.63 -37.55
C PRO A 508 4.75 -10.42 -36.86
N ALA A 509 5.98 -10.60 -36.39
CA ALA A 509 6.70 -9.53 -35.69
C ALA A 509 7.53 -8.76 -36.71
N THR A 510 7.21 -7.47 -36.88
CA THR A 510 7.96 -6.65 -37.83
C THR A 510 9.27 -6.15 -37.26
N VAL A 511 9.35 -5.96 -35.95
CA VAL A 511 10.56 -5.47 -35.29
C VAL A 511 11.08 -6.55 -34.35
N CYS A 512 12.37 -6.82 -34.44
CA CYS A 512 13.04 -7.65 -33.45
C CYS A 512 14.44 -7.10 -33.17
N GLY A 513 14.83 -7.16 -31.89
CA GLY A 513 16.06 -6.55 -31.46
C GLY A 513 17.28 -7.31 -31.98
N PRO A 514 18.46 -6.82 -31.62
CA PRO A 514 19.69 -7.42 -32.15
C PRO A 514 19.95 -8.81 -31.58
N LYS A 515 19.69 -9.83 -32.37
CA LYS A 515 20.04 -11.20 -32.04
C LYS A 515 20.55 -11.89 -33.30
N LYS A 516 21.01 -13.12 -33.15
CA LYS A 516 21.62 -13.88 -34.24
C LYS A 516 20.73 -15.07 -34.57
N SER A 517 20.36 -15.20 -35.84
CA SER A 517 19.67 -16.38 -36.32
C SER A 517 20.68 -17.47 -36.64
N THR A 518 20.28 -18.71 -36.41
CA THR A 518 21.17 -19.86 -36.58
C THR A 518 20.67 -20.78 -37.67
N ASN A 519 21.40 -21.87 -37.88
CA ASN A 519 21.05 -22.88 -38.86
C ASN A 519 19.77 -23.61 -38.44
N LEU A 520 19.14 -24.27 -39.41
CA LEU A 520 17.91 -25.01 -39.21
C LEU A 520 18.20 -26.50 -39.22
N VAL A 521 17.63 -27.23 -38.25
CA VAL A 521 17.81 -28.66 -38.13
C VAL A 521 16.43 -29.31 -38.07
N LYS A 522 16.33 -30.54 -38.59
CA LYS A 522 15.06 -31.24 -38.69
C LYS A 522 15.18 -32.62 -38.05
N ASN A 523 14.01 -33.17 -37.69
CA ASN A 523 13.91 -34.54 -37.19
C ASN A 523 14.73 -34.75 -35.92
N LYS A 524 14.70 -33.77 -35.03
CA LYS A 524 15.48 -33.84 -33.81
C LYS A 524 14.85 -32.94 -32.76
N CYS A 525 14.61 -33.47 -31.56
CA CYS A 525 14.00 -32.71 -30.49
C CYS A 525 14.84 -31.49 -30.15
N VAL A 526 14.32 -30.29 -30.42
CA VAL A 526 15.05 -29.05 -30.18
C VAL A 526 14.14 -28.02 -29.53
N ASN A 527 14.77 -27.05 -28.88
CA ASN A 527 14.09 -25.85 -28.39
C ASN A 527 14.08 -24.81 -29.50
N PHE A 528 12.91 -24.61 -30.10
CA PHE A 528 12.77 -23.73 -31.26
C PHE A 528 12.19 -22.38 -30.85
N ASN A 529 12.61 -21.35 -31.58
CA ASN A 529 12.10 -19.99 -31.41
C ASN A 529 11.87 -19.43 -32.81
N PHE A 530 10.65 -19.59 -33.32
CA PHE A 530 10.27 -19.10 -34.64
C PHE A 530 9.53 -17.78 -34.49
N ASN A 531 10.17 -16.70 -34.93
CA ASN A 531 9.55 -15.39 -34.98
C ASN A 531 8.99 -14.99 -33.62
N GLY A 532 9.77 -15.26 -32.57
CA GLY A 532 9.36 -14.99 -31.21
C GLY A 532 8.63 -16.12 -30.52
N LEU A 533 7.93 -16.96 -31.28
CA LEU A 533 7.20 -18.09 -30.70
C LEU A 533 8.18 -19.14 -30.21
N THR A 534 8.23 -19.35 -28.91
CA THR A 534 9.15 -20.29 -28.29
C THR A 534 8.45 -21.60 -27.99
N GLY A 535 9.22 -22.69 -27.99
CA GLY A 535 8.68 -23.97 -27.62
C GLY A 535 9.74 -25.04 -27.72
N THR A 536 9.34 -26.27 -27.42
CA THR A 536 10.19 -27.44 -27.54
C THR A 536 9.44 -28.48 -28.35
N GLY A 537 10.12 -29.10 -29.31
CA GLY A 537 9.45 -30.11 -30.11
C GLY A 537 10.36 -30.66 -31.18
N VAL A 538 9.77 -31.50 -32.03
CA VAL A 538 10.46 -32.05 -33.19
C VAL A 538 9.80 -31.50 -34.44
N LEU A 539 10.62 -31.00 -35.36
CA LEU A 539 10.14 -30.43 -36.62
C LEU A 539 10.11 -31.51 -37.70
N THR A 540 9.06 -31.48 -38.52
CA THR A 540 9.00 -32.37 -39.66
C THR A 540 8.48 -31.58 -40.86
N GLU A 541 8.92 -32.00 -42.04
CA GLU A 541 8.31 -31.50 -43.27
C GLU A 541 6.82 -31.80 -43.27
N SER A 542 6.04 -30.85 -43.73
CA SER A 542 4.59 -30.95 -43.69
C SER A 542 4.02 -30.89 -45.09
N ASN A 543 3.01 -31.72 -45.34
CA ASN A 543 2.31 -31.72 -46.61
C ASN A 543 1.14 -30.74 -46.65
N LYS A 544 0.91 -30.04 -45.54
CA LYS A 544 -0.11 -29.00 -45.53
C LYS A 544 0.31 -27.84 -46.41
N LYS A 545 -0.67 -27.00 -46.77
CA LYS A 545 -0.41 -25.76 -47.49
C LYS A 545 -0.95 -24.59 -46.70
N PHE A 546 -0.17 -23.51 -46.64
CA PHE A 546 -0.58 -22.27 -46.00
C PHE A 546 -0.89 -21.20 -47.02
N LEU A 547 -1.98 -20.48 -46.79
CA LEU A 547 -2.32 -19.35 -47.62
C LEU A 547 -1.28 -18.25 -47.45
N PRO A 548 -1.14 -17.36 -48.45
CA PRO A 548 -0.06 -16.36 -48.38
C PRO A 548 -0.11 -15.48 -47.14
N PHE A 549 -1.28 -15.22 -46.59
CA PHE A 549 -1.41 -14.37 -45.41
C PHE A 549 -1.38 -15.14 -44.10
N GLN A 550 -1.33 -16.47 -44.14
CA GLN A 550 -1.37 -17.27 -42.93
C GLN A 550 0.04 -17.61 -42.47
N GLN A 551 0.26 -17.55 -41.16
CA GLN A 551 1.53 -17.93 -40.56
C GLN A 551 1.39 -19.10 -39.60
N PHE A 552 0.49 -19.02 -38.63
CA PHE A 552 0.36 -20.02 -37.59
C PHE A 552 -0.77 -21.00 -37.92
N GLY A 553 -0.66 -22.19 -37.34
CA GLY A 553 -1.69 -23.19 -37.47
C GLY A 553 -1.93 -23.89 -36.16
N ARG A 554 -3.20 -24.18 -35.89
CA ARG A 554 -3.60 -24.78 -34.63
C ARG A 554 -4.53 -25.96 -34.91
N ASP A 555 -4.68 -26.81 -33.90
CA ASP A 555 -5.49 -28.02 -34.05
C ASP A 555 -6.75 -28.01 -33.19
N ILE A 556 -6.63 -27.93 -31.86
CA ILE A 556 -7.80 -27.85 -31.00
C ILE A 556 -7.61 -26.75 -29.97
N ALA A 557 -6.36 -26.40 -29.70
CA ALA A 557 -6.03 -25.57 -28.55
C ALA A 557 -4.99 -24.52 -28.93
N ASP A 558 -4.44 -23.85 -27.92
CA ASP A 558 -3.48 -22.77 -28.16
C ASP A 558 -2.17 -23.28 -28.75
N THR A 559 -1.84 -24.54 -28.54
CA THR A 559 -0.58 -25.08 -29.02
C THR A 559 -0.53 -25.05 -30.54
N THR A 560 0.53 -24.45 -31.08
CA THR A 560 0.66 -24.25 -32.52
C THR A 560 1.14 -25.54 -33.16
N ASP A 561 0.26 -26.17 -33.95
CA ASP A 561 0.62 -27.45 -34.56
C ASP A 561 1.63 -27.26 -35.69
N ALA A 562 1.40 -26.28 -36.56
CA ALA A 562 2.28 -26.02 -37.69
C ALA A 562 2.80 -24.60 -37.61
N VAL A 563 3.80 -24.29 -38.44
CA VAL A 563 4.47 -23.00 -38.37
C VAL A 563 5.14 -22.73 -39.71
N ARG A 564 5.41 -21.47 -40.00
CA ARG A 564 6.11 -21.05 -41.20
C ARG A 564 7.40 -20.34 -40.82
N ASP A 565 8.50 -20.73 -41.48
CA ASP A 565 9.79 -20.13 -41.17
C ASP A 565 9.83 -18.70 -41.70
N PRO A 566 10.31 -17.74 -40.90
CA PRO A 566 10.37 -16.36 -41.38
C PRO A 566 11.49 -16.09 -42.38
N GLN A 567 12.66 -16.71 -42.19
CA GLN A 567 13.76 -16.49 -43.12
C GLN A 567 13.48 -17.10 -44.49
N THR A 568 12.82 -18.25 -44.53
CA THR A 568 12.48 -18.90 -45.78
C THR A 568 11.03 -19.34 -45.73
N LEU A 569 10.32 -19.16 -46.85
CA LEU A 569 8.87 -19.34 -46.88
C LEU A 569 8.43 -20.77 -46.57
N GLU A 570 9.36 -21.71 -46.43
CA GLU A 570 8.97 -23.10 -46.20
C GLU A 570 8.28 -23.26 -44.84
N ILE A 571 7.33 -24.20 -44.78
CA ILE A 571 6.53 -24.43 -43.59
C ILE A 571 6.85 -25.81 -43.03
N LEU A 572 6.75 -25.92 -41.71
CA LEU A 572 7.10 -27.14 -40.99
C LEU A 572 6.09 -27.39 -39.89
N ASP A 573 5.86 -28.66 -39.57
CA ASP A 573 4.92 -29.00 -38.51
C ASP A 573 5.66 -29.51 -37.28
N ILE A 574 5.01 -29.34 -36.12
CA ILE A 574 5.63 -29.55 -34.83
C ILE A 574 4.96 -30.74 -34.16
N THR A 575 5.77 -31.67 -33.64
CA THR A 575 5.26 -32.77 -32.87
C THR A 575 5.90 -32.76 -31.48
N PRO A 576 5.10 -32.97 -30.42
CA PRO A 576 5.67 -32.97 -29.07
C PRO A 576 6.72 -34.05 -28.92
N CYS A 577 7.79 -33.73 -28.20
CA CYS A 577 8.86 -34.68 -27.98
C CYS A 577 8.36 -35.83 -27.10
N SER A 578 8.72 -37.05 -27.48
CA SER A 578 8.08 -38.23 -26.93
C SER A 578 8.23 -38.33 -25.41
N PHE A 579 7.16 -38.75 -24.75
CA PHE A 579 7.17 -39.00 -23.33
C PHE A 579 6.35 -40.24 -23.03
N GLY A 580 6.65 -40.88 -21.90
CA GLY A 580 5.97 -42.11 -21.54
C GLY A 580 6.34 -42.53 -20.13
N GLY A 581 5.53 -43.44 -19.59
CA GLY A 581 5.72 -43.93 -18.24
C GLY A 581 6.61 -45.15 -18.14
N VAL A 582 7.75 -44.99 -17.49
CA VAL A 582 8.69 -46.08 -17.32
C VAL A 582 8.21 -46.96 -16.17
N SER A 583 7.89 -48.22 -16.49
CA SER A 583 7.49 -49.22 -15.51
C SER A 583 8.51 -50.36 -15.51
N VAL A 584 8.47 -51.17 -14.47
CA VAL A 584 9.44 -52.25 -14.30
C VAL A 584 8.72 -53.57 -14.06
N ILE A 585 9.11 -54.59 -14.80
CA ILE A 585 8.65 -55.95 -14.58
C ILE A 585 9.66 -56.65 -13.68
N THR A 586 9.17 -57.23 -12.59
CA THR A 586 10.03 -57.96 -11.67
C THR A 586 9.39 -59.30 -11.32
N PRO A 587 10.20 -60.34 -11.19
CA PRO A 587 9.65 -61.65 -10.81
C PRO A 587 9.57 -61.81 -9.30
N GLY A 588 9.72 -60.71 -8.58
CA GLY A 588 9.73 -60.77 -7.12
C GLY A 588 11.14 -60.89 -6.57
N THR A 589 11.52 -59.97 -5.69
CA THR A 589 12.89 -59.99 -5.16
C THR A 589 13.17 -61.26 -4.39
N ASN A 590 12.13 -61.90 -3.86
CA ASN A 590 12.33 -63.17 -3.16
C ASN A 590 12.80 -64.24 -4.13
N THR A 591 12.40 -64.15 -5.40
CA THR A 591 12.78 -65.14 -6.40
C THR A 591 14.08 -64.77 -7.10
N SER A 592 14.19 -63.54 -7.61
CA SER A 592 15.35 -63.16 -8.39
C SER A 592 15.59 -61.67 -8.26
N ASN A 593 16.80 -61.25 -8.65
CA ASN A 593 17.14 -59.84 -8.76
C ASN A 593 17.05 -59.32 -10.18
N GLN A 594 16.74 -60.18 -11.15
CA GLN A 594 16.63 -59.74 -12.53
C GLN A 594 15.42 -58.83 -12.71
N VAL A 595 15.47 -58.01 -13.75
CA VAL A 595 14.43 -57.02 -14.02
C VAL A 595 14.18 -56.92 -15.51
N ALA A 596 13.07 -56.29 -15.86
CA ALA A 596 12.78 -55.87 -17.22
C ALA A 596 12.19 -54.47 -17.16
N VAL A 597 12.37 -53.72 -18.24
CA VAL A 597 11.89 -52.34 -18.29
C VAL A 597 10.85 -52.22 -19.40
N LEU A 598 9.78 -51.47 -19.13
CA LEU A 598 8.70 -51.27 -20.07
C LEU A 598 8.48 -49.78 -20.26
N TYR A 599 8.43 -49.36 -21.51
CA TYR A 599 8.18 -47.97 -21.89
C TYR A 599 6.86 -47.93 -22.67
N GLN A 600 5.92 -47.12 -22.19
CA GLN A 600 4.58 -47.11 -22.77
C GLN A 600 4.49 -46.19 -23.97
N GLY A 601 3.77 -46.65 -24.99
CA GLY A 601 3.36 -45.79 -26.09
C GLY A 601 4.44 -45.39 -27.08
N VAL A 602 5.54 -46.13 -27.15
CA VAL A 602 6.60 -45.87 -28.12
C VAL A 602 7.08 -47.19 -28.69
N ASN A 603 7.70 -47.11 -29.87
CA ASN A 603 8.35 -48.23 -30.51
C ASN A 603 9.84 -48.22 -30.18
N CYS A 604 10.50 -49.34 -30.43
CA CYS A 604 11.89 -49.51 -30.01
C CYS A 604 12.85 -48.76 -30.93
N THR A 605 12.66 -47.46 -31.05
CA THR A 605 13.54 -46.61 -31.85
C THR A 605 14.18 -45.50 -31.04
N GLU A 606 13.41 -44.79 -30.23
CA GLU A 606 13.91 -43.63 -29.51
C GLU A 606 14.37 -43.97 -28.09
N VAL A 607 13.99 -45.12 -27.55
CA VAL A 607 14.36 -45.51 -26.20
C VAL A 607 15.85 -45.83 -26.13
N GLN B 1 -8.76 18.60 -62.77
CA GLN B 1 -9.80 19.57 -62.44
C GLN B 1 -11.18 18.91 -62.52
N CYS B 2 -12.11 19.42 -61.73
CA CYS B 2 -13.45 18.85 -61.63
C CYS B 2 -14.44 19.62 -62.51
N VAL B 3 -15.46 18.90 -62.98
CA VAL B 3 -16.51 19.46 -63.81
C VAL B 3 -17.85 19.08 -63.19
N ASN B 4 -18.75 20.06 -63.09
CA ASN B 4 -20.00 19.90 -62.35
C ASN B 4 -21.07 19.22 -63.19
N LEU B 5 -21.77 18.28 -62.60
CA LEU B 5 -22.89 17.58 -63.21
C LEU B 5 -24.21 18.17 -62.75
N THR B 6 -25.31 17.50 -63.10
CA THR B 6 -26.64 17.91 -62.68
C THR B 6 -26.95 17.37 -61.28
N THR B 7 -28.12 17.76 -60.78
CA THR B 7 -28.53 17.40 -59.42
C THR B 7 -28.84 15.90 -59.33
N ARG B 8 -28.53 15.33 -58.16
CA ARG B 8 -28.89 13.94 -57.89
C ARG B 8 -30.39 13.77 -57.69
N THR B 9 -31.10 14.83 -57.32
CA THR B 9 -32.54 14.90 -57.15
C THR B 9 -33.07 13.98 -56.04
N GLN B 10 -32.18 13.39 -55.25
CA GLN B 10 -32.56 12.60 -54.08
C GLN B 10 -33.51 11.46 -54.45
N LEU B 11 -33.00 10.53 -55.24
CA LEU B 11 -33.79 9.37 -55.64
C LEU B 11 -34.08 8.50 -54.42
N PRO B 12 -35.28 7.96 -54.30
CA PRO B 12 -35.60 7.07 -53.17
C PRO B 12 -34.77 5.81 -53.20
N PRO B 13 -34.29 5.34 -52.05
CA PRO B 13 -33.50 4.12 -52.02
C PRO B 13 -34.31 2.88 -52.37
N ALA B 14 -33.61 1.83 -52.79
CA ALA B 14 -34.20 0.54 -53.08
C ALA B 14 -33.51 -0.53 -52.26
N TYR B 15 -34.27 -1.53 -51.82
CA TYR B 15 -33.79 -2.55 -50.90
C TYR B 15 -33.83 -3.91 -51.56
N THR B 16 -32.92 -4.79 -51.12
CA THR B 16 -32.88 -6.15 -51.61
C THR B 16 -32.23 -7.02 -50.55
N ASN B 17 -32.62 -8.29 -50.49
CA ASN B 17 -32.11 -9.20 -49.47
C ASN B 17 -30.78 -9.80 -49.91
N SER B 18 -29.90 -10.00 -48.93
CA SER B 18 -28.62 -10.67 -49.15
C SER B 18 -28.65 -12.07 -48.56
N PHE B 19 -28.27 -13.07 -49.36
CA PHE B 19 -28.38 -14.48 -48.97
C PHE B 19 -27.00 -15.02 -48.58
N THR B 20 -26.64 -14.81 -47.31
CA THR B 20 -25.50 -15.49 -46.67
C THR B 20 -24.20 -15.25 -47.44
N ARG B 21 -23.82 -13.98 -47.51
CA ARG B 21 -22.57 -13.61 -48.17
C ARG B 21 -21.65 -12.86 -47.21
N GLY B 22 -20.57 -12.30 -47.75
CA GLY B 22 -19.74 -11.38 -47.00
C GLY B 22 -18.94 -11.96 -45.86
N VAL B 23 -18.86 -13.29 -45.75
CA VAL B 23 -18.04 -13.88 -44.71
C VAL B 23 -16.57 -13.80 -45.11
N TYR B 24 -15.75 -13.18 -44.27
CA TYR B 24 -14.33 -13.02 -44.53
C TYR B 24 -13.55 -13.73 -43.44
N TYR B 25 -12.32 -14.11 -43.76
CA TYR B 25 -11.48 -14.78 -42.78
C TYR B 25 -11.20 -13.82 -41.64
N PRO B 26 -11.59 -14.13 -40.40
CA PRO B 26 -11.40 -13.17 -39.31
C PRO B 26 -9.96 -13.07 -38.85
N ASP B 27 -9.16 -14.12 -39.05
CA ASP B 27 -7.82 -14.19 -38.53
C ASP B 27 -6.89 -14.74 -39.60
N LYS B 28 -5.63 -14.96 -39.23
CA LYS B 28 -4.60 -15.37 -40.17
C LYS B 28 -4.00 -16.72 -39.77
N VAL B 29 -4.84 -17.63 -39.28
CA VAL B 29 -4.38 -18.94 -38.84
C VAL B 29 -5.02 -20.01 -39.73
N PHE B 30 -4.27 -21.07 -39.99
CA PHE B 30 -4.76 -22.19 -40.78
C PHE B 30 -5.41 -23.22 -39.87
N ARG B 31 -6.64 -23.60 -40.21
CA ARG B 31 -7.40 -24.54 -39.40
C ARG B 31 -8.19 -25.46 -40.34
N SER B 32 -8.25 -26.74 -39.99
CA SER B 32 -8.80 -27.75 -40.88
C SER B 32 -9.87 -28.59 -40.19
N SER B 33 -11.01 -28.73 -40.86
CA SER B 33 -12.09 -29.62 -40.42
C SER B 33 -12.53 -29.32 -38.99
N VAL B 34 -12.68 -28.03 -38.69
CA VAL B 34 -13.02 -27.59 -37.34
C VAL B 34 -14.08 -26.51 -37.42
N LEU B 35 -14.99 -26.52 -36.45
CA LEU B 35 -16.00 -25.48 -36.31
C LEU B 35 -15.51 -24.49 -35.26
N HIS B 36 -15.43 -23.22 -35.63
CA HIS B 36 -14.85 -22.20 -34.76
C HIS B 36 -15.78 -21.00 -34.66
N SER B 37 -15.91 -20.45 -33.46
CA SER B 37 -16.82 -19.33 -33.21
C SER B 37 -16.03 -18.03 -33.05
N THR B 38 -16.52 -16.97 -33.69
CA THR B 38 -15.83 -15.68 -33.63
C THR B 38 -16.83 -14.56 -33.38
N GLN B 39 -16.45 -13.61 -32.54
CA GLN B 39 -17.22 -12.38 -32.33
C GLN B 39 -16.47 -11.25 -33.04
N ASP B 40 -17.06 -10.73 -34.10
CA ASP B 40 -16.38 -9.71 -34.89
C ASP B 40 -17.44 -8.97 -35.71
N LEU B 41 -16.99 -7.96 -36.46
CA LEU B 41 -17.89 -7.18 -37.30
C LEU B 41 -18.28 -7.99 -38.53
N PHE B 42 -19.57 -8.27 -38.68
CA PHE B 42 -20.02 -9.09 -39.81
C PHE B 42 -21.23 -8.47 -40.47
N LEU B 43 -21.63 -9.07 -41.60
CA LEU B 43 -22.86 -8.75 -42.29
C LEU B 43 -23.91 -9.79 -41.95
N PRO B 44 -25.02 -9.42 -41.31
CA PRO B 44 -25.99 -10.44 -40.87
C PRO B 44 -26.59 -11.20 -42.05
N PHE B 45 -26.89 -12.46 -41.80
CA PHE B 45 -27.57 -13.27 -42.80
C PHE B 45 -28.95 -12.71 -43.09
N PHE B 46 -29.36 -12.79 -44.36
CA PHE B 46 -30.68 -12.30 -44.79
C PHE B 46 -30.92 -10.88 -44.30
N SER B 47 -30.06 -9.98 -44.75
CA SER B 47 -30.11 -8.60 -44.35
C SER B 47 -30.51 -7.73 -45.53
N ASN B 48 -30.87 -6.49 -45.20
CA ASN B 48 -31.27 -5.49 -46.17
C ASN B 48 -29.99 -4.89 -46.76
N VAL B 49 -29.92 -4.79 -48.07
CA VAL B 49 -28.84 -4.07 -48.72
C VAL B 49 -29.43 -3.10 -49.72
N THR B 50 -28.83 -1.92 -49.82
CA THR B 50 -29.35 -0.89 -50.71
C THR B 50 -28.59 -0.92 -52.03
N TRP B 51 -29.33 -0.74 -53.13
CA TRP B 51 -28.79 -1.01 -54.45
C TRP B 51 -28.89 0.23 -55.33
N PHE B 52 -27.76 0.61 -55.93
CA PHE B 52 -27.67 1.80 -56.76
C PHE B 52 -27.24 1.41 -58.16
N HIS B 53 -27.99 1.90 -59.16
CA HIS B 53 -27.57 1.81 -60.54
C HIS B 53 -26.32 2.64 -60.75
N ALA B 54 -25.42 2.15 -61.61
CA ALA B 54 -24.29 2.98 -62.01
C ALA B 54 -24.77 4.17 -62.83
N ILE B 55 -25.58 3.91 -63.85
CA ILE B 55 -26.20 4.95 -64.66
C ILE B 55 -27.70 4.74 -64.60
N HIS B 56 -28.44 5.79 -64.26
CA HIS B 56 -29.86 5.71 -64.00
C HIS B 56 -30.62 6.60 -64.97
N VAL B 57 -31.73 6.08 -65.48
CA VAL B 57 -32.65 6.81 -66.34
C VAL B 57 -33.97 6.96 -65.60
N SER B 58 -34.29 8.19 -65.19
CA SER B 58 -35.53 8.48 -64.50
C SER B 58 -36.33 9.62 -65.13
N GLY B 59 -35.68 10.52 -65.87
CA GLY B 59 -36.41 11.58 -66.52
C GLY B 59 -37.23 11.07 -67.69
N THR B 60 -38.33 11.78 -67.96
CA THR B 60 -39.19 11.41 -69.08
C THR B 60 -38.44 11.56 -70.41
N ASN B 61 -37.58 12.57 -70.52
CA ASN B 61 -36.79 12.73 -71.73
C ASN B 61 -35.82 11.58 -71.94
N GLY B 62 -35.32 11.00 -70.85
CA GLY B 62 -34.36 9.92 -70.93
C GLY B 62 -33.01 10.28 -70.36
N THR B 63 -33.02 11.15 -69.35
CA THR B 63 -31.78 11.62 -68.75
C THR B 63 -31.02 10.47 -68.11
N LYS B 64 -29.72 10.39 -68.40
CA LYS B 64 -28.83 9.42 -67.80
C LYS B 64 -27.95 10.14 -66.78
N ARG B 65 -28.07 9.75 -65.52
CA ARG B 65 -27.31 10.39 -64.46
C ARG B 65 -26.61 9.33 -63.61
N PHE B 66 -25.49 9.73 -63.01
CA PHE B 66 -24.72 8.83 -62.17
C PHE B 66 -25.30 8.83 -60.76
N ASP B 67 -25.80 7.68 -60.31
CA ASP B 67 -26.26 7.54 -58.94
C ASP B 67 -25.04 7.36 -58.06
N ASN B 68 -24.55 8.47 -57.52
CA ASN B 68 -23.42 8.45 -56.58
C ASN B 68 -23.68 9.32 -55.36
N PRO B 69 -24.69 8.97 -54.55
CA PRO B 69 -24.87 9.66 -53.27
C PRO B 69 -23.79 9.28 -52.27
N VAL B 70 -23.52 10.18 -51.36
CA VAL B 70 -22.61 9.90 -50.25
C VAL B 70 -23.33 9.03 -49.22
N LEU B 71 -22.61 8.09 -48.63
CA LEU B 71 -23.22 7.13 -47.72
C LEU B 71 -22.46 7.08 -46.41
N PRO B 72 -23.17 6.86 -45.31
CA PRO B 72 -22.50 6.76 -44.01
C PRO B 72 -21.59 5.54 -43.94
N PHE B 73 -20.50 5.69 -43.20
CA PHE B 73 -19.49 4.65 -42.99
C PHE B 73 -19.47 4.38 -41.49
N ASN B 74 -20.33 3.48 -41.03
CA ASN B 74 -20.40 3.16 -39.61
C ASN B 74 -19.84 1.76 -39.41
N ASP B 75 -18.55 1.71 -39.06
CA ASP B 75 -17.91 0.50 -38.54
C ASP B 75 -17.99 -0.65 -39.54
N GLY B 76 -17.37 -0.45 -40.70
CA GLY B 76 -17.26 -1.49 -41.71
C GLY B 76 -18.35 -1.43 -42.76
N VAL B 77 -17.98 -1.62 -44.02
CA VAL B 77 -18.91 -1.52 -45.15
C VAL B 77 -18.66 -2.68 -46.10
N TYR B 78 -19.74 -3.35 -46.51
CA TYR B 78 -19.67 -4.42 -47.50
C TYR B 78 -20.15 -3.86 -48.83
N PHE B 79 -19.26 -3.86 -49.82
CA PHE B 79 -19.51 -3.31 -51.15
C PHE B 79 -19.48 -4.45 -52.16
N ALA B 80 -20.61 -4.69 -52.81
CA ALA B 80 -20.69 -5.69 -53.87
C ALA B 80 -20.93 -5.00 -55.19
N SER B 81 -20.22 -5.43 -56.23
CA SER B 81 -20.34 -4.84 -57.55
C SER B 81 -20.76 -5.92 -58.54
N THR B 82 -21.92 -5.73 -59.16
CA THR B 82 -22.34 -6.55 -60.29
C THR B 82 -21.94 -5.80 -61.55
N GLU B 83 -20.94 -6.32 -62.25
CA GLU B 83 -20.37 -5.48 -63.29
C GLU B 83 -19.75 -6.32 -64.40
N LYS B 84 -19.68 -5.72 -65.59
CA LYS B 84 -19.26 -6.40 -66.80
C LYS B 84 -18.33 -5.57 -67.67
N SER B 85 -18.21 -4.25 -67.46
CA SER B 85 -17.49 -3.40 -68.40
C SER B 85 -16.52 -2.44 -67.71
N ASN B 86 -16.16 -2.69 -66.46
CA ASN B 86 -15.14 -1.90 -65.75
C ASN B 86 -15.51 -0.42 -65.70
N ILE B 87 -16.58 -0.12 -64.98
CA ILE B 87 -17.06 1.25 -64.89
C ILE B 87 -16.69 1.87 -63.54
N ILE B 88 -16.68 1.05 -62.48
CA ILE B 88 -16.28 1.55 -61.17
C ILE B 88 -14.75 1.62 -61.13
N ARG B 89 -14.22 2.58 -60.39
CA ARG B 89 -12.78 2.82 -60.46
C ARG B 89 -12.12 2.88 -59.08
N GLY B 90 -12.87 3.23 -58.04
CA GLY B 90 -12.27 3.33 -56.72
C GLY B 90 -13.24 3.92 -55.73
N TRP B 91 -12.67 4.41 -54.63
CA TRP B 91 -13.46 4.88 -53.50
C TRP B 91 -12.72 5.99 -52.76
N ILE B 92 -13.46 6.71 -51.93
CA ILE B 92 -12.92 7.79 -51.11
C ILE B 92 -13.49 7.68 -49.72
N PHE B 93 -12.70 8.07 -48.73
CA PHE B 93 -13.05 7.86 -47.33
C PHE B 93 -12.64 9.09 -46.52
N GLY B 94 -13.54 9.51 -45.62
CA GLY B 94 -13.27 10.66 -44.80
C GLY B 94 -14.49 11.01 -43.96
N THR B 95 -14.41 12.19 -43.34
CA THR B 95 -15.52 12.74 -42.57
C THR B 95 -16.17 13.94 -43.27
N THR B 96 -15.36 14.90 -43.71
CA THR B 96 -15.88 16.08 -44.40
C THR B 96 -15.62 16.07 -45.89
N LEU B 97 -14.67 15.26 -46.36
CA LEU B 97 -14.41 15.06 -47.80
C LEU B 97 -13.93 16.36 -48.45
N ASP B 98 -13.15 17.15 -47.73
CA ASP B 98 -12.71 18.45 -48.22
C ASP B 98 -11.33 18.74 -47.66
N SER B 99 -10.90 19.99 -47.81
CA SER B 99 -9.61 20.50 -47.32
C SER B 99 -9.57 20.68 -45.82
N LYS B 100 -10.57 20.16 -45.10
CA LYS B 100 -10.66 20.33 -43.67
C LYS B 100 -10.28 19.08 -42.87
N THR B 101 -10.43 17.89 -43.45
CA THR B 101 -10.13 16.64 -42.77
C THR B 101 -9.32 15.72 -43.67
N GLN B 102 -8.47 14.92 -43.04
CA GLN B 102 -7.65 13.96 -43.77
C GLN B 102 -8.51 13.00 -44.57
N SER B 103 -8.11 12.74 -45.82
CA SER B 103 -8.93 11.95 -46.73
C SER B 103 -8.12 10.86 -47.41
N LEU B 104 -8.82 9.78 -47.75
CA LEU B 104 -8.28 8.61 -48.42
C LEU B 104 -8.89 8.46 -49.80
N LEU B 105 -8.04 8.18 -50.79
CA LEU B 105 -8.48 7.97 -52.16
C LEU B 105 -7.81 6.71 -52.72
N ILE B 106 -8.62 5.78 -53.18
CA ILE B 106 -8.14 4.59 -53.88
C ILE B 106 -8.68 4.65 -55.30
N VAL B 107 -7.79 4.54 -56.28
CA VAL B 107 -8.18 4.49 -57.68
C VAL B 107 -7.49 3.32 -58.35
N ASN B 108 -8.10 2.85 -59.45
CA ASN B 108 -7.56 1.74 -60.22
C ASN B 108 -7.69 2.08 -61.69
N ASN B 109 -6.57 2.24 -62.37
CA ASN B 109 -6.57 2.41 -63.82
C ASN B 109 -6.34 1.05 -64.46
N ALA B 110 -6.09 1.03 -65.77
CA ALA B 110 -5.87 -0.23 -66.47
C ALA B 110 -4.57 -0.91 -66.08
N THR B 111 -3.67 -0.22 -65.38
CA THR B 111 -2.34 -0.76 -65.09
C THR B 111 -2.20 -1.23 -63.65
N ASN B 112 -2.50 -0.39 -62.68
CA ASN B 112 -2.21 -0.69 -61.28
C ASN B 112 -3.21 0.04 -60.39
N VAL B 113 -2.99 -0.02 -59.08
CA VAL B 113 -3.80 0.68 -58.10
C VAL B 113 -2.98 1.83 -57.53
N VAL B 114 -3.65 2.92 -57.20
CA VAL B 114 -3.05 4.06 -56.51
C VAL B 114 -3.82 4.27 -55.23
N ILE B 115 -3.14 4.12 -54.09
CA ILE B 115 -3.70 4.37 -52.77
C ILE B 115 -2.99 5.60 -52.23
N LYS B 116 -3.77 6.64 -51.93
CA LYS B 116 -3.21 7.92 -51.53
C LYS B 116 -3.97 8.46 -50.33
N VAL B 117 -3.25 9.10 -49.42
CA VAL B 117 -3.81 9.65 -48.18
C VAL B 117 -3.35 11.09 -48.06
N CYS B 118 -4.23 12.04 -48.36
CA CYS B 118 -3.83 13.44 -48.29
C CYS B 118 -5.03 14.30 -47.90
N GLU B 119 -4.78 15.61 -47.79
CA GLU B 119 -5.83 16.59 -47.52
C GLU B 119 -6.40 17.09 -48.83
N PHE B 120 -7.13 16.21 -49.50
CA PHE B 120 -7.68 16.52 -50.81
C PHE B 120 -8.83 17.51 -50.70
N GLN B 121 -9.02 18.30 -51.75
CA GLN B 121 -10.18 19.19 -51.90
C GLN B 121 -11.06 18.65 -53.02
N PHE B 122 -12.04 17.84 -52.64
CA PHE B 122 -12.89 17.18 -53.60
C PHE B 122 -14.02 18.07 -54.11
N CYS B 123 -14.47 17.78 -55.31
CA CYS B 123 -15.68 18.36 -55.87
C CYS B 123 -16.89 17.52 -55.50
N ASN B 124 -18.09 18.08 -55.73
CA ASN B 124 -19.32 17.42 -55.34
C ASN B 124 -19.55 16.13 -56.14
N ASP B 125 -19.01 16.06 -57.36
CA ASP B 125 -19.26 14.94 -58.25
C ASP B 125 -17.94 14.42 -58.83
N PRO B 126 -17.15 13.71 -58.03
CA PRO B 126 -15.93 13.10 -58.56
C PRO B 126 -16.26 12.00 -59.57
N PHE B 127 -15.41 11.88 -60.57
CA PHE B 127 -15.52 10.83 -61.58
C PHE B 127 -14.20 10.78 -62.34
N LEU B 128 -14.06 9.76 -63.18
CA LEU B 128 -12.85 9.57 -63.99
C LEU B 128 -13.23 9.68 -65.46
N GLY B 129 -12.70 10.69 -66.14
CA GLY B 129 -12.97 10.82 -67.56
C GLY B 129 -12.16 9.85 -68.38
N VAL B 130 -12.79 8.79 -68.89
CA VAL B 130 -12.10 7.70 -69.54
C VAL B 130 -12.44 7.70 -71.02
N TYR B 131 -11.50 7.25 -71.84
CA TYR B 131 -11.71 7.22 -73.28
C TYR B 131 -10.87 6.10 -73.90
N TYR B 132 -11.32 5.62 -75.04
CA TYR B 132 -10.59 4.59 -75.77
C TYR B 132 -9.68 5.23 -76.82
N HIS B 133 -8.65 4.48 -77.19
CA HIS B 133 -7.72 4.94 -78.23
C HIS B 133 -8.24 4.51 -79.60
N LYS B 134 -7.90 5.33 -80.61
CA LYS B 134 -8.50 5.16 -81.93
C LYS B 134 -8.03 3.91 -82.65
N ASN B 135 -6.95 3.28 -82.20
CA ASN B 135 -6.38 2.14 -82.91
C ASN B 135 -6.46 0.84 -82.11
N ASN B 136 -5.96 0.83 -80.87
CA ASN B 136 -5.83 -0.43 -80.14
C ASN B 136 -7.14 -0.81 -79.44
N LYS B 137 -7.68 0.09 -78.63
CA LYS B 137 -8.91 -0.12 -77.87
C LYS B 137 -8.74 -1.23 -76.82
N SER B 138 -7.54 -1.78 -76.71
CA SER B 138 -7.30 -2.85 -75.74
C SER B 138 -7.43 -2.34 -74.31
N TRP B 139 -6.96 -1.13 -74.04
CA TRP B 139 -7.03 -0.52 -72.72
C TRP B 139 -7.68 0.85 -72.83
N MET B 140 -8.17 1.34 -71.68
CA MET B 140 -8.87 2.61 -71.59
C MET B 140 -8.01 3.62 -70.86
N GLU B 141 -7.86 4.80 -71.45
CA GLU B 141 -7.04 5.86 -70.86
C GLU B 141 -7.91 6.71 -69.94
N SER B 142 -7.41 6.97 -68.73
CA SER B 142 -8.17 7.63 -67.67
C SER B 142 -7.58 8.98 -67.36
N GLU B 143 -8.45 9.99 -67.24
CA GLU B 143 -8.10 11.31 -66.77
C GLU B 143 -8.77 11.51 -65.42
N PHE B 144 -8.02 11.94 -64.41
CA PHE B 144 -8.58 12.08 -63.08
C PHE B 144 -9.24 13.44 -62.95
N ARG B 145 -10.53 13.44 -62.63
CA ARG B 145 -11.30 14.63 -62.30
C ARG B 145 -11.95 14.45 -60.93
N VAL B 146 -11.17 13.93 -59.99
CA VAL B 146 -11.70 13.53 -58.70
C VAL B 146 -11.57 14.65 -57.67
N TYR B 147 -10.46 15.37 -57.69
CA TYR B 147 -10.16 16.37 -56.67
C TYR B 147 -9.62 17.63 -57.34
N SER B 148 -9.68 18.73 -56.59
CA SER B 148 -9.11 20.00 -57.05
C SER B 148 -7.64 20.14 -56.65
N SER B 149 -7.32 19.88 -55.38
CA SER B 149 -5.97 20.04 -54.89
C SER B 149 -5.66 18.96 -53.87
N ALA B 150 -4.38 18.66 -53.71
CA ALA B 150 -3.90 17.66 -52.76
C ALA B 150 -2.75 18.24 -51.95
N ASN B 151 -2.83 18.10 -50.63
CA ASN B 151 -1.81 18.62 -49.73
C ASN B 151 -1.64 17.69 -48.54
N ASN B 152 -0.48 17.79 -47.90
CA ASN B 152 -0.20 17.09 -46.65
C ASN B 152 -0.38 15.58 -46.79
N CYS B 153 0.47 14.99 -47.62
CA CYS B 153 0.37 13.58 -47.97
C CYS B 153 1.23 12.74 -47.03
N THR B 154 0.64 11.68 -46.46
CA THR B 154 1.32 10.85 -45.48
C THR B 154 1.36 9.38 -45.86
N PHE B 155 0.95 9.02 -47.07
CA PHE B 155 0.98 7.61 -47.48
C PHE B 155 0.92 7.52 -49.00
N GLU B 156 1.52 6.46 -49.53
CA GLU B 156 1.51 6.15 -50.95
C GLU B 156 1.59 4.64 -51.11
N TYR B 157 0.78 4.10 -52.03
CA TYR B 157 0.85 2.66 -52.27
C TYR B 157 0.44 2.35 -53.70
N VAL B 158 1.17 1.42 -54.32
CA VAL B 158 0.86 0.90 -55.65
C VAL B 158 1.06 -0.61 -55.65
N SER B 159 0.17 -1.32 -56.34
CA SER B 159 0.24 -2.78 -56.45
C SER B 159 -0.64 -3.23 -57.61
N GLN B 160 -0.91 -4.54 -57.69
CA GLN B 160 -1.71 -5.10 -58.75
C GLN B 160 -3.14 -4.54 -58.69
N PRO B 161 -3.81 -4.44 -59.85
CA PRO B 161 -5.16 -3.86 -59.86
C PRO B 161 -6.11 -4.62 -58.96
N PHE B 162 -6.94 -3.87 -58.22
CA PHE B 162 -7.94 -4.49 -57.36
C PHE B 162 -9.10 -5.03 -58.19
N LEU B 163 -9.38 -4.41 -59.33
CA LEU B 163 -10.46 -4.79 -60.21
C LEU B 163 -9.88 -5.42 -61.46
N MET B 164 -10.20 -6.67 -61.71
CA MET B 164 -9.73 -7.33 -62.93
C MET B 164 -10.41 -6.72 -64.15
N ASP B 165 -9.72 -6.76 -65.28
CA ASP B 165 -10.27 -6.21 -66.51
C ASP B 165 -11.50 -7.00 -66.94
N LEU B 166 -12.52 -6.29 -67.40
CA LEU B 166 -13.79 -6.88 -67.80
C LEU B 166 -14.03 -6.81 -69.30
N GLU B 167 -12.98 -6.53 -70.07
CA GLU B 167 -13.10 -6.46 -71.52
C GLU B 167 -12.48 -7.69 -72.18
N GLY B 171 -22.75 -11.17 -74.59
CA GLY B 171 -22.25 -10.08 -73.77
C GLY B 171 -22.99 -9.94 -72.45
N ASN B 172 -23.17 -11.06 -71.76
CA ASN B 172 -23.84 -11.08 -70.47
C ASN B 172 -22.92 -11.60 -69.36
N PHE B 173 -21.60 -11.57 -69.60
CA PHE B 173 -20.64 -12.14 -68.65
C PHE B 173 -20.44 -11.18 -67.49
N LYS B 174 -21.52 -11.03 -66.71
CA LYS B 174 -21.45 -10.26 -65.48
C LYS B 174 -20.66 -11.00 -64.42
N ASN B 175 -19.97 -10.25 -63.58
CA ASN B 175 -19.20 -10.83 -62.49
C ASN B 175 -19.49 -10.08 -61.19
N LEU B 176 -19.24 -10.78 -60.09
CA LEU B 176 -19.31 -10.22 -58.75
C LEU B 176 -17.92 -9.83 -58.28
N ARG B 177 -17.76 -8.59 -57.86
CA ARG B 177 -16.58 -8.17 -57.12
C ARG B 177 -17.03 -7.76 -55.72
N GLU B 178 -16.63 -8.53 -54.72
CA GLU B 178 -17.06 -8.28 -53.35
C GLU B 178 -15.88 -7.79 -52.53
N PHE B 179 -16.05 -6.65 -51.87
CA PHE B 179 -15.05 -6.11 -50.98
C PHE B 179 -15.69 -5.80 -49.63
N VAL B 180 -14.87 -5.91 -48.59
CA VAL B 180 -15.27 -5.49 -47.25
C VAL B 180 -14.18 -4.58 -46.72
N PHE B 181 -14.58 -3.37 -46.32
CA PHE B 181 -13.68 -2.40 -45.70
C PHE B 181 -13.97 -2.33 -44.21
N LYS B 182 -12.92 -2.46 -43.40
CA LYS B 182 -13.03 -2.20 -41.97
C LYS B 182 -11.96 -1.19 -41.58
N ASN B 183 -12.25 -0.43 -40.52
CA ASN B 183 -11.30 0.53 -39.98
C ASN B 183 -11.26 0.34 -38.47
N ILE B 184 -10.23 -0.34 -37.99
CA ILE B 184 -10.10 -0.69 -36.57
C ILE B 184 -8.68 -0.41 -36.12
N ASP B 185 -8.54 0.30 -35.00
CA ASP B 185 -7.25 0.55 -34.36
C ASP B 185 -6.27 1.24 -35.31
N GLY B 186 -6.78 2.20 -36.08
CA GLY B 186 -5.95 2.91 -37.03
C GLY B 186 -5.49 2.09 -38.21
N TYR B 187 -6.00 0.86 -38.36
CA TYR B 187 -5.70 0.01 -39.50
C TYR B 187 -6.94 -0.10 -40.37
N PHE B 188 -6.74 0.12 -41.67
CA PHE B 188 -7.83 0.04 -42.65
C PHE B 188 -7.62 -1.25 -43.44
N LYS B 189 -8.48 -2.23 -43.21
CA LYS B 189 -8.34 -3.56 -43.78
C LYS B 189 -9.31 -3.73 -44.93
N ILE B 190 -8.79 -4.20 -46.06
CA ILE B 190 -9.60 -4.49 -47.25
C ILE B 190 -9.52 -5.98 -47.52
N TYR B 191 -10.67 -6.64 -47.48
CA TYR B 191 -10.80 -8.02 -47.91
C TYR B 191 -11.56 -8.08 -49.23
N SER B 192 -11.13 -8.98 -50.11
CA SER B 192 -11.60 -8.98 -51.48
C SER B 192 -11.99 -10.39 -51.93
N LYS B 193 -12.78 -10.43 -53.00
CA LYS B 193 -13.05 -11.67 -53.75
C LYS B 193 -13.66 -11.32 -55.09
N HIS B 194 -13.35 -12.16 -56.08
CA HIS B 194 -13.86 -12.03 -57.44
C HIS B 194 -14.51 -13.35 -57.85
N THR B 195 -15.68 -13.28 -58.48
CA THR B 195 -16.40 -14.52 -58.79
C THR B 195 -17.26 -14.39 -60.04
N PRO B 196 -17.24 -15.38 -60.93
CA PRO B 196 -18.17 -15.37 -62.07
C PRO B 196 -19.60 -15.64 -61.63
N ILE B 197 -20.55 -15.18 -62.45
CA ILE B 197 -21.97 -15.42 -62.20
C ILE B 197 -22.71 -15.42 -63.52
N ASN B 198 -23.93 -15.95 -63.49
CA ASN B 198 -24.77 -16.06 -64.69
C ASN B 198 -26.22 -15.82 -64.33
N LEU B 199 -26.88 -14.94 -65.09
CA LEU B 199 -28.34 -14.76 -65.08
C LEU B 199 -28.92 -14.49 -63.69
N VAL B 200 -28.14 -13.90 -62.79
CA VAL B 200 -28.64 -13.50 -61.48
C VAL B 200 -28.48 -11.98 -61.38
N ARG B 201 -29.62 -11.27 -61.40
CA ARG B 201 -29.56 -9.82 -61.29
C ARG B 201 -29.15 -9.38 -59.89
N ASP B 202 -29.68 -10.04 -58.87
CA ASP B 202 -29.40 -9.68 -57.49
C ASP B 202 -28.21 -10.48 -56.99
N LEU B 203 -27.97 -10.46 -55.68
CA LEU B 203 -26.92 -11.29 -55.12
C LEU B 203 -27.32 -12.75 -55.25
N PRO B 204 -26.47 -13.61 -55.81
CA PRO B 204 -26.86 -15.00 -56.07
C PRO B 204 -26.78 -15.86 -54.83
N GLN B 205 -27.71 -16.81 -54.73
CA GLN B 205 -27.72 -17.74 -53.61
C GLN B 205 -26.55 -18.69 -53.72
N GLY B 206 -25.69 -18.69 -52.71
CA GLY B 206 -24.46 -19.44 -52.75
C GLY B 206 -23.60 -19.03 -51.57
N PHE B 207 -22.33 -19.40 -51.63
CA PHE B 207 -21.43 -18.96 -50.58
C PHE B 207 -20.01 -18.90 -51.13
N SER B 208 -19.30 -17.83 -50.80
CA SER B 208 -17.92 -17.62 -51.27
C SER B 208 -17.20 -16.79 -50.22
N ALA B 209 -16.09 -17.33 -49.72
CA ALA B 209 -15.33 -16.65 -48.68
C ALA B 209 -14.72 -15.35 -49.21
N LEU B 210 -14.34 -14.48 -48.29
CA LEU B 210 -13.63 -13.24 -48.60
C LEU B 210 -12.22 -13.35 -48.02
N GLU B 211 -11.21 -13.40 -48.90
CA GLU B 211 -9.83 -13.46 -48.43
C GLU B 211 -9.28 -12.05 -48.24
N PRO B 212 -8.36 -11.88 -47.28
CA PRO B 212 -7.79 -10.54 -47.05
C PRO B 212 -6.88 -10.15 -48.20
N LEU B 213 -7.06 -8.93 -48.68
CA LEU B 213 -6.24 -8.41 -49.77
C LEU B 213 -5.15 -7.46 -49.27
N VAL B 214 -5.48 -6.54 -48.36
CA VAL B 214 -4.48 -5.54 -47.98
C VAL B 214 -4.82 -4.97 -46.60
N ASP B 215 -3.79 -4.53 -45.89
CA ASP B 215 -3.90 -3.81 -44.63
C ASP B 215 -3.17 -2.48 -44.78
N LEU B 216 -3.78 -1.41 -44.28
CA LEU B 216 -3.26 -0.06 -44.43
C LEU B 216 -3.03 0.57 -43.07
N PRO B 217 -1.81 0.94 -42.71
CA PRO B 217 -1.57 1.70 -41.47
C PRO B 217 -1.88 3.19 -41.63
N ILE B 218 -3.15 3.49 -41.91
CA ILE B 218 -3.55 4.85 -42.22
C ILE B 218 -3.76 5.68 -40.96
N GLY B 219 -4.45 5.13 -39.97
CA GLY B 219 -4.71 5.85 -38.73
C GLY B 219 -5.49 7.14 -38.87
N ILE B 220 -6.55 7.13 -39.68
CA ILE B 220 -7.40 8.32 -39.78
C ILE B 220 -8.82 7.92 -39.44
N ASN B 221 -9.72 8.90 -39.40
CA ASN B 221 -11.04 8.67 -38.85
C ASN B 221 -12.06 8.84 -39.98
N ILE B 222 -12.97 7.87 -40.11
CA ILE B 222 -13.82 7.76 -41.29
C ILE B 222 -15.28 7.70 -40.84
N THR B 223 -16.14 8.48 -41.49
CA THR B 223 -17.57 8.48 -41.18
C THR B 223 -18.42 8.34 -42.43
N ARG B 224 -17.94 8.84 -43.56
CA ARG B 224 -18.72 8.84 -44.79
C ARG B 224 -17.82 8.52 -45.98
N PHE B 225 -18.39 7.88 -47.00
CA PHE B 225 -17.61 7.48 -48.17
C PHE B 225 -18.43 7.72 -49.43
N GLN B 226 -17.74 7.61 -50.57
CA GLN B 226 -18.36 7.79 -51.88
C GLN B 226 -17.64 6.91 -52.89
N THR B 227 -18.39 6.30 -53.80
CA THR B 227 -17.82 5.46 -54.84
C THR B 227 -17.35 6.31 -56.02
N LEU B 228 -16.47 5.72 -56.84
CA LEU B 228 -15.89 6.39 -57.99
C LEU B 228 -16.31 5.69 -59.26
N LEU B 229 -16.78 6.47 -60.23
CA LEU B 229 -17.34 5.96 -61.47
C LEU B 229 -16.62 6.61 -62.64
N ALA B 230 -16.56 5.88 -63.76
CA ALA B 230 -15.83 6.33 -64.95
C ALA B 230 -16.82 6.81 -65.99
N LEU B 231 -16.69 8.07 -66.37
CA LEU B 231 -17.48 8.65 -67.46
C LEU B 231 -16.69 8.53 -68.75
N HIS B 232 -17.13 7.63 -69.64
CA HIS B 232 -16.59 7.63 -70.99
C HIS B 232 -17.31 8.62 -71.88
N ARG B 233 -18.57 8.91 -71.56
CA ARG B 233 -19.38 9.83 -72.35
C ARG B 233 -18.81 11.24 -72.26
N SER B 234 -19.37 12.13 -73.07
CA SER B 234 -18.98 13.53 -73.10
C SER B 234 -19.93 14.32 -72.23
N TYR B 235 -19.43 14.80 -71.08
CA TYR B 235 -20.24 15.68 -70.24
C TYR B 235 -20.61 16.96 -70.96
N LEU B 236 -19.79 17.38 -71.93
CA LEU B 236 -20.12 18.57 -72.71
C LEU B 236 -21.32 18.33 -73.62
N THR B 237 -21.35 17.18 -74.30
CA THR B 237 -22.41 16.84 -75.25
C THR B 237 -22.99 15.48 -74.90
N PRO B 238 -24.03 15.44 -74.05
CA PRO B 238 -24.65 14.15 -73.71
C PRO B 238 -25.52 13.65 -74.85
N GLY B 239 -25.33 12.38 -75.22
CA GLY B 239 -26.13 11.78 -76.27
C GLY B 239 -27.52 11.42 -75.81
N ASP B 240 -28.41 11.20 -76.79
CA ASP B 240 -29.79 10.86 -76.47
C ASP B 240 -29.88 9.51 -75.77
N SER B 241 -29.14 8.52 -76.25
CA SER B 241 -29.16 7.18 -75.66
C SER B 241 -27.98 6.39 -76.20
N SER B 242 -27.69 5.28 -75.53
CA SER B 242 -26.70 4.29 -75.94
C SER B 242 -25.28 4.82 -75.87
N SER B 243 -25.12 6.09 -75.51
CA SER B 243 -23.79 6.61 -75.21
C SER B 243 -23.23 5.95 -73.95
N GLY B 244 -24.11 5.69 -72.98
CA GLY B 244 -23.72 4.96 -71.77
C GLY B 244 -23.71 3.46 -71.98
N TRP B 245 -24.19 2.71 -71.00
CA TRP B 245 -24.17 1.25 -71.05
C TRP B 245 -25.56 0.74 -70.69
N THR B 246 -26.38 0.51 -71.71
CA THR B 246 -27.73 -0.03 -71.63
C THR B 246 -28.49 0.50 -70.40
N ALA B 247 -28.46 1.82 -70.22
CA ALA B 247 -29.09 2.49 -69.08
C ALA B 247 -28.53 1.98 -67.76
N GLY B 248 -27.23 1.71 -67.73
CA GLY B 248 -26.54 1.33 -66.50
C GLY B 248 -26.96 0.02 -65.89
N ALA B 249 -26.84 -1.07 -66.65
CA ALA B 249 -27.16 -2.39 -66.10
C ALA B 249 -26.22 -2.75 -64.95
N ALA B 250 -24.93 -2.49 -65.12
CA ALA B 250 -23.97 -2.72 -64.04
C ALA B 250 -24.27 -1.78 -62.89
N ALA B 251 -24.11 -2.28 -61.67
CA ALA B 251 -24.55 -1.52 -60.51
C ALA B 251 -23.88 -2.07 -59.26
N TYR B 252 -24.21 -1.48 -58.11
CA TYR B 252 -23.53 -1.87 -56.89
C TYR B 252 -24.47 -1.85 -55.69
N TYR B 253 -24.23 -2.78 -54.78
CA TYR B 253 -25.00 -2.97 -53.56
C TYR B 253 -24.13 -2.64 -52.36
N VAL B 254 -24.74 -2.00 -51.37
CA VAL B 254 -24.06 -1.59 -50.14
C VAL B 254 -24.78 -2.19 -48.96
N GLY B 255 -24.01 -2.78 -48.04
CA GLY B 255 -24.55 -3.22 -46.77
C GLY B 255 -23.64 -2.77 -45.64
N TYR B 256 -24.23 -2.66 -44.46
CA TYR B 256 -23.52 -2.20 -43.28
C TYR B 256 -23.32 -3.36 -42.31
N LEU B 257 -22.11 -3.45 -41.78
CA LEU B 257 -21.77 -4.47 -40.79
C LEU B 257 -22.24 -4.03 -39.41
N GLN B 258 -22.23 -4.98 -38.48
CA GLN B 258 -22.27 -4.64 -37.06
C GLN B 258 -21.67 -5.81 -36.30
N PRO B 259 -21.36 -5.63 -35.01
CA PRO B 259 -20.78 -6.74 -34.25
C PRO B 259 -21.76 -7.90 -34.13
N ARG B 260 -21.25 -9.10 -34.39
CA ARG B 260 -22.06 -10.30 -34.36
C ARG B 260 -21.11 -11.46 -34.09
N THR B 261 -21.66 -12.54 -33.58
CA THR B 261 -20.90 -13.77 -33.39
C THR B 261 -21.35 -14.81 -34.41
N PHE B 262 -20.39 -15.46 -35.05
CA PHE B 262 -20.60 -16.45 -36.08
C PHE B 262 -19.98 -17.78 -35.68
N LEU B 263 -20.42 -18.83 -36.35
CA LEU B 263 -19.77 -20.13 -36.31
C LEU B 263 -19.37 -20.51 -37.72
N LEU B 264 -18.07 -20.57 -37.98
CA LEU B 264 -17.53 -20.94 -39.28
C LEU B 264 -17.12 -22.41 -39.27
N LYS B 265 -17.18 -23.03 -40.45
CA LYS B 265 -16.82 -24.44 -40.60
C LYS B 265 -15.64 -24.55 -41.57
N TYR B 266 -14.43 -24.65 -41.03
CA TYR B 266 -13.26 -24.89 -41.85
C TYR B 266 -13.25 -26.35 -42.29
N ASN B 267 -13.19 -26.59 -43.59
CA ASN B 267 -13.06 -27.94 -44.10
C ASN B 267 -11.61 -28.39 -44.02
N GLU B 268 -11.29 -29.52 -44.64
CA GLU B 268 -9.93 -30.08 -44.51
C GLU B 268 -8.89 -29.20 -45.18
N ASN B 269 -9.24 -28.53 -46.27
CA ASN B 269 -8.27 -27.72 -47.00
C ASN B 269 -8.00 -26.38 -46.34
N GLY B 270 -8.87 -25.93 -45.45
CA GLY B 270 -8.76 -24.61 -44.86
C GLY B 270 -9.62 -23.55 -45.49
N THR B 271 -10.58 -23.93 -46.34
CA THR B 271 -11.44 -22.98 -47.03
C THR B 271 -12.75 -22.85 -46.28
N ILE B 272 -13.20 -21.61 -46.08
CA ILE B 272 -14.49 -21.34 -45.44
C ILE B 272 -15.58 -21.83 -46.39
N THR B 273 -16.27 -22.91 -46.01
CA THR B 273 -17.30 -23.49 -46.86
C THR B 273 -18.72 -23.27 -46.36
N ASP B 274 -18.90 -23.06 -45.06
CA ASP B 274 -20.22 -22.69 -44.55
C ASP B 274 -20.06 -21.97 -43.23
N ALA B 275 -21.07 -21.16 -42.92
CA ALA B 275 -21.11 -20.41 -41.67
C ALA B 275 -22.54 -20.36 -41.18
N VAL B 276 -22.68 -20.09 -39.88
CA VAL B 276 -23.98 -19.98 -39.23
C VAL B 276 -24.00 -18.70 -38.42
N ASP B 277 -24.91 -17.79 -38.75
CA ASP B 277 -25.17 -16.63 -37.90
C ASP B 277 -25.79 -17.09 -36.60
N CYS B 278 -25.46 -16.40 -35.52
CA CYS B 278 -25.80 -16.94 -34.21
C CYS B 278 -27.12 -16.41 -33.66
N ALA B 279 -27.51 -15.19 -34.02
CA ALA B 279 -28.72 -14.58 -33.48
C ALA B 279 -29.84 -14.49 -34.50
N LEU B 280 -29.71 -15.14 -35.65
CA LEU B 280 -30.72 -15.05 -36.69
C LEU B 280 -32.07 -15.59 -36.21
N ASP B 281 -32.12 -16.88 -35.91
CA ASP B 281 -33.33 -17.55 -35.48
C ASP B 281 -32.98 -18.58 -34.42
N PRO B 282 -33.97 -19.04 -33.65
CA PRO B 282 -33.66 -19.93 -32.52
C PRO B 282 -32.89 -21.18 -32.90
N LEU B 283 -33.14 -21.74 -34.09
CA LEU B 283 -32.36 -22.88 -34.54
C LEU B 283 -30.88 -22.54 -34.65
N SER B 284 -30.58 -21.34 -35.14
CA SER B 284 -29.20 -20.89 -35.20
C SER B 284 -28.60 -20.76 -33.81
N GLU B 285 -29.38 -20.28 -32.84
CA GLU B 285 -28.89 -20.20 -31.48
C GLU B 285 -28.60 -21.59 -30.93
N THR B 286 -29.44 -22.57 -31.26
CA THR B 286 -29.18 -23.94 -30.84
C THR B 286 -27.89 -24.47 -31.45
N LYS B 287 -27.68 -24.19 -32.74
CA LYS B 287 -26.45 -24.64 -33.39
C LYS B 287 -25.22 -23.96 -32.78
N CYS B 288 -25.37 -22.71 -32.34
CA CYS B 288 -24.28 -22.04 -31.63
C CYS B 288 -23.98 -22.75 -30.31
N THR B 289 -25.01 -22.95 -29.49
CA THR B 289 -24.80 -23.46 -28.14
C THR B 289 -24.27 -24.88 -28.16
N LEU B 290 -24.82 -25.73 -29.04
CA LEU B 290 -24.36 -27.11 -29.09
C LEU B 290 -23.02 -27.23 -29.81
N LYS B 291 -22.60 -26.18 -30.53
CA LYS B 291 -21.36 -26.18 -31.30
C LYS B 291 -21.34 -27.34 -32.29
N SER B 292 -22.30 -27.32 -33.21
CA SER B 292 -22.36 -28.28 -34.29
C SER B 292 -23.16 -27.69 -35.43
N PHE B 293 -22.96 -28.23 -36.63
CA PHE B 293 -23.70 -27.78 -37.79
C PHE B 293 -25.08 -28.43 -37.88
N THR B 294 -25.27 -29.57 -37.24
CA THR B 294 -26.55 -30.28 -37.24
C THR B 294 -27.02 -30.50 -35.80
N VAL B 295 -28.32 -30.41 -35.60
CA VAL B 295 -28.93 -30.53 -34.28
C VAL B 295 -29.86 -31.74 -34.29
N GLU B 296 -29.72 -32.61 -33.28
CA GLU B 296 -30.55 -33.80 -33.16
C GLU B 296 -31.90 -33.45 -32.54
N LYS B 297 -32.84 -34.37 -32.70
CA LYS B 297 -34.18 -34.20 -32.16
C LYS B 297 -34.17 -34.22 -30.63
N GLY B 298 -34.90 -33.31 -30.03
CA GLY B 298 -35.01 -33.24 -28.58
C GLY B 298 -35.23 -31.80 -28.14
N ILE B 299 -34.96 -31.57 -26.85
CA ILE B 299 -35.06 -30.25 -26.25
C ILE B 299 -33.68 -29.83 -25.77
N TYR B 300 -33.34 -28.56 -25.98
CA TYR B 300 -32.03 -28.05 -25.62
C TYR B 300 -32.17 -26.66 -24.99
N GLN B 301 -31.36 -26.42 -23.96
CA GLN B 301 -31.32 -25.11 -23.30
C GLN B 301 -30.21 -24.27 -23.93
N THR B 302 -30.60 -23.14 -24.54
CA THR B 302 -29.66 -22.32 -25.29
C THR B 302 -29.31 -21.02 -24.56
N SER B 303 -30.32 -20.22 -24.20
CA SER B 303 -30.10 -18.91 -23.60
C SER B 303 -30.93 -18.78 -22.33
N ASN B 304 -30.82 -17.63 -21.67
CA ASN B 304 -31.48 -17.37 -20.40
C ASN B 304 -32.28 -16.07 -20.50
N PHE B 305 -33.60 -16.19 -20.36
CA PHE B 305 -34.46 -15.01 -20.45
C PHE B 305 -34.47 -14.27 -19.12
N ARG B 306 -34.49 -12.93 -19.21
CA ARG B 306 -34.39 -12.11 -18.02
C ARG B 306 -34.99 -10.74 -18.31
N VAL B 307 -35.92 -10.31 -17.46
CA VAL B 307 -36.52 -8.99 -17.63
C VAL B 307 -35.53 -7.93 -17.15
N GLN B 308 -35.42 -6.84 -17.91
CA GLN B 308 -34.51 -5.76 -17.56
C GLN B 308 -35.32 -4.54 -17.13
N PRO B 309 -35.10 -4.04 -15.92
CA PRO B 309 -35.80 -2.82 -15.50
C PRO B 309 -35.47 -1.65 -16.42
N THR B 310 -36.47 -0.81 -16.64
CA THR B 310 -36.32 0.30 -17.58
C THR B 310 -36.03 1.63 -16.90
N GLU B 311 -36.31 1.76 -15.61
CA GLU B 311 -36.13 3.03 -14.93
C GLU B 311 -35.67 2.76 -13.50
N SER B 312 -35.25 3.83 -12.83
CA SER B 312 -34.81 3.77 -11.43
C SER B 312 -35.69 4.66 -10.59
N ILE B 313 -35.84 4.31 -9.32
CA ILE B 313 -36.61 5.09 -8.36
C ILE B 313 -35.80 5.24 -7.08
N VAL B 314 -35.89 6.41 -6.47
CA VAL B 314 -35.31 6.68 -5.16
C VAL B 314 -36.39 7.34 -4.31
N ARG B 315 -36.51 6.92 -3.06
CA ARG B 315 -37.61 7.33 -2.22
C ARG B 315 -37.08 7.96 -0.94
N PHE B 316 -37.86 8.86 -0.36
CA PHE B 316 -37.42 9.64 0.79
C PHE B 316 -38.65 10.00 1.62
N PRO B 317 -38.44 10.44 2.88
CA PRO B 317 -39.60 10.63 3.78
C PRO B 317 -40.48 11.83 3.46
N ASN B 318 -41.46 12.07 4.34
CA ASN B 318 -42.62 12.94 4.11
C ASN B 318 -42.96 13.62 5.44
N ILE B 319 -42.39 14.80 5.64
CA ILE B 319 -42.59 15.58 6.85
C ILE B 319 -42.55 17.05 6.49
N THR B 320 -43.56 17.81 6.91
CA THR B 320 -43.48 19.25 6.78
C THR B 320 -42.36 19.82 7.64
N ASN B 321 -42.20 19.28 8.86
CA ASN B 321 -41.11 19.69 9.73
C ASN B 321 -39.77 19.33 9.11
N LEU B 322 -38.80 20.22 9.28
CA LEU B 322 -37.50 20.10 8.62
C LEU B 322 -36.49 20.90 9.43
N CYS B 323 -35.31 21.11 8.85
CA CYS B 323 -34.33 21.99 9.46
C CYS B 323 -34.93 23.39 9.60
N PRO B 324 -34.69 24.07 10.72
CA PRO B 324 -35.25 25.42 10.95
C PRO B 324 -34.50 26.51 10.20
N PHE B 325 -34.26 26.28 8.91
CA PHE B 325 -33.60 27.29 8.08
C PHE B 325 -34.45 28.55 7.97
N GLY B 326 -35.76 28.39 7.80
CA GLY B 326 -36.62 29.55 7.67
C GLY B 326 -36.62 30.44 8.90
N GLU B 327 -36.60 29.82 10.08
CA GLU B 327 -36.60 30.59 11.32
C GLU B 327 -35.28 31.31 11.57
N VAL B 328 -34.20 30.87 10.93
CA VAL B 328 -32.90 31.52 11.09
C VAL B 328 -32.67 32.58 10.03
N PHE B 329 -32.93 32.26 8.76
CA PHE B 329 -32.74 33.23 7.69
C PHE B 329 -33.77 34.35 7.77
N ASN B 330 -35.03 34.03 8.05
CA ASN B 330 -36.09 35.04 8.14
C ASN B 330 -36.30 35.52 9.56
N ALA B 331 -35.32 35.34 10.44
CA ALA B 331 -35.46 35.79 11.82
C ALA B 331 -35.56 37.31 11.89
N THR B 332 -36.25 37.81 12.92
CA THR B 332 -36.38 39.26 13.07
C THR B 332 -35.09 39.91 13.54
N ARG B 333 -34.38 39.29 14.49
CA ARG B 333 -33.20 39.87 15.11
C ARG B 333 -32.00 38.94 14.93
N PHE B 334 -30.83 39.56 14.74
CA PHE B 334 -29.57 38.86 14.53
C PHE B 334 -28.51 39.46 15.44
N ALA B 335 -27.62 38.61 15.95
CA ALA B 335 -26.67 39.01 16.97
C ALA B 335 -25.61 39.98 16.42
N SER B 336 -24.85 40.57 17.33
CA SER B 336 -23.74 41.43 16.94
C SER B 336 -22.64 40.62 16.27
N VAL B 337 -21.83 41.32 15.46
CA VAL B 337 -20.85 40.65 14.60
C VAL B 337 -19.54 40.36 15.32
N TYR B 338 -19.33 40.89 16.52
CA TYR B 338 -18.17 40.54 17.32
C TYR B 338 -18.54 39.69 18.53
N ALA B 339 -19.81 39.31 18.66
CA ALA B 339 -20.26 38.28 19.60
C ALA B 339 -21.14 37.35 18.78
N TRP B 340 -20.51 36.38 18.11
CA TRP B 340 -21.18 35.60 17.08
C TRP B 340 -22.05 34.51 17.71
N ASN B 341 -23.34 34.58 17.41
CA ASN B 341 -24.27 33.51 17.77
C ASN B 341 -24.10 32.35 16.79
N ARG B 342 -23.64 31.21 17.29
CA ARG B 342 -23.45 30.01 16.48
C ARG B 342 -24.58 29.05 16.80
N LYS B 343 -25.32 28.63 15.78
CA LYS B 343 -26.39 27.66 15.96
C LYS B 343 -26.04 26.37 15.25
N ARG B 344 -26.56 25.26 15.75
CA ARG B 344 -26.33 23.96 15.15
C ARG B 344 -27.67 23.36 14.74
N ILE B 345 -27.69 22.69 13.59
CA ILE B 345 -28.90 22.06 13.08
C ILE B 345 -28.62 20.57 12.93
N SER B 346 -29.44 19.74 13.56
CA SER B 346 -29.19 18.31 13.58
C SER B 346 -30.48 17.55 13.79
N ASN B 347 -30.44 16.25 13.48
CA ASN B 347 -31.58 15.34 13.66
C ASN B 347 -32.81 15.82 12.90
N CYS B 348 -32.60 16.43 11.74
CA CYS B 348 -33.70 16.96 10.94
C CYS B 348 -33.23 17.19 9.52
N VAL B 349 -34.19 17.18 8.59
CA VAL B 349 -33.92 17.14 7.16
C VAL B 349 -33.77 18.55 6.61
N ALA B 350 -32.80 18.72 5.70
CA ALA B 350 -32.45 20.01 5.14
C ALA B 350 -32.81 20.06 3.66
N ASP B 351 -33.56 21.08 3.27
CA ASP B 351 -33.88 21.34 1.87
C ASP B 351 -33.12 22.60 1.46
N TYR B 352 -31.92 22.41 0.90
CA TYR B 352 -31.10 23.55 0.49
C TYR B 352 -31.60 24.18 -0.81
N SER B 353 -32.49 23.51 -1.55
CA SER B 353 -33.02 24.09 -2.77
C SER B 353 -33.91 25.30 -2.51
N VAL B 354 -34.52 25.38 -1.32
CA VAL B 354 -35.28 26.57 -0.95
C VAL B 354 -34.35 27.78 -0.86
N LEU B 355 -33.18 27.60 -0.25
CA LEU B 355 -32.24 28.70 -0.12
C LEU B 355 -31.57 29.02 -1.45
N TYR B 356 -31.25 28.00 -2.24
CA TYR B 356 -30.50 28.21 -3.48
C TYR B 356 -31.37 28.84 -4.56
N ASN B 357 -32.62 28.39 -4.68
CA ASN B 357 -33.51 28.84 -5.74
C ASN B 357 -34.34 30.06 -5.37
N SER B 358 -34.13 30.64 -4.19
CA SER B 358 -34.94 31.76 -3.74
C SER B 358 -34.75 33.00 -4.60
N ALA B 359 -33.61 33.12 -5.29
CA ALA B 359 -33.28 34.27 -6.13
C ALA B 359 -33.32 35.59 -5.36
N SER B 360 -33.25 35.53 -4.04
CA SER B 360 -33.25 36.71 -3.19
C SER B 360 -31.91 36.97 -2.51
N PHE B 361 -31.09 35.94 -2.34
CA PHE B 361 -29.79 36.10 -1.69
C PHE B 361 -28.79 36.70 -2.69
N SER B 362 -28.05 37.71 -2.23
CA SER B 362 -27.14 38.42 -3.12
C SER B 362 -25.94 37.56 -3.51
N THR B 363 -25.32 36.89 -2.55
CA THR B 363 -24.12 36.11 -2.81
C THR B 363 -24.34 34.66 -2.37
N PHE B 364 -24.02 33.73 -3.26
CA PHE B 364 -23.86 32.31 -2.93
C PHE B 364 -22.40 31.96 -3.20
N LYS B 365 -21.70 31.43 -2.19
CA LYS B 365 -20.29 31.06 -2.35
C LYS B 365 -20.06 29.76 -1.59
N CYS B 366 -19.98 28.65 -2.33
CA CYS B 366 -19.79 27.33 -1.73
C CYS B 366 -18.40 26.82 -2.07
N TYR B 367 -17.70 26.30 -1.05
CA TYR B 367 -16.33 25.82 -1.18
C TYR B 367 -16.28 24.39 -0.69
N GLY B 368 -15.76 23.49 -1.52
CA GLY B 368 -15.65 22.08 -1.20
C GLY B 368 -16.84 21.25 -1.65
N VAL B 369 -18.03 21.85 -1.70
CA VAL B 369 -19.24 21.17 -2.16
C VAL B 369 -19.97 22.10 -3.13
N SER B 370 -20.38 21.56 -4.27
CA SER B 370 -21.15 22.34 -5.22
C SER B 370 -22.52 22.67 -4.63
N PRO B 371 -23.07 23.85 -4.92
CA PRO B 371 -24.35 24.23 -4.31
C PRO B 371 -25.54 23.44 -4.83
N THR B 372 -25.44 22.84 -6.02
CA THR B 372 -26.51 22.01 -6.53
C THR B 372 -26.49 20.58 -5.97
N LYS B 373 -25.37 20.17 -5.36
CA LYS B 373 -25.29 18.88 -4.69
C LYS B 373 -25.37 19.01 -3.18
N LEU B 374 -25.74 20.18 -2.67
CA LEU B 374 -25.90 20.35 -1.23
C LEU B 374 -27.00 19.45 -0.70
N ASN B 375 -28.07 19.28 -1.47
CA ASN B 375 -29.14 18.35 -1.09
C ASN B 375 -28.75 16.90 -1.29
N ASP B 376 -27.74 16.62 -2.13
CA ASP B 376 -27.35 15.24 -2.39
C ASP B 376 -26.65 14.62 -1.19
N LEU B 377 -25.70 15.34 -0.60
CA LEU B 377 -24.84 14.75 0.42
C LEU B 377 -25.50 14.81 1.80
N CYS B 378 -25.03 13.95 2.68
CA CYS B 378 -25.46 13.91 4.08
C CYS B 378 -24.30 14.37 4.96
N PHE B 379 -24.58 15.34 5.83
CA PHE B 379 -23.58 15.94 6.68
C PHE B 379 -23.86 15.56 8.13
N THR B 380 -22.78 15.27 8.88
CA THR B 380 -22.94 14.88 10.27
C THR B 380 -23.55 16.00 11.10
N ASN B 381 -23.13 17.23 10.86
CA ASN B 381 -23.71 18.39 11.51
C ASN B 381 -23.54 19.59 10.60
N VAL B 382 -24.39 20.60 10.81
CA VAL B 382 -24.32 21.84 10.07
C VAL B 382 -24.39 23.01 11.06
N TYR B 383 -23.44 23.92 10.95
CA TYR B 383 -23.37 25.09 11.81
C TYR B 383 -23.82 26.30 11.01
N ALA B 384 -24.79 27.04 11.55
CA ALA B 384 -25.31 28.25 10.94
C ALA B 384 -24.88 29.46 11.75
N ASP B 385 -24.28 30.44 11.07
CA ASP B 385 -23.86 31.69 11.68
C ASP B 385 -24.48 32.82 10.89
N SER B 386 -25.30 33.64 11.54
CA SER B 386 -26.18 34.59 10.86
C SER B 386 -26.05 35.97 11.47
N PHE B 387 -25.50 36.93 10.71
CA PHE B 387 -25.18 38.25 11.25
C PHE B 387 -25.40 39.32 10.18
N VAL B 388 -25.00 40.56 10.51
CA VAL B 388 -25.29 41.75 9.70
C VAL B 388 -23.99 42.49 9.45
N ILE B 389 -23.54 42.51 8.19
CA ILE B 389 -22.22 43.02 7.83
C ILE B 389 -22.37 44.03 6.71
N ARG B 390 -21.43 44.98 6.65
CA ARG B 390 -21.47 45.98 5.59
C ARG B 390 -21.25 45.33 4.23
N GLY B 391 -21.72 46.02 3.18
CA GLY B 391 -21.70 45.42 1.85
C GLY B 391 -20.29 45.19 1.33
N ASP B 392 -19.42 46.18 1.49
CA ASP B 392 -18.05 46.05 0.99
C ASP B 392 -17.25 45.00 1.75
N GLU B 393 -17.66 44.64 2.95
CA GLU B 393 -16.99 43.62 3.75
C GLU B 393 -17.58 42.23 3.55
N VAL B 394 -18.61 42.09 2.72
CA VAL B 394 -19.12 40.77 2.38
C VAL B 394 -18.06 39.95 1.66
N ARG B 395 -17.26 40.61 0.82
CA ARG B 395 -16.17 39.95 0.12
C ARG B 395 -15.15 39.34 1.08
N GLN B 396 -15.08 39.84 2.31
CA GLN B 396 -14.13 39.33 3.30
C GLN B 396 -14.53 37.98 3.86
N ILE B 397 -15.73 37.50 3.58
CA ILE B 397 -16.22 36.23 4.12
C ILE B 397 -15.96 35.16 3.07
N ALA B 398 -14.77 34.58 3.12
CA ALA B 398 -14.36 33.48 2.26
C ALA B 398 -13.03 32.95 2.77
N PRO B 399 -12.69 31.70 2.46
CA PRO B 399 -11.43 31.13 2.96
C PRO B 399 -10.22 31.93 2.51
N GLY B 400 -9.26 32.08 3.42
CA GLY B 400 -7.96 32.65 3.09
C GLY B 400 -7.95 34.10 2.67
N GLN B 401 -8.74 34.95 3.34
CA GLN B 401 -8.79 36.37 3.01
C GLN B 401 -8.34 37.22 4.19
N THR B 402 -8.02 38.47 3.90
CA THR B 402 -7.58 39.45 4.88
C THR B 402 -8.60 40.58 4.97
N GLY B 403 -8.44 41.40 6.01
CA GLY B 403 -9.35 42.49 6.27
C GLY B 403 -9.65 42.63 7.75
N LYS B 404 -10.37 43.69 8.13
CA LYS B 404 -10.70 43.88 9.54
C LYS B 404 -11.57 42.75 10.06
N ILE B 405 -12.63 42.41 9.32
CA ILE B 405 -13.50 41.30 9.73
C ILE B 405 -12.77 39.97 9.57
N ALA B 406 -12.02 39.81 8.48
CA ALA B 406 -11.34 38.54 8.22
C ALA B 406 -10.28 38.24 9.27
N ASP B 407 -9.55 39.27 9.73
CA ASP B 407 -8.43 39.07 10.65
C ASP B 407 -8.81 39.35 12.10
N TYR B 408 -9.28 40.57 12.39
CA TYR B 408 -9.52 41.00 13.76
C TYR B 408 -10.84 40.48 14.33
N ASN B 409 -11.71 39.92 13.49
CA ASN B 409 -13.01 39.46 13.95
C ASN B 409 -13.13 37.94 13.96
N TYR B 410 -12.94 37.29 12.82
CA TYR B 410 -13.14 35.84 12.74
C TYR B 410 -12.30 35.30 11.59
N LYS B 411 -11.22 34.61 11.93
CA LYS B 411 -10.35 34.01 10.92
C LYS B 411 -11.05 32.84 10.24
N LEU B 412 -10.90 32.76 8.92
CA LEU B 412 -11.49 31.70 8.12
C LEU B 412 -10.40 30.79 7.58
N PRO B 413 -10.40 29.50 7.92
CA PRO B 413 -9.34 28.61 7.43
C PRO B 413 -9.46 28.35 5.95
N ASP B 414 -8.35 27.89 5.36
CA ASP B 414 -8.24 27.69 3.93
C ASP B 414 -8.90 26.41 3.44
N ASP B 415 -9.39 25.56 4.33
CA ASP B 415 -9.92 24.26 3.94
C ASP B 415 -11.40 24.13 4.22
N PHE B 416 -12.17 25.17 3.89
CA PHE B 416 -13.61 25.15 4.11
C PHE B 416 -14.29 24.08 3.28
N THR B 417 -15.32 23.46 3.88
CA THR B 417 -16.31 22.66 3.15
C THR B 417 -17.66 23.21 3.62
N GLY B 418 -18.10 24.29 2.98
CA GLY B 418 -19.28 25.00 3.45
C GLY B 418 -19.60 26.16 2.54
N CYS B 419 -20.70 26.83 2.86
CA CYS B 419 -21.25 27.86 2.00
C CYS B 419 -21.46 29.17 2.76
N VAL B 420 -21.35 30.27 2.04
CA VAL B 420 -21.65 31.61 2.55
C VAL B 420 -22.77 32.19 1.69
N ILE B 421 -23.82 32.69 2.35
CA ILE B 421 -25.01 33.19 1.68
C ILE B 421 -25.29 34.58 2.22
N ALA B 422 -25.59 35.53 1.34
CA ALA B 422 -25.84 36.89 1.77
C ALA B 422 -26.98 37.51 0.97
N TRP B 423 -27.83 38.26 1.67
CA TRP B 423 -28.90 39.01 1.01
C TRP B 423 -29.05 40.37 1.67
N ASN B 424 -29.41 41.37 0.88
CA ASN B 424 -29.47 42.73 1.41
C ASN B 424 -30.56 42.85 2.47
N SER B 425 -30.27 43.61 3.52
CA SER B 425 -31.20 43.84 4.62
C SER B 425 -31.39 45.34 4.84
N ASN B 426 -31.50 46.09 3.75
CA ASN B 426 -31.65 47.53 3.86
C ASN B 426 -32.97 47.93 4.50
N ASN B 427 -34.06 47.23 4.15
CA ASN B 427 -35.39 47.59 4.62
C ASN B 427 -35.77 46.93 5.93
N LEU B 428 -34.86 46.17 6.54
CA LEU B 428 -35.13 45.50 7.81
C LEU B 428 -34.17 45.86 8.92
N ASP B 429 -32.93 46.20 8.60
CA ASP B 429 -31.92 46.51 9.62
C ASP B 429 -31.68 48.01 9.79
N SER B 430 -31.88 48.80 8.75
CA SER B 430 -31.55 50.22 8.79
C SER B 430 -32.74 51.05 9.28
N LYS B 431 -32.43 52.15 9.95
CA LYS B 431 -33.41 53.13 10.38
C LYS B 431 -32.95 54.52 9.99
N VAL B 432 -33.90 55.46 9.98
CA VAL B 432 -33.62 56.82 9.53
C VAL B 432 -32.58 57.48 10.44
N GLY B 433 -32.72 57.30 11.75
CA GLY B 433 -31.78 57.87 12.69
C GLY B 433 -30.51 57.08 12.86
N GLY B 434 -30.36 55.96 12.16
CA GLY B 434 -29.17 55.16 12.24
C GLY B 434 -29.25 54.07 13.29
N ASN B 435 -29.07 52.82 12.88
CA ASN B 435 -29.07 51.69 13.80
C ASN B 435 -27.64 51.42 14.24
N TYR B 436 -27.32 51.75 15.49
CA TYR B 436 -25.97 51.59 16.04
C TYR B 436 -25.91 50.46 17.05
N ASN B 437 -26.73 49.42 16.86
CA ASN B 437 -26.77 48.27 17.75
C ASN B 437 -25.78 47.18 17.36
N TYR B 438 -25.12 47.30 16.20
CA TYR B 438 -24.12 46.35 15.75
C TYR B 438 -22.75 47.01 15.86
N LEU B 439 -21.89 46.44 16.69
CA LEU B 439 -20.61 47.04 17.04
C LEU B 439 -19.46 46.24 16.45
N TYR B 440 -18.43 46.94 15.98
CA TYR B 440 -17.30 46.34 15.30
C TYR B 440 -16.00 46.81 15.95
N ARG B 441 -15.04 45.90 16.07
CA ARG B 441 -13.73 46.26 16.58
C ARG B 441 -12.77 46.49 15.42
N LEU B 442 -11.94 47.52 15.55
CA LEU B 442 -10.93 47.84 14.55
C LEU B 442 -9.51 47.67 15.07
N PHE B 443 -9.33 47.45 16.37
CA PHE B 443 -8.02 47.30 16.98
C PHE B 443 -8.01 46.05 17.84
N ARG B 444 -6.99 45.21 17.65
CA ARG B 444 -6.78 44.05 18.52
C ARG B 444 -5.29 43.80 18.64
N LYS B 445 -4.92 43.05 19.69
CA LYS B 445 -3.51 42.76 19.93
C LYS B 445 -2.93 41.87 18.83
N SER B 446 -3.70 40.90 18.35
CA SER B 446 -3.18 39.95 17.37
C SER B 446 -4.34 39.39 16.56
N ASN B 447 -3.98 38.76 15.43
CA ASN B 447 -4.97 38.09 14.60
C ASN B 447 -5.53 36.88 15.34
N LEU B 448 -6.74 36.48 14.95
CA LEU B 448 -7.51 35.49 15.69
C LEU B 448 -7.35 34.10 15.08
N LYS B 449 -7.70 33.10 15.88
CA LYS B 449 -7.70 31.71 15.48
C LYS B 449 -8.96 31.39 14.68
N PRO B 450 -8.94 30.36 13.85
CA PRO B 450 -10.17 29.97 13.13
C PRO B 450 -11.26 29.56 14.10
N PHE B 451 -12.48 30.03 13.80
CA PHE B 451 -13.67 29.76 14.63
C PHE B 451 -13.43 30.14 16.09
N GLU B 452 -12.80 31.30 16.29
CA GLU B 452 -12.51 31.81 17.63
C GLU B 452 -13.39 33.02 17.92
N ARG B 453 -14.11 32.96 19.04
CA ARG B 453 -15.01 34.02 19.46
C ARG B 453 -14.43 34.72 20.69
N ASP B 454 -14.28 36.04 20.61
CA ASP B 454 -13.90 36.86 21.75
C ASP B 454 -14.95 37.95 21.95
N ILE B 455 -15.37 38.13 23.20
CA ILE B 455 -16.34 39.13 23.58
C ILE B 455 -15.76 40.11 24.61
N SER B 456 -14.46 40.01 24.89
CA SER B 456 -13.83 40.88 25.87
C SER B 456 -13.90 42.34 25.43
N THR B 457 -14.23 43.21 26.39
CA THR B 457 -14.41 44.63 26.13
C THR B 457 -13.28 45.47 26.71
N GLU B 458 -12.12 44.88 26.96
CA GLU B 458 -10.99 45.62 27.51
C GLU B 458 -10.53 46.69 26.52
N ILE B 459 -10.16 47.85 27.06
CA ILE B 459 -9.69 48.95 26.23
C ILE B 459 -8.26 48.65 25.79
N TYR B 460 -8.04 48.65 24.48
CA TYR B 460 -6.72 48.32 23.94
C TYR B 460 -5.75 49.47 24.16
N GLN B 461 -4.46 49.11 24.24
CA GLN B 461 -3.39 50.07 24.50
C GLN B 461 -2.68 50.36 23.17
N ALA B 462 -3.02 51.51 22.56
CA ALA B 462 -2.39 51.89 21.31
C ALA B 462 -0.95 52.38 21.52
N GLY B 463 -0.67 53.01 22.65
CA GLY B 463 0.65 53.52 22.97
C GLY B 463 1.40 52.62 23.93
N SER B 464 2.29 53.23 24.71
CA SER B 464 3.09 52.51 25.69
C SER B 464 2.50 52.55 27.09
N THR B 465 1.81 53.63 27.46
CA THR B 465 1.20 53.71 28.77
C THR B 465 -0.01 52.78 28.86
N PRO B 466 -0.24 52.16 30.02
CA PRO B 466 -1.39 51.26 30.16
C PRO B 466 -2.69 52.03 30.32
N CYS B 467 -3.75 51.47 29.75
CA CYS B 467 -5.07 52.10 29.82
C CYS B 467 -5.79 51.76 31.12
N ASN B 468 -5.60 50.55 31.64
CA ASN B 468 -6.24 50.11 32.89
C ASN B 468 -7.76 50.25 32.80
N GLY B 469 -8.32 49.94 31.63
CA GLY B 469 -9.76 49.99 31.44
C GLY B 469 -10.34 51.37 31.30
N VAL B 470 -9.52 52.40 31.10
CA VAL B 470 -9.98 53.77 30.98
C VAL B 470 -9.42 54.36 29.69
N GLU B 471 -10.28 55.01 28.92
CA GLU B 471 -9.84 55.66 27.69
C GLU B 471 -8.98 56.89 28.01
N GLY B 472 -8.54 57.55 26.96
CA GLY B 472 -7.68 58.71 27.06
C GLY B 472 -6.75 58.77 25.86
N PHE B 473 -5.55 59.29 26.10
CA PHE B 473 -4.54 59.36 25.06
C PHE B 473 -4.03 57.96 24.75
N ASN B 474 -4.11 57.57 23.48
CA ASN B 474 -3.69 56.25 23.01
C ASN B 474 -4.46 55.13 23.74
N CYS B 475 -5.75 55.37 23.99
CA CYS B 475 -6.62 54.39 24.61
C CYS B 475 -8.01 54.53 24.02
N TYR B 476 -8.51 53.45 23.39
CA TYR B 476 -9.80 53.46 22.72
C TYR B 476 -10.61 52.25 23.12
N PHE B 477 -11.93 52.43 23.22
CA PHE B 477 -12.81 51.30 23.40
C PHE B 477 -12.80 50.42 22.14
N PRO B 478 -12.92 49.11 22.30
CA PRO B 478 -12.77 48.22 21.13
C PRO B 478 -13.87 48.40 20.11
N LEU B 479 -15.11 48.63 20.54
CA LEU B 479 -16.27 48.56 19.66
C LEU B 479 -16.72 49.95 19.23
N GLN B 480 -16.82 50.15 17.92
CA GLN B 480 -17.42 51.32 17.30
C GLN B 480 -18.71 50.93 16.62
N SER B 481 -19.60 51.91 16.44
CA SER B 481 -20.91 51.67 15.87
C SER B 481 -20.92 52.03 14.39
N TYR B 482 -21.86 51.42 13.66
CA TYR B 482 -22.05 51.67 12.25
C TYR B 482 -23.32 52.47 12.02
N GLY B 483 -23.26 53.40 11.08
CA GLY B 483 -24.42 54.21 10.74
C GLY B 483 -25.31 53.55 9.71
N PHE B 484 -26.02 52.49 10.11
CA PHE B 484 -26.92 51.80 9.19
C PHE B 484 -28.13 52.68 8.92
N GLN B 485 -28.25 53.14 7.68
CA GLN B 485 -29.33 54.02 7.26
C GLN B 485 -29.92 53.52 5.95
N PRO B 486 -31.21 53.77 5.70
CA PRO B 486 -31.79 53.37 4.40
C PRO B 486 -31.34 54.22 3.24
N THR B 487 -30.70 55.36 3.50
CA THR B 487 -30.17 56.23 2.46
C THR B 487 -28.67 56.01 2.21
N ASN B 488 -28.06 55.05 2.88
CA ASN B 488 -26.63 54.83 2.76
C ASN B 488 -26.30 54.05 1.48
N GLY B 489 -25.03 54.08 1.11
CA GLY B 489 -24.57 53.47 -0.12
C GLY B 489 -24.39 51.98 -0.01
N VAL B 490 -23.93 51.38 -1.12
CA VAL B 490 -23.80 49.93 -1.20
C VAL B 490 -22.79 49.42 -0.18
N GLY B 491 -21.65 50.10 -0.04
CA GLY B 491 -20.62 49.65 0.87
C GLY B 491 -21.02 49.74 2.33
N TYR B 492 -21.95 50.64 2.66
CA TYR B 492 -22.35 50.86 4.04
C TYR B 492 -23.71 50.29 4.38
N GLN B 493 -24.50 49.88 3.40
CA GLN B 493 -25.80 49.28 3.68
C GLN B 493 -25.61 47.92 4.35
N PRO B 494 -26.58 47.50 5.18
CA PRO B 494 -26.43 46.22 5.89
C PRO B 494 -26.86 45.03 5.06
N TYR B 495 -25.99 44.04 4.95
CA TYR B 495 -26.27 42.78 4.27
C TYR B 495 -26.28 41.66 5.29
N ARG B 496 -27.30 40.83 5.22
CA ARG B 496 -27.55 39.76 6.17
C ARG B 496 -26.86 38.52 5.66
N VAL B 497 -25.87 38.00 6.41
CA VAL B 497 -24.98 36.95 5.93
C VAL B 497 -25.06 35.75 6.87
N VAL B 498 -25.27 34.57 6.29
CA VAL B 498 -25.29 33.32 7.01
C VAL B 498 -24.27 32.38 6.37
N VAL B 499 -23.37 31.84 7.19
CA VAL B 499 -22.43 30.82 6.76
C VAL B 499 -22.89 29.49 7.33
N LEU B 500 -22.95 28.48 6.46
CA LEU B 500 -23.30 27.10 6.83
C LEU B 500 -22.05 26.26 6.65
N SER B 501 -21.50 25.78 7.77
CA SER B 501 -20.35 24.89 7.72
C SER B 501 -20.83 23.47 7.90
N PHE B 502 -20.50 22.61 6.94
CA PHE B 502 -20.91 21.22 6.94
C PHE B 502 -19.78 20.36 7.48
N GLU B 503 -20.10 19.45 8.40
CA GLU B 503 -19.11 18.57 8.99
C GLU B 503 -19.18 17.22 8.27
N LEU B 504 -18.16 16.92 7.47
CA LEU B 504 -18.08 15.69 6.69
C LEU B 504 -16.95 14.84 7.25
N LEU B 505 -17.30 13.96 8.19
CA LEU B 505 -16.35 13.06 8.84
C LEU B 505 -16.91 11.64 8.78
N HIS B 506 -16.14 10.70 9.33
CA HIS B 506 -16.61 9.32 9.51
C HIS B 506 -17.48 9.26 10.76
N ALA B 507 -18.60 9.98 10.69
CA ALA B 507 -19.50 10.19 11.81
C ALA B 507 -20.93 10.08 11.31
N PRO B 508 -21.88 9.80 12.21
CA PRO B 508 -23.28 9.63 11.77
C PRO B 508 -23.82 10.88 11.12
N ALA B 509 -24.68 10.69 10.12
CA ALA B 509 -25.26 11.78 9.35
C ALA B 509 -26.65 12.10 9.90
N THR B 510 -26.78 13.25 10.56
CA THR B 510 -28.06 13.70 11.08
C THR B 510 -28.75 14.71 10.18
N VAL B 511 -28.04 15.27 9.20
CA VAL B 511 -28.60 16.23 8.27
C VAL B 511 -28.52 15.64 6.87
N CYS B 512 -29.66 15.52 6.20
CA CYS B 512 -29.73 14.94 4.86
C CYS B 512 -30.76 15.68 4.04
N GLY B 513 -30.61 15.61 2.73
CA GLY B 513 -31.53 16.21 1.81
C GLY B 513 -32.51 15.21 1.23
N PRO B 514 -33.79 15.40 1.54
CA PRO B 514 -34.82 14.55 0.91
C PRO B 514 -34.84 14.66 -0.61
N LYS B 515 -34.29 15.72 -1.18
CA LYS B 515 -34.17 15.91 -2.62
C LYS B 515 -35.57 15.87 -3.21
N LYS B 516 -35.83 15.07 -4.24
CA LYS B 516 -37.14 14.97 -4.87
C LYS B 516 -37.78 13.66 -4.45
N SER B 517 -38.95 13.75 -3.83
CA SER B 517 -39.67 12.55 -3.43
C SER B 517 -40.27 11.91 -4.67
N THR B 518 -39.49 11.08 -5.36
CA THR B 518 -39.93 10.52 -6.64
C THR B 518 -41.24 9.79 -6.48
N ASN B 519 -42.21 10.14 -7.32
CA ASN B 519 -43.56 9.61 -7.18
C ASN B 519 -43.53 8.10 -7.36
N LEU B 520 -44.38 7.41 -6.60
CA LEU B 520 -44.33 5.96 -6.54
C LEU B 520 -44.80 5.35 -7.86
N VAL B 521 -43.97 4.49 -8.43
CA VAL B 521 -44.27 3.78 -9.67
C VAL B 521 -44.11 2.29 -9.38
N LYS B 522 -45.23 1.59 -9.29
CA LYS B 522 -45.27 0.21 -8.83
C LYS B 522 -45.59 -0.74 -9.99
N ASN B 523 -45.62 -2.03 -9.66
CA ASN B 523 -46.06 -3.09 -10.57
C ASN B 523 -45.25 -3.12 -11.87
N LYS B 524 -43.99 -2.72 -11.77
CA LYS B 524 -43.04 -2.79 -12.89
C LYS B 524 -41.67 -2.81 -12.25
N CYS B 525 -40.90 -3.88 -12.47
CA CYS B 525 -39.68 -4.04 -11.69
C CYS B 525 -38.71 -2.93 -12.04
N VAL B 526 -38.37 -2.14 -11.04
CA VAL B 526 -37.50 -0.98 -11.20
C VAL B 526 -36.26 -1.17 -10.35
N ASN B 527 -35.28 -0.30 -10.58
CA ASN B 527 -34.14 -0.17 -9.70
C ASN B 527 -34.54 0.77 -8.58
N PHE B 528 -34.54 0.27 -7.34
CA PHE B 528 -34.99 1.03 -6.19
C PHE B 528 -33.83 1.29 -5.24
N ASN B 529 -33.90 2.45 -4.57
CA ASN B 529 -32.92 2.85 -3.57
C ASN B 529 -33.70 3.47 -2.41
N PHE B 530 -34.03 2.65 -1.42
CA PHE B 530 -34.77 3.08 -0.25
C PHE B 530 -33.81 3.31 0.91
N ASN B 531 -33.60 4.58 1.26
CA ASN B 531 -32.84 4.95 2.44
C ASN B 531 -31.43 4.33 2.43
N GLY B 532 -30.88 4.11 1.24
CA GLY B 532 -29.58 3.51 1.10
C GLY B 532 -29.56 2.09 0.58
N LEU B 533 -30.67 1.35 0.67
CA LEU B 533 -30.70 0.01 0.10
C LEU B 533 -30.87 0.14 -1.41
N THR B 534 -29.97 -0.49 -2.16
CA THR B 534 -30.00 -0.47 -3.61
C THR B 534 -30.32 -1.88 -4.10
N GLY B 535 -31.35 -1.99 -4.94
CA GLY B 535 -31.73 -3.29 -5.44
C GLY B 535 -32.56 -3.15 -6.69
N THR B 536 -32.91 -4.29 -7.26
CA THR B 536 -33.75 -4.36 -8.45
C THR B 536 -34.91 -5.30 -8.19
N GLY B 537 -36.10 -4.90 -8.59
CA GLY B 537 -37.25 -5.77 -8.43
C GLY B 537 -38.55 -5.02 -8.55
N VAL B 538 -39.64 -5.78 -8.49
CA VAL B 538 -40.98 -5.24 -8.60
C VAL B 538 -41.53 -4.98 -7.22
N LEU B 539 -42.24 -3.87 -7.07
CA LEU B 539 -42.85 -3.45 -5.81
C LEU B 539 -44.35 -3.70 -5.91
N THR B 540 -44.90 -4.33 -4.87
CA THR B 540 -46.33 -4.60 -4.83
C THR B 540 -46.86 -4.22 -3.46
N GLU B 541 -48.13 -3.79 -3.42
CA GLU B 541 -48.76 -3.54 -2.15
C GLU B 541 -48.83 -4.82 -1.34
N SER B 542 -48.54 -4.72 -0.05
CA SER B 542 -48.50 -5.89 0.81
C SER B 542 -49.26 -5.60 2.11
N ASN B 543 -49.89 -6.63 2.64
CA ASN B 543 -50.75 -6.51 3.80
C ASN B 543 -50.03 -6.82 5.12
N LYS B 544 -48.72 -7.07 5.08
CA LYS B 544 -47.98 -7.30 6.32
C LYS B 544 -47.95 -6.02 7.15
N LYS B 545 -47.59 -6.18 8.42
CA LYS B 545 -47.45 -5.07 9.36
C LYS B 545 -46.03 -5.06 9.91
N PHE B 546 -45.30 -3.98 9.62
CA PHE B 546 -44.00 -3.78 10.22
C PHE B 546 -44.15 -3.06 11.56
N LEU B 547 -43.24 -3.36 12.49
CA LEU B 547 -43.18 -2.58 13.70
C LEU B 547 -42.68 -1.16 13.38
N PRO B 548 -43.13 -0.16 14.14
CA PRO B 548 -42.83 1.24 13.75
C PRO B 548 -41.36 1.51 13.57
N PHE B 549 -40.49 0.88 14.36
CA PHE B 549 -39.06 1.05 14.22
C PHE B 549 -38.46 0.18 13.12
N GLN B 550 -39.16 -0.85 12.65
CA GLN B 550 -38.59 -1.75 11.67
C GLN B 550 -38.71 -1.17 10.26
N GLN B 551 -37.59 -1.20 9.54
CA GLN B 551 -37.54 -0.73 8.16
C GLN B 551 -37.40 -1.85 7.14
N PHE B 552 -37.05 -3.06 7.58
CA PHE B 552 -36.70 -4.15 6.68
C PHE B 552 -37.62 -5.34 6.92
N GLY B 553 -37.75 -6.16 5.90
CA GLY B 553 -38.35 -7.47 6.03
C GLY B 553 -37.43 -8.53 5.44
N ARG B 554 -37.18 -9.60 6.18
CA ARG B 554 -36.27 -10.64 5.74
C ARG B 554 -37.02 -11.93 5.48
N ASP B 555 -36.60 -12.63 4.42
CA ASP B 555 -37.06 -13.98 4.16
C ASP B 555 -36.38 -14.93 5.14
N ILE B 556 -36.60 -16.23 4.97
CA ILE B 556 -35.87 -17.21 5.75
C ILE B 556 -34.38 -17.08 5.48
N ALA B 557 -34.02 -16.78 4.23
CA ALA B 557 -32.65 -16.48 3.87
C ALA B 557 -32.39 -14.98 4.08
N ASP B 558 -31.23 -14.52 3.62
CA ASP B 558 -30.83 -13.13 3.81
C ASP B 558 -31.55 -12.17 2.87
N THR B 559 -32.21 -12.66 1.84
CA THR B 559 -32.84 -11.78 0.85
C THR B 559 -33.96 -10.98 1.50
N THR B 560 -33.92 -9.66 1.33
CA THR B 560 -34.98 -8.80 1.85
C THR B 560 -36.19 -8.85 0.94
N ASP B 561 -37.37 -8.76 1.53
CA ASP B 561 -38.61 -8.90 0.76
C ASP B 561 -39.52 -7.69 0.87
N ALA B 562 -39.75 -7.18 2.07
CA ALA B 562 -40.70 -6.09 2.28
C ALA B 562 -40.00 -4.88 2.88
N VAL B 563 -40.33 -3.70 2.37
CA VAL B 563 -39.73 -2.45 2.78
C VAL B 563 -40.83 -1.46 3.11
N ARG B 564 -40.61 -0.66 4.15
CA ARG B 564 -41.58 0.32 4.62
C ARG B 564 -41.43 1.61 3.83
N ASP B 565 -42.56 2.17 3.39
CA ASP B 565 -42.53 3.43 2.65
C ASP B 565 -42.40 4.60 3.62
N PRO B 566 -41.31 5.37 3.58
CA PRO B 566 -41.16 6.49 4.51
C PRO B 566 -42.26 7.54 4.39
N GLN B 567 -42.85 7.71 3.20
CA GLN B 567 -43.91 8.70 3.06
C GLN B 567 -45.17 8.27 3.78
N THR B 568 -45.76 7.17 3.34
CA THR B 568 -47.01 6.68 3.89
C THR B 568 -46.87 5.17 3.98
N LEU B 569 -47.12 4.61 5.17
CA LEU B 569 -46.49 3.35 5.54
C LEU B 569 -46.81 2.17 4.61
N GLU B 570 -48.02 1.60 4.70
CA GLU B 570 -48.52 0.61 3.73
C GLU B 570 -47.44 -0.27 3.12
N ILE B 571 -46.79 -1.11 3.94
CA ILE B 571 -45.55 -1.78 3.56
C ILE B 571 -45.64 -2.36 2.16
N LEU B 572 -44.63 -2.08 1.35
CA LEU B 572 -44.51 -2.67 0.02
C LEU B 572 -43.62 -3.89 0.10
N ASP B 573 -43.90 -4.89 -0.74
CA ASP B 573 -43.04 -6.07 -0.81
C ASP B 573 -42.37 -6.15 -2.17
N ILE B 574 -41.19 -6.76 -2.19
CA ILE B 574 -40.31 -6.79 -3.35
C ILE B 574 -40.27 -8.22 -3.89
N THR B 575 -40.32 -8.35 -5.21
CA THR B 575 -40.13 -9.64 -5.85
C THR B 575 -39.22 -9.46 -7.07
N PRO B 576 -38.13 -10.22 -7.17
CA PRO B 576 -37.33 -10.18 -8.39
C PRO B 576 -38.19 -10.56 -9.59
N CYS B 577 -37.99 -9.86 -10.70
CA CYS B 577 -38.99 -9.88 -11.78
C CYS B 577 -38.63 -10.93 -12.82
N SER B 578 -38.97 -12.18 -12.49
CA SER B 578 -39.20 -13.23 -13.49
C SER B 578 -38.00 -13.44 -14.41
N PHE B 579 -36.91 -13.92 -13.83
CA PHE B 579 -35.84 -14.47 -14.65
C PHE B 579 -36.20 -15.90 -15.05
N GLY B 580 -35.45 -16.44 -16.00
CA GLY B 580 -35.72 -17.80 -16.43
C GLY B 580 -34.73 -18.36 -17.43
N GLY B 581 -35.22 -19.20 -18.33
CA GLY B 581 -34.37 -19.84 -19.32
C GLY B 581 -35.15 -20.27 -20.54
N VAL B 582 -34.52 -20.17 -21.71
CA VAL B 582 -35.17 -20.42 -22.99
C VAL B 582 -34.73 -21.77 -23.51
N SER B 583 -35.68 -22.63 -23.84
CA SER B 583 -35.41 -23.92 -24.45
C SER B 583 -35.99 -23.95 -25.86
N VAL B 584 -35.30 -24.65 -26.75
CA VAL B 584 -35.72 -24.76 -28.15
C VAL B 584 -36.15 -26.19 -28.40
N ILE B 585 -37.43 -26.38 -28.71
CA ILE B 585 -37.99 -27.67 -29.07
C ILE B 585 -37.92 -27.78 -30.59
N THR B 586 -37.13 -28.74 -31.08
CA THR B 586 -36.96 -28.94 -32.50
C THR B 586 -36.77 -30.42 -32.80
N PRO B 587 -37.25 -30.88 -33.96
CA PRO B 587 -36.92 -32.24 -34.40
C PRO B 587 -35.57 -32.27 -35.10
N GLY B 588 -35.21 -33.40 -35.67
CA GLY B 588 -33.94 -33.48 -36.40
C GLY B 588 -33.90 -32.47 -37.54
N THR B 589 -32.75 -31.81 -37.67
CA THR B 589 -32.61 -30.76 -38.69
C THR B 589 -32.67 -31.30 -40.10
N ASN B 590 -32.44 -32.60 -40.30
CA ASN B 590 -32.59 -33.19 -41.62
C ASN B 590 -34.05 -33.36 -42.03
N THR B 591 -34.98 -33.18 -41.10
CA THR B 591 -36.41 -33.26 -41.41
C THR B 591 -37.00 -31.88 -41.68
N SER B 592 -36.84 -30.95 -40.74
CA SER B 592 -37.33 -29.59 -40.91
C SER B 592 -36.55 -28.67 -39.99
N ASN B 593 -36.53 -27.39 -40.34
CA ASN B 593 -35.84 -26.36 -39.58
C ASN B 593 -36.78 -25.54 -38.70
N GLN B 594 -38.04 -25.95 -38.60
CA GLN B 594 -38.99 -25.23 -37.76
C GLN B 594 -38.79 -25.60 -36.29
N VAL B 595 -38.87 -24.59 -35.42
CA VAL B 595 -38.57 -24.76 -34.01
C VAL B 595 -39.67 -24.08 -33.20
N ALA B 596 -39.66 -24.37 -31.89
CA ALA B 596 -40.54 -23.72 -30.93
C ALA B 596 -39.73 -23.28 -29.72
N VAL B 597 -40.20 -22.25 -29.04
CA VAL B 597 -39.51 -21.66 -27.90
C VAL B 597 -40.34 -21.89 -26.64
N LEU B 598 -39.67 -22.30 -25.56
CA LEU B 598 -40.31 -22.52 -24.26
C LEU B 598 -39.60 -21.68 -23.21
N TYR B 599 -40.35 -20.90 -22.46
CA TYR B 599 -39.82 -20.02 -21.42
C TYR B 599 -40.17 -20.62 -20.06
N GLN B 600 -39.16 -21.13 -19.36
CA GLN B 600 -39.38 -21.86 -18.12
C GLN B 600 -39.74 -20.92 -16.97
N GLY B 601 -40.74 -21.31 -16.19
CA GLY B 601 -41.07 -20.62 -14.93
C GLY B 601 -41.56 -19.21 -15.04
N VAL B 602 -42.49 -18.93 -15.97
CA VAL B 602 -43.02 -17.58 -16.18
C VAL B 602 -44.18 -17.67 -17.15
N ASN B 603 -45.26 -16.92 -16.89
CA ASN B 603 -46.26 -16.86 -17.95
C ASN B 603 -45.79 -15.93 -19.06
N CYS B 604 -46.65 -15.80 -20.09
CA CYS B 604 -46.32 -15.22 -21.38
C CYS B 604 -46.76 -13.74 -21.52
N THR B 605 -46.85 -12.99 -20.44
CA THR B 605 -47.18 -11.57 -20.58
C THR B 605 -45.95 -10.66 -20.68
N GLU B 606 -44.91 -10.96 -19.90
CA GLU B 606 -43.67 -10.19 -19.93
C GLU B 606 -42.70 -10.61 -21.02
N VAL B 607 -42.99 -11.68 -21.75
CA VAL B 607 -42.17 -12.10 -22.88
C VAL B 607 -42.59 -11.34 -24.14
N GLN C 1 -27.08 24.50 41.59
CA GLN C 1 -25.96 24.30 42.51
C GLN C 1 -26.14 23.04 43.34
N CYS C 2 -25.01 22.42 43.69
CA CYS C 2 -25.02 21.15 44.40
C CYS C 2 -24.91 21.38 45.91
N VAL C 3 -25.51 20.47 46.66
CA VAL C 3 -25.55 20.54 48.13
C VAL C 3 -24.99 19.24 48.67
N ASN C 4 -24.05 19.35 49.62
CA ASN C 4 -23.38 18.18 50.15
C ASN C 4 -24.33 17.38 51.05
N LEU C 5 -24.25 16.05 50.93
CA LEU C 5 -25.00 15.12 51.75
C LEU C 5 -24.02 14.31 52.59
N THR C 6 -24.56 13.38 53.39
CA THR C 6 -23.74 12.56 54.26
C THR C 6 -23.02 11.47 53.46
N THR C 7 -22.10 10.80 54.13
CA THR C 7 -21.28 9.77 53.49
C THR C 7 -22.11 8.53 53.19
N ARG C 8 -21.78 7.87 52.07
CA ARG C 8 -22.44 6.62 51.72
C ARG C 8 -22.04 5.47 52.63
N THR C 9 -20.88 5.57 53.29
CA THR C 9 -20.36 4.60 54.25
C THR C 9 -20.14 3.22 53.67
N GLN C 10 -20.21 3.08 52.33
CA GLN C 10 -19.91 1.83 51.63
C GLN C 10 -20.80 0.69 52.15
N LEU C 11 -22.10 0.84 51.88
CA LEU C 11 -23.06 -0.18 52.25
C LEU C 11 -22.72 -1.49 51.53
N PRO C 12 -22.87 -2.64 52.20
CA PRO C 12 -22.47 -3.90 51.57
C PRO C 12 -23.31 -4.19 50.35
N PRO C 13 -22.75 -4.85 49.35
CA PRO C 13 -23.53 -5.23 48.16
C PRO C 13 -24.51 -6.34 48.48
N ALA C 14 -25.62 -6.35 47.74
CA ALA C 14 -26.64 -7.37 47.88
C ALA C 14 -27.05 -7.86 46.50
N TYR C 15 -27.35 -9.15 46.41
CA TYR C 15 -27.57 -9.82 45.13
C TYR C 15 -28.97 -10.42 45.07
N THR C 16 -29.48 -10.57 43.84
CA THR C 16 -30.70 -11.33 43.58
C THR C 16 -30.59 -11.93 42.19
N ASN C 17 -31.61 -12.69 41.80
CA ASN C 17 -31.57 -13.47 40.57
C ASN C 17 -32.49 -12.87 39.52
N SER C 18 -32.00 -12.81 38.27
CA SER C 18 -32.78 -12.29 37.15
C SER C 18 -33.27 -13.46 36.31
N PHE C 19 -34.59 -13.59 36.18
CA PHE C 19 -35.19 -14.73 35.49
C PHE C 19 -35.70 -14.29 34.12
N THR C 20 -34.89 -14.52 33.09
CA THR C 20 -35.28 -14.40 31.69
C THR C 20 -35.85 -13.01 31.39
N ARG C 21 -34.99 -12.01 31.52
CA ARG C 21 -35.36 -10.63 31.21
C ARG C 21 -34.24 -10.06 30.33
N GLY C 22 -34.30 -8.75 30.09
CA GLY C 22 -33.27 -8.11 29.29
C GLY C 22 -33.29 -8.44 27.83
N VAL C 23 -34.28 -9.19 27.35
CA VAL C 23 -34.36 -9.57 25.95
C VAL C 23 -34.88 -8.36 25.15
N TYR C 24 -34.02 -7.77 24.34
CA TYR C 24 -34.40 -6.64 23.52
C TYR C 24 -34.23 -6.99 22.04
N TYR C 25 -35.00 -6.31 21.20
CA TYR C 25 -34.91 -6.47 19.77
C TYR C 25 -33.50 -6.15 19.29
N PRO C 26 -32.72 -7.12 18.84
CA PRO C 26 -31.31 -6.85 18.53
C PRO C 26 -31.09 -6.02 17.28
N ASP C 27 -32.08 -5.94 16.40
CA ASP C 27 -31.92 -5.27 15.11
C ASP C 27 -33.20 -4.47 14.85
N LYS C 28 -33.35 -4.00 13.62
CA LYS C 28 -34.56 -3.27 13.24
C LYS C 28 -35.22 -3.95 12.05
N VAL C 29 -35.39 -5.27 12.13
CA VAL C 29 -35.94 -6.05 11.02
C VAL C 29 -37.22 -6.74 11.49
N PHE C 30 -38.01 -7.18 10.52
CA PHE C 30 -39.28 -7.84 10.76
C PHE C 30 -39.15 -9.30 10.37
N ARG C 31 -39.37 -10.20 11.33
CA ARG C 31 -39.29 -11.63 11.12
C ARG C 31 -40.58 -12.27 11.60
N SER C 32 -41.10 -13.22 10.81
CA SER C 32 -42.37 -13.85 11.11
C SER C 32 -42.21 -15.37 11.13
N SER C 33 -42.62 -15.98 12.25
CA SER C 33 -42.64 -17.44 12.41
C SER C 33 -41.30 -18.08 12.02
N VAL C 34 -40.27 -17.71 12.78
CA VAL C 34 -38.92 -18.11 12.43
C VAL C 34 -38.03 -18.11 13.67
N LEU C 35 -36.91 -18.82 13.61
CA LEU C 35 -35.95 -18.89 14.69
C LEU C 35 -34.67 -18.22 14.22
N HIS C 36 -34.19 -17.22 14.95
CA HIS C 36 -33.01 -16.49 14.54
C HIS C 36 -31.99 -16.48 15.66
N SER C 37 -30.72 -16.68 15.30
CA SER C 37 -29.63 -16.71 16.27
C SER C 37 -28.81 -15.44 16.15
N THR C 38 -28.61 -14.76 17.28
CA THR C 38 -27.88 -13.50 17.31
C THR C 38 -26.80 -13.54 18.38
N GLN C 39 -25.62 -13.04 18.04
CA GLN C 39 -24.48 -12.93 18.94
C GLN C 39 -24.26 -11.46 19.25
N ASP C 40 -24.56 -11.04 20.47
CA ASP C 40 -24.44 -9.62 20.79
C ASP C 40 -24.48 -9.46 22.32
N LEU C 41 -24.55 -8.21 22.77
CA LEU C 41 -24.37 -7.86 24.17
C LEU C 41 -25.72 -7.91 24.88
N PHE C 42 -25.82 -8.73 25.93
CA PHE C 42 -27.11 -9.01 26.53
C PHE C 42 -26.96 -9.31 28.02
N LEU C 43 -28.11 -9.56 28.66
CA LEU C 43 -28.17 -9.98 30.05
C LEU C 43 -28.25 -11.49 30.13
N PRO C 44 -27.33 -12.17 30.81
CA PRO C 44 -27.42 -13.62 30.93
C PRO C 44 -28.68 -14.04 31.67
N PHE C 45 -29.20 -15.21 31.30
CA PHE C 45 -30.32 -15.78 32.02
C PHE C 45 -29.89 -16.32 33.38
N PHE C 46 -30.80 -16.26 34.33
CA PHE C 46 -30.55 -16.68 35.71
C PHE C 46 -29.24 -16.09 36.22
N SER C 47 -28.94 -14.88 35.75
CA SER C 47 -27.74 -14.16 36.15
C SER C 47 -28.00 -13.43 37.46
N ASN C 48 -26.92 -13.11 38.16
CA ASN C 48 -27.06 -12.58 39.50
C ASN C 48 -26.70 -11.10 39.52
N VAL C 49 -27.69 -10.29 39.89
CA VAL C 49 -27.70 -8.85 39.67
C VAL C 49 -27.75 -8.12 41.01
N THR C 50 -27.22 -6.89 41.03
CA THR C 50 -27.14 -6.11 42.26
C THR C 50 -28.30 -5.13 42.38
N TRP C 51 -28.96 -5.13 43.54
CA TRP C 51 -30.19 -4.36 43.72
C TRP C 51 -30.01 -3.34 44.83
N PHE C 52 -30.46 -2.11 44.59
CA PHE C 52 -30.34 -1.03 45.56
C PHE C 52 -31.69 -0.41 45.90
N HIS C 53 -31.92 -0.21 47.19
CA HIS C 53 -33.01 0.65 47.65
C HIS C 53 -32.77 2.08 47.20
N ALA C 54 -33.84 2.76 46.81
CA ALA C 54 -33.72 4.19 46.51
C ALA C 54 -33.31 4.96 47.76
N ILE C 55 -34.04 4.76 48.86
CA ILE C 55 -33.70 5.31 50.16
C ILE C 55 -33.46 4.14 51.09
N HIS C 56 -32.37 4.17 51.84
CA HIS C 56 -32.19 3.19 52.90
C HIS C 56 -32.11 3.87 54.25
N VAL C 57 -32.63 3.17 55.24
CA VAL C 57 -32.57 3.55 56.64
C VAL C 57 -31.74 2.47 57.32
N SER C 58 -30.43 2.69 57.40
CA SER C 58 -29.51 1.71 57.95
C SER C 58 -29.02 2.08 59.34
N GLY C 59 -29.08 3.36 59.71
CA GLY C 59 -28.66 3.76 61.03
C GLY C 59 -29.64 3.31 62.10
N THR C 60 -29.13 3.16 63.33
CA THR C 60 -29.99 2.82 64.45
C THR C 60 -30.98 3.95 64.75
N ASN C 61 -30.53 5.19 64.59
CA ASN C 61 -31.44 6.32 64.77
C ASN C 61 -32.59 6.28 63.78
N GLY C 62 -32.29 5.95 62.52
CA GLY C 62 -33.29 5.98 61.48
C GLY C 62 -32.93 6.93 60.36
N THR C 63 -31.63 7.11 60.12
CA THR C 63 -31.19 8.04 59.09
C THR C 63 -31.61 7.55 57.71
N LYS C 64 -32.26 8.44 56.96
CA LYS C 64 -32.72 8.15 55.60
C LYS C 64 -31.69 8.74 54.64
N ARG C 65 -30.94 7.87 53.95
CA ARG C 65 -29.96 8.35 52.99
C ARG C 65 -30.00 7.49 51.73
N PHE C 66 -29.59 8.08 50.62
CA PHE C 66 -29.73 7.45 49.33
C PHE C 66 -28.68 6.37 49.12
N ASP C 67 -29.01 5.39 48.28
CA ASP C 67 -28.05 4.41 47.80
C ASP C 67 -27.71 4.81 46.36
N ASN C 68 -26.78 5.76 46.23
CA ASN C 68 -26.41 6.33 44.93
C ASN C 68 -24.91 6.18 44.63
N PRO C 69 -24.37 4.96 44.61
CA PRO C 69 -22.98 4.81 44.20
C PRO C 69 -22.82 5.06 42.71
N VAL C 70 -21.63 5.50 42.33
CA VAL C 70 -21.25 5.58 40.93
C VAL C 70 -20.71 4.22 40.52
N LEU C 71 -21.36 3.59 39.53
CA LEU C 71 -21.10 2.21 39.21
C LEU C 71 -20.40 2.07 37.86
N PRO C 72 -19.60 1.02 37.67
CA PRO C 72 -18.86 0.89 36.40
C PRO C 72 -19.77 0.48 35.26
N PHE C 73 -19.45 1.03 34.08
CA PHE C 73 -20.21 0.80 32.85
C PHE C 73 -19.32 0.01 31.90
N ASN C 74 -19.60 -1.28 31.75
CA ASN C 74 -18.81 -2.14 30.88
C ASN C 74 -19.72 -2.77 29.84
N ASP C 75 -19.52 -2.39 28.58
CA ASP C 75 -20.20 -3.02 27.45
C ASP C 75 -21.72 -3.01 27.62
N GLY C 76 -22.25 -1.90 28.13
CA GLY C 76 -23.68 -1.78 28.29
C GLY C 76 -24.14 -2.16 29.68
N VAL C 77 -25.34 -1.69 30.02
CA VAL C 77 -25.93 -1.91 31.34
C VAL C 77 -27.42 -2.15 31.18
N TYR C 78 -27.94 -3.15 31.90
CA TYR C 78 -29.38 -3.35 32.03
C TYR C 78 -29.83 -2.74 33.35
N PHE C 79 -30.81 -1.86 33.28
CA PHE C 79 -31.31 -1.15 34.44
C PHE C 79 -32.80 -1.42 34.58
N ALA C 80 -33.19 -2.06 35.68
CA ALA C 80 -34.58 -2.34 35.96
C ALA C 80 -35.02 -1.44 37.09
N SER C 81 -36.29 -1.05 37.06
CA SER C 81 -36.82 -0.16 38.08
C SER C 81 -38.19 -0.67 38.50
N THR C 82 -38.33 -1.06 39.76
CA THR C 82 -39.63 -1.33 40.34
C THR C 82 -39.96 -0.10 41.18
N GLU C 83 -40.79 0.79 40.64
CA GLU C 83 -41.03 2.05 41.33
C GLU C 83 -42.51 2.43 41.25
N LYS C 84 -42.88 3.36 42.13
CA LYS C 84 -44.27 3.74 42.33
C LYS C 84 -44.52 5.25 42.41
N SER C 85 -43.52 6.08 42.71
CA SER C 85 -43.80 7.48 42.98
C SER C 85 -42.82 8.41 42.28
N ASN C 86 -42.21 7.96 41.18
CA ASN C 86 -41.38 8.80 40.33
C ASN C 86 -40.24 9.44 41.13
N ILE C 87 -39.36 8.59 41.64
CA ILE C 87 -38.25 9.05 42.46
C ILE C 87 -36.92 8.96 41.72
N ILE C 88 -36.75 7.99 40.83
CA ILE C 88 -35.58 7.96 39.96
C ILE C 88 -35.86 8.80 38.73
N ARG C 89 -34.92 9.69 38.38
CA ARG C 89 -35.20 10.74 37.41
C ARG C 89 -34.23 10.80 36.24
N GLY C 90 -33.05 10.23 36.33
CA GLY C 90 -32.10 10.39 35.24
C GLY C 90 -30.83 9.61 35.49
N TRP C 91 -29.85 9.86 34.62
CA TRP C 91 -28.60 9.11 34.62
C TRP C 91 -27.47 9.97 34.08
N ILE C 92 -26.27 9.71 34.61
CA ILE C 92 -25.03 10.40 34.24
C ILE C 92 -24.09 9.37 33.67
N PHE C 93 -23.38 9.71 32.60
CA PHE C 93 -22.42 8.80 32.00
C PHE C 93 -21.13 9.53 31.69
N GLY C 94 -20.02 8.80 31.78
CA GLY C 94 -18.72 9.36 31.45
C GLY C 94 -17.61 8.48 31.98
N THR C 95 -16.40 9.05 32.01
CA THR C 95 -15.23 8.39 32.57
C THR C 95 -14.80 8.99 33.90
N THR C 96 -14.57 10.30 33.95
CA THR C 96 -14.14 10.97 35.17
C THR C 96 -15.26 11.72 35.87
N LEU C 97 -16.32 12.08 35.13
CA LEU C 97 -17.45 12.82 35.68
C LEU C 97 -17.00 14.12 36.33
N ASP C 98 -16.05 14.81 35.69
CA ASP C 98 -15.51 16.06 36.20
C ASP C 98 -15.31 17.00 35.02
N SER C 99 -14.67 18.15 35.28
CA SER C 99 -14.40 19.14 34.25
C SER C 99 -13.20 18.76 33.38
N LYS C 100 -12.73 17.52 33.44
CA LYS C 100 -11.62 17.05 32.63
C LYS C 100 -12.07 16.30 31.37
N THR C 101 -13.12 15.50 31.47
CA THR C 101 -13.61 14.69 30.36
C THR C 101 -15.08 14.95 30.12
N GLN C 102 -15.49 14.86 28.85
CA GLN C 102 -16.89 15.10 28.50
C GLN C 102 -17.80 14.08 29.17
N SER C 103 -18.97 14.55 29.59
CA SER C 103 -19.93 13.71 30.30
C SER C 103 -21.33 14.00 29.80
N LEU C 104 -22.20 12.99 29.93
CA LEU C 104 -23.54 12.99 29.37
C LEU C 104 -24.57 12.93 30.50
N LEU C 105 -25.64 13.70 30.34
CA LEU C 105 -26.78 13.69 31.25
C LEU C 105 -28.07 13.37 30.50
N ILE C 106 -28.87 12.49 31.09
CA ILE C 106 -30.27 12.31 30.74
C ILE C 106 -31.09 12.62 31.98
N VAL C 107 -32.10 13.47 31.83
CA VAL C 107 -32.93 13.84 32.97
C VAL C 107 -34.39 13.91 32.52
N ASN C 108 -35.31 13.59 33.43
CA ASN C 108 -36.73 13.48 33.12
C ASN C 108 -37.53 14.28 34.13
N ASN C 109 -38.06 15.42 33.71
CA ASN C 109 -38.97 16.21 34.54
C ASN C 109 -40.40 15.80 34.20
N ALA C 110 -41.39 16.57 34.66
CA ALA C 110 -42.78 16.24 34.43
C ALA C 110 -43.22 16.45 32.98
N THR C 111 -42.46 17.18 32.17
CA THR C 111 -42.90 17.59 30.85
C THR C 111 -42.23 16.80 29.73
N ASN C 112 -40.90 16.81 29.67
CA ASN C 112 -40.17 16.16 28.57
C ASN C 112 -38.90 15.55 29.13
N VAL C 113 -37.99 15.18 28.24
CA VAL C 113 -36.68 14.65 28.61
C VAL C 113 -35.60 15.58 28.09
N VAL C 114 -34.55 15.76 28.88
CA VAL C 114 -33.42 16.61 28.49
C VAL C 114 -32.17 15.76 28.44
N ILE C 115 -31.50 15.76 27.29
CA ILE C 115 -30.27 15.01 27.09
C ILE C 115 -29.19 15.96 26.59
N LYS C 116 -28.03 15.94 27.26
CA LYS C 116 -26.91 16.78 26.90
C LYS C 116 -25.61 15.99 27.06
N VAL C 117 -24.58 16.42 26.33
CA VAL C 117 -23.22 15.99 26.62
C VAL C 117 -22.32 17.23 26.56
N CYS C 118 -21.66 17.54 27.68
CA CYS C 118 -20.87 18.75 27.79
C CYS C 118 -19.71 18.47 28.75
N GLU C 119 -19.06 19.54 29.22
CA GLU C 119 -18.01 19.43 30.22
C GLU C 119 -18.58 19.88 31.56
N PHE C 120 -19.28 18.96 32.22
CA PHE C 120 -19.93 19.27 33.48
C PHE C 120 -18.96 19.10 34.65
N GLN C 121 -19.10 19.97 35.65
CA GLN C 121 -18.40 19.84 36.92
C GLN C 121 -19.38 19.17 37.89
N PHE C 122 -19.18 17.88 38.13
CA PHE C 122 -20.16 17.09 38.87
C PHE C 122 -19.81 17.05 40.36
N CYS C 123 -20.83 17.15 41.20
CA CYS C 123 -20.64 17.11 42.63
C CYS C 123 -20.63 15.66 43.13
N ASN C 124 -20.43 15.48 44.44
CA ASN C 124 -20.36 14.14 45.00
C ASN C 124 -21.74 13.48 45.05
N ASP C 125 -22.78 14.25 45.40
CA ASP C 125 -24.15 13.75 45.44
C ASP C 125 -25.03 14.63 44.55
N PRO C 126 -25.04 14.37 43.25
CA PRO C 126 -26.07 14.96 42.39
C PRO C 126 -27.44 14.39 42.72
N PHE C 127 -28.45 15.24 42.56
CA PHE C 127 -29.83 14.89 42.86
C PHE C 127 -30.75 15.98 42.32
N LEU C 128 -32.05 15.69 42.37
CA LEU C 128 -33.07 16.65 41.94
C LEU C 128 -33.97 16.96 43.12
N GLY C 129 -34.01 18.24 43.52
CA GLY C 129 -34.90 18.63 44.59
C GLY C 129 -36.31 18.82 44.06
N VAL C 130 -37.21 17.89 44.35
CA VAL C 130 -38.54 17.86 43.76
C VAL C 130 -39.55 18.24 44.84
N TYR C 131 -40.43 19.18 44.50
CA TYR C 131 -41.44 19.61 45.44
C TYR C 131 -42.77 19.82 44.71
N TYR C 132 -43.86 19.58 45.43
CA TYR C 132 -45.19 19.78 44.88
C TYR C 132 -45.61 21.24 45.05
N HIS C 133 -46.67 21.62 44.35
CA HIS C 133 -47.23 22.95 44.45
C HIS C 133 -48.26 23.02 45.56
N LYS C 134 -48.55 24.24 46.01
CA LYS C 134 -49.42 24.42 47.17
C LYS C 134 -50.89 24.22 46.86
N ASN C 135 -51.28 24.24 45.59
CA ASN C 135 -52.69 24.12 45.21
C ASN C 135 -52.98 22.91 44.33
N ASN C 136 -52.16 22.64 43.32
CA ASN C 136 -52.51 21.64 42.31
C ASN C 136 -51.99 20.25 42.67
N LYS C 137 -50.67 20.12 42.82
CA LYS C 137 -49.99 18.87 43.15
C LYS C 137 -50.11 17.84 42.02
N SER C 138 -50.76 18.21 40.91
CA SER C 138 -50.90 17.27 39.80
C SER C 138 -49.54 16.91 39.21
N TRP C 139 -48.68 17.92 39.05
CA TRP C 139 -47.30 17.72 38.64
C TRP C 139 -46.38 18.26 39.72
N MET C 140 -45.08 18.08 39.51
CA MET C 140 -44.07 18.46 40.49
C MET C 140 -43.02 19.35 39.85
N GLU C 141 -42.45 20.25 40.65
CA GLU C 141 -41.36 21.10 40.20
C GLU C 141 -40.03 20.51 40.63
N SER C 142 -39.08 20.50 39.70
CA SER C 142 -37.77 19.91 39.92
C SER C 142 -36.70 21.00 39.83
N GLU C 143 -35.86 21.08 40.85
CA GLU C 143 -34.71 21.98 40.87
C GLU C 143 -33.46 21.11 40.72
N PHE C 144 -32.69 21.36 39.66
CA PHE C 144 -31.54 20.51 39.38
C PHE C 144 -30.38 20.89 40.27
N ARG C 145 -29.82 19.90 40.95
CA ARG C 145 -28.62 20.04 41.78
C ARG C 145 -27.62 18.97 41.40
N VAL C 146 -27.38 18.84 40.10
CA VAL C 146 -26.59 17.74 39.54
C VAL C 146 -25.16 18.18 39.20
N TYR C 147 -24.99 19.34 38.57
CA TYR C 147 -23.66 19.79 38.18
C TYR C 147 -23.44 21.24 38.59
N SER C 148 -22.18 21.59 38.82
CA SER C 148 -21.83 22.98 39.14
C SER C 148 -21.89 23.85 37.89
N SER C 149 -21.34 23.39 36.78
CA SER C 149 -21.25 24.19 35.56
C SER C 149 -21.13 23.27 34.37
N ALA C 150 -21.36 23.83 33.18
CA ALA C 150 -21.28 23.08 31.93
C ALA C 150 -20.59 23.92 30.86
N ASN C 151 -19.68 23.29 30.11
CA ASN C 151 -18.96 23.94 29.04
C ASN C 151 -18.81 22.98 27.87
N ASN C 152 -18.57 23.56 26.69
CA ASN C 152 -18.27 22.80 25.47
C ASN C 152 -19.37 21.78 25.16
N CYS C 153 -20.62 22.26 25.19
CA CYS C 153 -21.75 21.39 24.91
C CYS C 153 -21.73 20.95 23.45
N THR C 154 -21.91 19.64 23.22
CA THR C 154 -21.80 19.08 21.88
C THR C 154 -23.04 18.33 21.44
N PHE C 155 -24.08 18.23 22.28
CA PHE C 155 -25.33 17.62 21.86
C PHE C 155 -26.47 18.16 22.71
N GLU C 156 -27.67 18.13 22.14
CA GLU C 156 -28.89 18.54 22.82
C GLU C 156 -30.04 17.73 22.25
N TYR C 157 -30.90 17.22 23.13
CA TYR C 157 -32.06 16.48 22.65
C TYR C 157 -33.20 16.59 23.65
N VAL C 158 -34.39 16.87 23.14
CA VAL C 158 -35.60 16.99 23.95
C VAL C 158 -36.72 16.25 23.24
N SER C 159 -37.45 15.42 23.99
CA SER C 159 -38.53 14.62 23.41
C SER C 159 -39.43 14.11 24.53
N GLN C 160 -40.31 13.18 24.16
CA GLN C 160 -41.29 12.63 25.09
C GLN C 160 -40.58 11.95 26.26
N PRO C 161 -41.10 12.07 27.49
CA PRO C 161 -40.40 11.52 28.64
C PRO C 161 -40.16 10.02 28.53
N PHE C 162 -39.00 9.59 29.01
CA PHE C 162 -38.72 8.16 29.08
C PHE C 162 -39.56 7.48 30.15
N LEU C 163 -39.70 8.12 31.31
CA LEU C 163 -40.47 7.58 32.42
C LEU C 163 -41.84 8.22 32.45
N MET C 164 -42.88 7.41 32.57
CA MET C 164 -44.22 7.93 32.70
C MET C 164 -44.47 8.37 34.15
N ASP C 165 -45.51 9.17 34.33
CA ASP C 165 -45.90 9.60 35.67
C ASP C 165 -46.40 8.42 36.50
N LEU C 166 -46.14 8.48 37.80
CA LEU C 166 -46.56 7.43 38.72
C LEU C 166 -47.45 7.95 39.84
N GLU C 167 -47.99 9.16 39.73
CA GLU C 167 -48.86 9.72 40.75
C GLU C 167 -50.26 9.11 40.66
N GLY C 171 -52.83 1.16 46.87
CA GLY C 171 -51.52 1.77 46.90
C GLY C 171 -50.39 0.78 46.65
N ASN C 172 -50.57 -0.09 45.66
CA ASN C 172 -49.54 -1.05 45.30
C ASN C 172 -49.41 -1.20 43.78
N PHE C 173 -49.68 -0.14 43.03
CA PHE C 173 -49.49 -0.22 41.58
C PHE C 173 -48.05 0.12 41.19
N LYS C 174 -47.10 -0.54 41.85
CA LYS C 174 -45.71 -0.48 41.44
C LYS C 174 -45.60 -1.00 40.02
N ASN C 175 -44.73 -0.37 39.22
CA ASN C 175 -44.53 -0.82 37.86
C ASN C 175 -43.04 -0.99 37.57
N LEU C 176 -42.76 -1.79 36.55
CA LEU C 176 -41.40 -2.15 36.17
C LEU C 176 -41.05 -1.47 34.86
N ARG C 177 -40.04 -0.62 34.90
CA ARG C 177 -39.41 -0.06 33.71
C ARG C 177 -38.10 -0.78 33.48
N GLU C 178 -38.00 -1.52 32.39
CA GLU C 178 -36.78 -2.22 32.03
C GLU C 178 -36.11 -1.47 30.89
N PHE C 179 -34.84 -1.13 31.08
CA PHE C 179 -34.08 -0.33 30.15
C PHE C 179 -32.78 -1.06 29.84
N VAL C 180 -32.33 -0.94 28.60
CA VAL C 180 -31.03 -1.44 28.20
C VAL C 180 -30.27 -0.32 27.53
N PHE C 181 -29.04 -0.06 27.99
CA PHE C 181 -28.24 1.05 27.53
C PHE C 181 -26.95 0.48 26.96
N LYS C 182 -26.62 0.82 25.71
CA LYS C 182 -25.40 0.31 25.12
C LYS C 182 -24.65 1.40 24.37
N ASN C 183 -23.33 1.23 24.27
CA ASN C 183 -22.46 2.18 23.57
C ASN C 183 -21.55 1.41 22.62
N ILE C 184 -21.83 1.51 21.33
CA ILE C 184 -20.99 0.91 20.30
C ILE C 184 -20.79 1.89 19.15
N ASP C 185 -19.53 2.09 18.77
CA ASP C 185 -19.16 2.90 17.59
C ASP C 185 -19.73 4.31 17.67
N GLY C 186 -19.52 4.95 18.82
CA GLY C 186 -20.07 6.27 19.02
C GLY C 186 -21.57 6.32 19.13
N TYR C 187 -22.20 5.18 19.37
CA TYR C 187 -23.65 5.05 19.38
C TYR C 187 -24.11 4.79 20.81
N PHE C 188 -24.93 5.69 21.35
CA PHE C 188 -25.55 5.55 22.67
C PHE C 188 -26.99 5.13 22.39
N LYS C 189 -27.28 3.85 22.56
CA LYS C 189 -28.58 3.29 22.23
C LYS C 189 -29.36 2.96 23.49
N ILE C 190 -30.64 3.28 23.49
CA ILE C 190 -31.55 3.03 24.61
C ILE C 190 -32.73 2.23 24.08
N TYR C 191 -32.89 1.02 24.60
CA TYR C 191 -34.07 0.19 24.37
C TYR C 191 -34.89 0.13 25.65
N SER C 192 -36.22 0.24 25.53
CA SER C 192 -37.04 0.49 26.69
C SER C 192 -38.28 -0.40 26.67
N LYS C 193 -38.87 -0.58 27.85
CA LYS C 193 -40.18 -1.22 27.98
C LYS C 193 -40.70 -0.97 29.38
N HIS C 194 -42.03 -0.89 29.50
CA HIS C 194 -42.65 -0.79 30.81
C HIS C 194 -43.76 -1.84 30.92
N THR C 195 -43.97 -2.31 32.15
CA THR C 195 -44.95 -3.35 32.39
C THR C 195 -45.53 -3.22 33.79
N PRO C 196 -46.84 -3.35 33.93
CA PRO C 196 -47.45 -3.37 35.27
C PRO C 196 -47.07 -4.63 36.02
N ILE C 197 -46.56 -4.46 37.23
CA ILE C 197 -46.19 -5.58 38.09
C ILE C 197 -47.13 -5.59 39.29
N ASN C 198 -47.30 -6.76 39.87
CA ASN C 198 -48.23 -6.92 40.99
C ASN C 198 -47.69 -7.96 41.95
N LEU C 199 -47.42 -7.53 43.19
CA LEU C 199 -47.08 -8.42 44.30
C LEU C 199 -45.80 -9.22 44.06
N VAL C 200 -44.83 -8.62 43.36
CA VAL C 200 -43.52 -9.21 43.18
C VAL C 200 -42.48 -8.19 43.61
N ARG C 201 -41.71 -8.53 44.65
CA ARG C 201 -40.70 -7.61 45.15
C ARG C 201 -39.51 -7.53 44.19
N ASP C 202 -39.03 -8.67 43.72
CA ASP C 202 -37.91 -8.73 42.80
C ASP C 202 -38.44 -8.73 41.36
N LEU C 203 -37.59 -9.05 40.39
CA LEU C 203 -38.05 -9.18 39.02
C LEU C 203 -39.08 -10.29 38.92
N PRO C 204 -40.15 -10.09 38.17
CA PRO C 204 -41.11 -11.18 37.95
C PRO C 204 -40.54 -12.22 37.00
N GLN C 205 -41.04 -13.44 37.12
CA GLN C 205 -40.60 -14.55 36.28
C GLN C 205 -41.47 -14.61 35.03
N GLY C 206 -40.83 -14.63 33.87
CA GLY C 206 -41.55 -14.66 32.62
C GLY C 206 -40.67 -14.13 31.50
N PHE C 207 -41.33 -13.63 30.46
CA PHE C 207 -40.65 -13.00 29.34
C PHE C 207 -41.36 -11.71 28.97
N SER C 208 -40.61 -10.77 28.42
CA SER C 208 -41.18 -9.52 27.93
C SER C 208 -40.18 -8.91 26.95
N ALA C 209 -40.59 -8.79 25.69
CA ALA C 209 -39.75 -8.13 24.72
C ALA C 209 -39.55 -6.67 25.10
N LEU C 210 -38.35 -6.16 24.89
CA LEU C 210 -38.02 -4.78 25.18
C LEU C 210 -37.82 -4.05 23.85
N GLU C 211 -38.72 -3.11 23.55
CA GLU C 211 -38.71 -2.42 22.28
C GLU C 211 -37.62 -1.34 22.27
N PRO C 212 -37.19 -0.92 21.07
CA PRO C 212 -36.22 0.16 20.99
C PRO C 212 -36.87 1.53 21.14
N LEU C 213 -36.11 2.45 21.72
CA LEU C 213 -36.63 3.79 21.97
C LEU C 213 -35.82 4.89 21.31
N VAL C 214 -34.49 4.83 21.32
CA VAL C 214 -33.71 5.90 20.69
C VAL C 214 -32.27 5.44 20.45
N ASP C 215 -31.63 6.06 19.45
CA ASP C 215 -30.20 5.97 19.21
C ASP C 215 -29.64 7.38 19.15
N LEU C 216 -28.43 7.57 19.69
CA LEU C 216 -27.85 8.90 19.80
C LEU C 216 -26.40 8.89 19.32
N PRO C 217 -26.01 9.85 18.47
CA PRO C 217 -24.61 9.96 18.01
C PRO C 217 -23.76 10.84 18.92
N ILE C 218 -23.59 10.40 20.17
CA ILE C 218 -22.79 11.18 21.12
C ILE C 218 -21.30 11.01 20.84
N GLY C 219 -20.85 9.77 20.64
CA GLY C 219 -19.48 9.52 20.25
C GLY C 219 -18.43 9.86 21.29
N ILE C 220 -18.69 9.55 22.57
CA ILE C 220 -17.72 9.80 23.63
C ILE C 220 -17.39 8.48 24.30
N ASN C 221 -16.30 8.51 25.08
CA ASN C 221 -15.87 7.35 25.84
C ASN C 221 -16.53 7.39 27.22
N ILE C 222 -17.22 6.30 27.57
CA ILE C 222 -17.95 6.20 28.82
C ILE C 222 -17.55 4.92 29.54
N THR C 223 -17.14 5.04 30.80
CA THR C 223 -16.77 3.89 31.61
C THR C 223 -17.51 3.82 32.94
N ARG C 224 -18.08 4.92 33.43
CA ARG C 224 -18.66 4.94 34.76
C ARG C 224 -19.93 5.79 34.73
N PHE C 225 -20.87 5.47 35.61
CA PHE C 225 -22.18 6.11 35.56
C PHE C 225 -22.77 6.17 36.96
N GLN C 226 -23.78 7.02 37.11
CA GLN C 226 -24.47 7.19 38.38
C GLN C 226 -25.97 7.30 38.14
N THR C 227 -26.74 7.14 39.22
CA THR C 227 -28.19 7.17 39.20
C THR C 227 -28.69 8.48 39.78
N LEU C 228 -29.61 9.13 39.08
CA LEU C 228 -30.18 10.40 39.52
C LEU C 228 -31.49 10.15 40.24
N LEU C 229 -31.62 10.74 41.43
CA LEU C 229 -32.73 10.45 42.30
C LEU C 229 -33.26 11.75 42.88
N ALA C 230 -34.48 11.71 43.42
CA ALA C 230 -35.25 12.91 43.73
C ALA C 230 -35.48 13.03 45.23
N LEU C 231 -35.18 14.22 45.77
CA LEU C 231 -35.49 14.57 47.15
C LEU C 231 -36.89 15.14 47.24
N HIS C 232 -37.82 14.37 47.81
CA HIS C 232 -39.08 14.93 48.27
C HIS C 232 -38.92 15.67 49.59
N ARG C 233 -38.01 15.21 50.45
CA ARG C 233 -37.81 15.81 51.77
C ARG C 233 -36.94 17.05 51.64
N SER C 234 -36.48 17.57 52.78
CA SER C 234 -35.58 18.72 52.82
C SER C 234 -34.26 18.30 53.43
N TYR C 235 -33.16 18.67 52.76
CA TYR C 235 -31.84 18.32 53.29
C TYR C 235 -31.48 19.17 54.49
N LEU C 236 -31.96 20.42 54.54
CA LEU C 236 -31.69 21.28 55.69
C LEU C 236 -32.29 20.70 56.97
N THR C 237 -33.53 20.21 56.89
CA THR C 237 -34.24 19.65 58.03
C THR C 237 -34.72 18.25 57.66
N PRO C 238 -33.89 17.22 57.91
CA PRO C 238 -34.33 15.85 57.65
C PRO C 238 -35.29 15.38 58.74
N GLY C 239 -36.48 14.98 58.34
CA GLY C 239 -37.48 14.55 59.30
C GLY C 239 -37.11 13.24 59.97
N ASP C 240 -37.77 12.99 61.11
CA ASP C 240 -37.51 11.76 61.85
C ASP C 240 -37.90 10.53 61.03
N SER C 241 -39.06 10.58 60.37
CA SER C 241 -39.51 9.48 59.52
C SER C 241 -40.62 9.99 58.63
N SER C 242 -40.86 9.26 57.54
CA SER C 242 -41.90 9.50 56.55
C SER C 242 -41.69 10.79 55.75
N SER C 243 -40.63 11.55 56.03
CA SER C 243 -40.33 12.71 55.18
C SER C 243 -39.93 12.27 53.79
N GLY C 244 -39.26 11.13 53.66
CA GLY C 244 -39.00 10.52 52.38
C GLY C 244 -40.19 9.69 51.92
N TRP C 245 -39.94 8.84 50.95
CA TRP C 245 -40.97 8.01 50.33
C TRP C 245 -40.83 6.58 50.84
N THR C 246 -41.69 6.21 51.80
CA THR C 246 -41.78 4.88 52.42
C THR C 246 -40.40 4.24 52.61
N ALA C 247 -39.45 5.05 53.09
CA ALA C 247 -38.09 4.58 53.38
C ALA C 247 -37.46 3.89 52.18
N GLY C 248 -37.75 4.37 50.98
CA GLY C 248 -37.19 3.83 49.76
C GLY C 248 -37.57 2.41 49.44
N ALA C 249 -38.86 2.09 49.54
CA ALA C 249 -39.33 0.78 49.11
C ALA C 249 -39.14 0.60 47.61
N ALA C 250 -39.31 1.67 46.84
CA ALA C 250 -39.00 1.63 45.42
C ALA C 250 -37.54 1.27 45.23
N ALA C 251 -37.27 0.37 44.27
CA ALA C 251 -35.96 -0.23 44.17
C ALA C 251 -35.51 -0.24 42.72
N TYR C 252 -34.19 -0.28 42.53
CA TYR C 252 -33.65 -0.33 41.19
C TYR C 252 -32.54 -1.37 41.12
N TYR C 253 -32.56 -2.15 40.05
CA TYR C 253 -31.75 -3.35 39.90
C TYR C 253 -30.78 -3.13 38.75
N VAL C 254 -29.55 -3.59 38.91
CA VAL C 254 -28.48 -3.38 37.94
C VAL C 254 -27.94 -4.74 37.50
N GLY C 255 -27.94 -4.96 36.20
CA GLY C 255 -27.33 -6.15 35.63
C GLY C 255 -26.34 -5.76 34.55
N TYR C 256 -25.31 -6.59 34.41
CA TYR C 256 -24.20 -6.28 33.52
C TYR C 256 -24.23 -7.21 32.30
N LEU C 257 -24.08 -6.62 31.12
CA LEU C 257 -24.22 -7.34 29.87
C LEU C 257 -22.89 -7.95 29.46
N GLN C 258 -22.97 -9.04 28.71
CA GLN C 258 -21.80 -9.71 28.16
C GLN C 258 -22.11 -10.13 26.73
N PRO C 259 -21.08 -10.37 25.91
CA PRO C 259 -21.31 -10.99 24.61
C PRO C 259 -21.88 -12.38 24.78
N ARG C 260 -23.13 -12.59 24.37
CA ARG C 260 -23.80 -13.86 24.50
C ARG C 260 -24.49 -14.19 23.18
N THR C 261 -24.75 -15.48 22.98
CA THR C 261 -25.54 -15.95 21.86
C THR C 261 -26.96 -16.31 22.32
N PHE C 262 -27.95 -15.86 21.56
CA PHE C 262 -29.36 -16.16 21.82
C PHE C 262 -30.08 -16.66 20.59
N LEU C 263 -30.91 -17.68 20.79
CA LEU C 263 -31.91 -18.12 19.82
C LEU C 263 -33.23 -17.45 20.18
N LEU C 264 -33.65 -16.48 19.37
CA LEU C 264 -34.90 -15.77 19.52
C LEU C 264 -35.95 -16.39 18.61
N LYS C 265 -37.17 -16.57 19.13
CA LYS C 265 -38.26 -17.11 18.32
C LYS C 265 -39.21 -15.98 17.95
N TYR C 266 -39.15 -15.53 16.70
CA TYR C 266 -40.15 -14.60 16.20
C TYR C 266 -41.40 -15.38 15.82
N ASN C 267 -42.54 -14.96 16.34
CA ASN C 267 -43.81 -15.53 15.92
C ASN C 267 -44.31 -14.85 14.65
N GLU C 268 -45.53 -15.25 14.25
CA GLU C 268 -46.22 -14.69 13.08
C GLU C 268 -46.57 -13.22 13.27
N ASN C 269 -46.33 -12.68 14.47
CA ASN C 269 -46.53 -11.28 14.80
C ASN C 269 -45.25 -10.47 14.62
N GLY C 270 -44.11 -11.16 14.62
CA GLY C 270 -42.89 -10.43 14.82
C GLY C 270 -42.69 -9.93 16.22
N THR C 271 -43.26 -10.59 17.22
CA THR C 271 -42.97 -10.31 18.63
C THR C 271 -42.18 -11.46 19.22
N ILE C 272 -41.06 -11.16 19.86
CA ILE C 272 -40.27 -12.21 20.48
C ILE C 272 -41.04 -12.78 21.67
N THR C 273 -41.54 -14.01 21.52
CA THR C 273 -42.30 -14.66 22.57
C THR C 273 -41.45 -15.64 23.39
N ASP C 274 -40.24 -15.95 22.95
CA ASP C 274 -39.38 -16.85 23.70
C ASP C 274 -37.95 -16.74 23.19
N ALA C 275 -37.02 -17.03 24.08
CA ALA C 275 -35.60 -16.99 23.75
C ALA C 275 -34.85 -18.00 24.59
N VAL C 276 -33.70 -18.44 24.08
CA VAL C 276 -32.84 -19.37 24.80
C VAL C 276 -31.39 -18.93 24.64
N ASP C 277 -30.63 -18.97 25.73
CA ASP C 277 -29.21 -18.66 25.72
C ASP C 277 -28.41 -19.95 25.57
N CYS C 278 -27.40 -19.93 24.71
CA CYS C 278 -26.68 -21.14 24.34
C CYS C 278 -25.65 -21.58 25.37
N ALA C 279 -25.21 -20.68 26.26
CA ALA C 279 -24.12 -20.99 27.17
C ALA C 279 -24.59 -21.41 28.56
N LEU C 280 -25.89 -21.55 28.79
CA LEU C 280 -26.38 -21.78 30.14
C LEU C 280 -26.14 -23.21 30.60
N ASP C 281 -26.74 -24.18 29.92
CA ASP C 281 -26.65 -25.58 30.30
C ASP C 281 -26.63 -26.44 29.04
N PRO C 282 -26.16 -27.69 29.13
CA PRO C 282 -26.05 -28.52 27.92
C PRO C 282 -27.37 -28.69 27.18
N LEU C 283 -28.50 -28.69 27.86
CA LEU C 283 -29.78 -28.74 27.16
C LEU C 283 -29.95 -27.52 26.24
N SER C 284 -29.65 -26.33 26.77
CA SER C 284 -29.76 -25.13 25.95
C SER C 284 -28.74 -25.14 24.83
N GLU C 285 -27.54 -25.67 25.10
CA GLU C 285 -26.53 -25.79 24.05
C GLU C 285 -27.01 -26.69 22.92
N THR C 286 -27.65 -27.80 23.27
CA THR C 286 -28.23 -28.68 22.26
C THR C 286 -29.34 -27.98 21.48
N LYS C 287 -30.18 -27.23 22.19
CA LYS C 287 -31.25 -26.50 21.51
C LYS C 287 -30.68 -25.51 20.51
N CYS C 288 -29.63 -24.79 20.90
CA CYS C 288 -29.01 -23.85 19.98
C CYS C 288 -28.37 -24.56 18.78
N THR C 289 -27.68 -25.67 19.03
CA THR C 289 -26.98 -26.32 17.92
C THR C 289 -27.95 -27.02 16.97
N LEU C 290 -29.13 -27.39 17.46
CA LEU C 290 -30.12 -28.02 16.59
C LEU C 290 -31.10 -27.02 15.98
N LYS C 291 -31.08 -25.77 16.45
CA LYS C 291 -31.88 -24.68 15.88
C LYS C 291 -33.38 -24.95 16.01
N SER C 292 -33.78 -25.51 17.15
CA SER C 292 -35.20 -25.65 17.46
C SER C 292 -35.39 -25.64 18.97
N PHE C 293 -36.61 -25.29 19.38
CA PHE C 293 -36.94 -25.28 20.80
C PHE C 293 -37.28 -26.66 21.35
N THR C 294 -37.44 -27.66 20.48
CA THR C 294 -37.71 -29.02 20.91
C THR C 294 -36.70 -29.95 20.26
N VAL C 295 -36.13 -30.83 21.06
CA VAL C 295 -35.20 -31.85 20.58
C VAL C 295 -35.81 -33.22 20.86
N GLU C 296 -35.64 -34.13 19.92
CA GLU C 296 -36.18 -35.48 20.06
C GLU C 296 -35.19 -36.38 20.78
N LYS C 297 -35.67 -37.57 21.17
CA LYS C 297 -34.83 -38.52 21.87
C LYS C 297 -33.70 -38.99 20.97
N GLY C 298 -32.48 -38.97 21.50
CA GLY C 298 -31.32 -39.35 20.72
C GLY C 298 -30.05 -38.78 21.33
N ILE C 299 -29.03 -38.66 20.50
CA ILE C 299 -27.72 -38.17 20.90
C ILE C 299 -27.23 -37.17 19.86
N TYR C 300 -26.73 -36.03 20.33
CA TYR C 300 -26.25 -34.97 19.44
C TYR C 300 -24.88 -34.47 19.92
N GLN C 301 -24.14 -33.88 18.99
CA GLN C 301 -22.81 -33.34 19.24
C GLN C 301 -22.89 -31.82 19.18
N THR C 302 -22.48 -31.16 20.27
CA THR C 302 -22.67 -29.72 20.41
C THR C 302 -21.40 -28.93 20.15
N SER C 303 -20.32 -29.20 20.89
CA SER C 303 -19.09 -28.41 20.80
C SER C 303 -17.90 -29.32 21.06
N ASN C 304 -16.74 -28.71 21.27
CA ASN C 304 -15.49 -29.44 21.43
C ASN C 304 -14.68 -28.81 22.56
N PHE C 305 -13.97 -29.65 23.31
CA PHE C 305 -13.08 -29.20 24.36
C PHE C 305 -11.64 -29.52 24.00
N ARG C 306 -10.71 -28.76 24.59
CA ARG C 306 -9.32 -28.92 24.22
C ARG C 306 -8.33 -28.93 25.38
N VAL C 307 -8.74 -28.60 26.61
CA VAL C 307 -7.87 -28.60 27.78
C VAL C 307 -6.66 -27.70 27.50
N GLN C 308 -6.87 -26.40 27.63
CA GLN C 308 -5.83 -25.43 27.30
C GLN C 308 -4.73 -25.46 28.36
N PRO C 309 -3.45 -25.41 27.96
CA PRO C 309 -2.37 -25.57 28.94
C PRO C 309 -2.33 -24.45 29.97
N THR C 310 -1.73 -24.76 31.12
CA THR C 310 -1.85 -23.90 32.29
C THR C 310 -0.58 -23.12 32.62
N GLU C 311 0.58 -23.48 32.06
CA GLU C 311 1.81 -22.77 32.37
C GLU C 311 2.82 -23.01 31.25
N SER C 312 4.06 -22.56 31.46
CA SER C 312 5.10 -22.65 30.47
C SER C 312 6.39 -23.17 31.11
N ILE C 313 7.22 -23.81 30.29
CA ILE C 313 8.50 -24.36 30.72
C ILE C 313 9.52 -24.16 29.61
N VAL C 314 10.75 -23.83 29.99
CA VAL C 314 11.85 -23.74 29.04
C VAL C 314 13.11 -24.28 29.71
N ARG C 315 13.84 -25.13 28.98
CA ARG C 315 15.11 -25.67 29.44
C ARG C 315 16.09 -25.62 28.28
N PHE C 316 17.36 -25.40 28.59
CA PHE C 316 18.32 -25.19 27.52
C PHE C 316 19.70 -25.29 28.18
N PRO C 317 20.65 -26.04 27.61
CA PRO C 317 21.89 -26.31 28.34
C PRO C 317 22.75 -25.08 28.50
N ASN C 318 23.40 -24.97 29.66
CA ASN C 318 24.33 -23.90 29.96
C ASN C 318 25.74 -24.44 29.97
N ILE C 319 26.63 -23.80 29.22
CA ILE C 319 28.02 -24.26 29.14
C ILE C 319 28.76 -23.87 30.42
N THR C 320 29.81 -24.62 30.73
CA THR C 320 30.56 -24.37 31.96
C THR C 320 31.33 -23.06 31.88
N ASN C 321 32.25 -22.96 30.92
CA ASN C 321 33.00 -21.71 30.77
C ASN C 321 32.07 -20.61 30.28
N LEU C 322 32.31 -19.38 30.74
CA LEU C 322 31.43 -18.27 30.43
C LEU C 322 32.11 -17.26 29.50
N CYS C 323 33.17 -16.61 29.96
CA CYS C 323 33.98 -15.61 29.25
C CYS C 323 35.14 -15.19 30.14
N PRO C 324 36.23 -14.68 29.57
CA PRO C 324 37.22 -13.94 30.36
C PRO C 324 36.88 -12.45 30.47
N PHE C 325 35.62 -12.15 30.79
CA PHE C 325 35.25 -10.77 31.09
C PHE C 325 36.00 -10.26 32.31
N GLY C 326 36.12 -11.10 33.35
CA GLY C 326 36.88 -10.71 34.52
C GLY C 326 38.35 -10.48 34.24
N GLU C 327 38.86 -10.99 33.12
CA GLU C 327 40.22 -10.72 32.73
C GLU C 327 40.41 -9.30 32.21
N VAL C 328 39.33 -8.67 31.72
CA VAL C 328 39.41 -7.32 31.19
C VAL C 328 38.87 -6.34 32.23
N PHE C 329 37.61 -6.52 32.62
CA PHE C 329 36.98 -5.56 33.52
C PHE C 329 37.66 -5.53 34.88
N ASN C 330 38.14 -6.67 35.35
CA ASN C 330 38.83 -6.76 36.64
C ASN C 330 40.32 -7.01 36.47
N ALA C 331 40.92 -6.48 35.41
CA ALA C 331 42.34 -6.68 35.14
C ALA C 331 43.19 -5.87 36.12
N THR C 332 44.51 -6.05 36.00
CA THR C 332 45.47 -5.32 36.81
C THR C 332 46.12 -4.17 36.03
N ARG C 333 46.75 -4.48 34.90
CA ARG C 333 47.41 -3.49 34.07
C ARG C 333 46.63 -3.25 32.78
N PHE C 334 46.59 -1.99 32.37
CA PHE C 334 45.81 -1.55 31.23
C PHE C 334 46.74 -1.01 30.15
N ALA C 335 46.19 -0.82 28.97
CA ALA C 335 46.97 -0.31 27.85
C ALA C 335 46.99 1.21 27.83
N SER C 336 48.02 1.75 27.20
CA SER C 336 48.12 3.18 26.98
C SER C 336 47.22 3.60 25.81
N VAL C 337 46.81 4.87 25.83
CA VAL C 337 45.85 5.36 24.86
C VAL C 337 46.44 5.45 23.46
N TYR C 338 47.76 5.49 23.33
CA TYR C 338 48.38 5.47 22.00
C TYR C 338 48.54 4.07 21.44
N ALA C 339 48.62 3.06 22.30
CA ALA C 339 48.74 1.65 21.88
C ALA C 339 47.61 0.89 22.53
N TRP C 340 46.47 0.86 21.84
CA TRP C 340 45.25 0.31 22.42
C TRP C 340 45.32 -1.22 22.52
N ASN C 341 44.49 -1.79 23.38
CA ASN C 341 44.42 -3.23 23.60
C ASN C 341 43.07 -3.76 23.15
N ARG C 342 43.01 -4.25 21.92
CA ARG C 342 41.83 -4.94 21.44
C ARG C 342 41.89 -6.38 21.96
N LYS C 343 40.78 -6.86 22.51
CA LYS C 343 40.72 -8.26 22.88
C LYS C 343 39.54 -8.93 22.20
N ARG C 344 39.76 -10.17 21.76
CA ARG C 344 38.78 -10.94 21.02
C ARG C 344 38.03 -11.89 21.94
N ILE C 345 36.72 -11.96 21.76
CA ILE C 345 35.84 -12.80 22.55
C ILE C 345 34.97 -13.58 21.58
N SER C 346 35.06 -14.91 21.64
CA SER C 346 34.36 -15.81 20.76
C SER C 346 34.29 -17.19 21.41
N ASN C 347 33.34 -18.00 20.96
CA ASN C 347 33.12 -19.34 21.49
C ASN C 347 32.90 -19.31 23.01
N CYS C 348 32.08 -18.36 23.44
CA CYS C 348 31.81 -18.16 24.87
C CYS C 348 30.42 -17.61 25.03
N VAL C 349 29.87 -17.73 26.23
CA VAL C 349 28.55 -17.21 26.56
C VAL C 349 28.73 -15.94 27.39
N ALA C 350 28.26 -14.81 26.87
CA ALA C 350 28.58 -13.50 27.45
C ALA C 350 27.46 -13.05 28.39
N ASP C 351 27.82 -12.78 29.65
CA ASP C 351 26.89 -12.33 30.67
C ASP C 351 26.90 -10.80 30.78
N TYR C 352 25.97 -10.15 30.08
CA TYR C 352 25.86 -8.71 30.14
C TYR C 352 24.96 -8.23 31.26
N SER C 353 24.18 -9.12 31.87
CA SER C 353 23.44 -8.75 33.07
C SER C 353 24.39 -8.45 34.22
N VAL C 354 25.54 -9.11 34.25
CA VAL C 354 26.52 -8.86 35.32
C VAL C 354 27.00 -7.41 35.27
N LEU C 355 27.31 -6.91 34.08
CA LEU C 355 27.85 -5.55 33.98
C LEU C 355 26.81 -4.51 34.37
N TYR C 356 25.56 -4.71 33.98
CA TYR C 356 24.52 -3.73 34.31
C TYR C 356 24.14 -3.81 35.78
N ASN C 357 23.94 -5.02 36.30
CA ASN C 357 23.62 -5.19 37.71
C ASN C 357 24.81 -4.85 38.61
N SER C 358 26.01 -4.70 38.04
CA SER C 358 27.15 -4.26 38.83
C SER C 358 26.87 -2.93 39.51
N ALA C 359 26.10 -2.06 38.86
CA ALA C 359 25.79 -0.73 39.39
C ALA C 359 27.06 -0.02 39.82
N SER C 360 28.10 -0.17 39.01
CA SER C 360 29.44 0.35 39.30
C SER C 360 30.02 1.22 38.20
N PHE C 361 29.48 1.19 36.99
CA PHE C 361 29.99 1.96 35.87
C PHE C 361 29.10 3.18 35.64
N SER C 362 29.73 4.33 35.45
CA SER C 362 28.98 5.60 35.42
C SER C 362 28.16 5.76 34.14
N THR C 363 28.79 5.60 32.98
CA THR C 363 28.13 5.81 31.70
C THR C 363 27.69 4.48 31.13
N PHE C 364 26.43 4.41 30.71
CA PHE C 364 25.82 3.21 30.13
C PHE C 364 25.19 3.65 28.81
N LYS C 365 25.94 3.57 27.70
CA LYS C 365 25.43 4.08 26.42
C LYS C 365 25.69 3.02 25.35
N CYS C 366 24.66 2.29 24.96
CA CYS C 366 24.76 1.28 23.91
C CYS C 366 24.06 1.80 22.67
N TYR C 367 24.79 1.84 21.56
CA TYR C 367 24.28 2.33 20.29
C TYR C 367 24.21 1.19 19.29
N GLY C 368 23.08 1.09 18.60
CA GLY C 368 22.78 -0.03 17.74
C GLY C 368 22.11 -1.20 18.43
N VAL C 369 22.29 -1.34 19.74
CA VAL C 369 21.64 -2.37 20.53
C VAL C 369 21.09 -1.72 21.80
N SER C 370 19.84 -2.04 22.13
CA SER C 370 19.28 -1.55 23.38
C SER C 370 19.99 -2.21 24.56
N PRO C 371 20.20 -1.48 25.66
CA PRO C 371 20.91 -2.08 26.80
C PRO C 371 20.24 -3.32 27.36
N THR C 372 18.90 -3.34 27.40
CA THR C 372 18.20 -4.40 28.10
C THR C 372 18.22 -5.73 27.35
N LYS C 373 18.64 -5.76 26.09
CA LYS C 373 18.44 -6.94 25.25
C LYS C 373 19.74 -7.61 24.82
N LEU C 374 20.88 -7.24 25.43
CA LEU C 374 22.14 -7.89 25.06
C LEU C 374 22.12 -9.38 25.35
N ASN C 375 21.46 -9.81 26.42
CA ASN C 375 21.45 -11.22 26.76
C ASN C 375 20.55 -12.03 25.83
N ASP C 376 19.51 -11.39 25.31
CA ASP C 376 18.61 -12.06 24.35
C ASP C 376 19.37 -12.34 23.04
N LEU C 377 19.55 -11.31 22.22
CA LEU C 377 20.25 -11.48 20.92
C LEU C 377 21.73 -11.76 21.16
N CYS C 378 22.36 -12.55 20.29
CA CYS C 378 23.82 -12.77 20.43
C CYS C 378 24.53 -12.48 19.10
N PHE C 379 25.86 -12.45 19.09
CA PHE C 379 26.57 -12.01 17.86
C PHE C 379 27.63 -13.01 17.41
N THR C 380 28.51 -12.56 16.49
CA THR C 380 29.57 -13.40 15.95
C THR C 380 30.89 -13.25 16.70
N ASN C 381 31.44 -12.04 16.72
CA ASN C 381 32.71 -11.77 17.40
C ASN C 381 32.59 -10.53 18.27
N VAL C 382 33.41 -10.48 19.32
CA VAL C 382 33.41 -9.37 20.27
C VAL C 382 34.82 -8.82 20.38
N TYR C 383 34.94 -7.49 20.32
CA TYR C 383 36.20 -6.80 20.59
C TYR C 383 36.03 -5.86 21.77
N ALA C 384 36.99 -5.94 22.70
CA ALA C 384 36.93 -5.21 23.96
C ALA C 384 38.11 -4.25 24.07
N ASP C 385 37.83 -3.02 24.52
CA ASP C 385 38.84 -2.03 24.90
C ASP C 385 38.43 -1.38 26.21
N SER C 386 39.41 -0.99 27.01
CA SER C 386 39.12 -0.38 28.32
C SER C 386 40.33 0.41 28.78
N PHE C 387 40.14 1.69 29.09
CA PHE C 387 41.26 2.61 29.31
C PHE C 387 40.97 3.55 30.47
N VAL C 388 41.91 4.48 30.70
CA VAL C 388 42.00 5.29 31.90
C VAL C 388 41.95 6.77 31.49
N ILE C 389 41.07 7.09 30.54
CA ILE C 389 41.01 8.43 29.94
C ILE C 389 40.53 9.47 30.97
N ARG C 390 40.87 10.74 30.71
CA ARG C 390 40.42 11.83 31.57
C ARG C 390 38.90 12.00 31.50
N GLY C 391 38.35 12.59 32.56
CA GLY C 391 36.90 12.60 32.74
C GLY C 391 36.16 13.43 31.72
N ASP C 392 36.66 14.63 31.42
CA ASP C 392 36.02 15.46 30.42
C ASP C 392 36.26 14.95 29.00
N GLU C 393 37.13 13.96 28.84
CA GLU C 393 37.31 13.27 27.56
C GLU C 393 36.55 11.95 27.50
N VAL C 394 35.52 11.79 28.33
CA VAL C 394 34.68 10.59 28.27
C VAL C 394 33.58 10.75 27.24
N ARG C 395 32.95 11.93 27.20
CA ARG C 395 31.85 12.18 26.28
C ARG C 395 32.27 12.11 24.82
N GLN C 396 33.57 12.15 24.54
CA GLN C 396 34.08 12.06 23.18
C GLN C 396 34.22 10.63 22.67
N ILE C 397 33.87 9.62 23.47
CA ILE C 397 33.81 8.24 22.97
C ILE C 397 32.33 7.93 22.76
N ALA C 398 31.83 8.29 21.58
CA ALA C 398 30.56 7.90 21.00
C ALA C 398 30.59 8.43 19.57
N PRO C 399 30.16 7.67 18.57
CA PRO C 399 30.36 8.11 17.18
C PRO C 399 29.59 9.37 16.85
N GLY C 400 30.14 10.16 15.93
CA GLY C 400 29.56 11.44 15.57
C GLY C 400 29.97 12.54 16.52
N GLN C 401 31.27 12.67 16.78
CA GLN C 401 31.76 13.52 17.85
C GLN C 401 33.04 14.22 17.42
N THR C 402 33.38 15.29 18.13
CA THR C 402 34.62 16.02 17.92
C THR C 402 35.36 16.18 19.24
N GLY C 403 36.68 16.27 19.16
CA GLY C 403 37.53 16.39 20.32
C GLY C 403 38.91 15.85 20.03
N LYS C 404 39.86 16.21 20.91
CA LYS C 404 41.27 15.85 20.69
C LYS C 404 41.44 14.34 20.55
N ILE C 405 40.94 13.58 21.52
CA ILE C 405 40.97 12.13 21.40
C ILE C 405 40.02 11.67 20.29
N ALA C 406 38.86 12.32 20.20
CA ALA C 406 37.85 11.94 19.22
C ALA C 406 38.27 12.22 17.79
N ASP C 407 39.23 13.11 17.58
CA ASP C 407 39.69 13.47 16.25
C ASP C 407 41.04 12.87 15.90
N TYR C 408 41.97 12.79 16.85
CA TYR C 408 43.34 12.41 16.56
C TYR C 408 43.63 10.95 16.87
N ASN C 409 43.09 10.42 17.97
CA ASN C 409 43.55 9.15 18.52
C ASN C 409 42.88 7.95 17.86
N TYR C 410 41.55 7.88 17.92
CA TYR C 410 40.83 6.70 17.45
C TYR C 410 39.44 7.10 16.99
N LYS C 411 39.15 6.88 15.71
CA LYS C 411 37.85 7.22 15.17
C LYS C 411 36.80 6.19 15.57
N LEU C 412 35.56 6.68 15.71
CA LEU C 412 34.41 5.83 15.99
C LEU C 412 33.41 5.92 14.85
N PRO C 413 33.22 4.87 14.06
CA PRO C 413 32.32 4.97 12.90
C PRO C 413 30.89 5.19 13.33
N ASP C 414 30.17 5.95 12.50
CA ASP C 414 28.77 6.29 12.80
C ASP C 414 27.93 5.06 13.03
N ASP C 415 28.16 4.02 12.22
CA ASP C 415 27.34 2.81 12.24
C ASP C 415 27.84 1.87 13.33
N PHE C 416 27.89 2.40 14.55
CA PHE C 416 28.46 1.70 15.69
C PHE C 416 27.39 0.89 16.37
N THR C 417 27.55 -0.43 16.37
CA THR C 417 26.73 -1.34 17.16
C THR C 417 27.63 -1.87 18.28
N GLY C 418 27.32 -1.47 19.50
CA GLY C 418 28.16 -1.80 20.63
C GLY C 418 27.81 -0.92 21.81
N CYS C 419 28.73 -0.86 22.77
CA CYS C 419 28.46 -0.12 24.01
C CYS C 419 29.69 0.64 24.46
N VAL C 420 29.44 1.78 25.11
CA VAL C 420 30.43 2.57 25.83
C VAL C 420 29.95 2.68 27.27
N ILE C 421 30.74 2.13 28.19
CA ILE C 421 30.35 1.96 29.59
C ILE C 421 31.54 2.34 30.45
N ALA C 422 31.37 3.38 31.29
CA ALA C 422 32.50 4.04 31.92
C ALA C 422 32.29 4.26 33.41
N TRP C 423 33.39 4.39 34.13
CA TRP C 423 33.43 4.79 35.52
C TRP C 423 34.83 5.35 35.78
N ASN C 424 35.21 5.48 37.05
CA ASN C 424 36.52 6.06 37.33
C ASN C 424 37.56 4.99 37.67
N SER C 425 38.80 5.44 37.83
CA SER C 425 39.91 4.60 38.29
C SER C 425 40.76 5.38 39.30
N ASN C 426 40.10 6.05 40.23
CA ASN C 426 40.80 6.95 41.16
C ASN C 426 41.70 6.17 42.12
N ASN C 427 41.09 5.33 42.97
CA ASN C 427 41.84 4.65 44.02
C ASN C 427 42.78 3.57 43.46
N LEU C 428 42.72 3.30 42.16
CA LEU C 428 43.48 2.21 41.57
C LEU C 428 44.48 2.65 40.52
N ASP C 429 44.26 3.79 39.87
CA ASP C 429 45.16 4.24 38.81
C ASP C 429 45.75 5.62 39.08
N SER C 430 45.53 6.17 40.26
CA SER C 430 46.13 7.44 40.66
C SER C 430 47.13 7.19 41.77
N LYS C 431 48.21 7.98 41.76
CA LYS C 431 49.24 7.92 42.79
C LYS C 431 49.54 9.32 43.30
N VAL C 432 50.09 9.37 44.51
CA VAL C 432 50.38 10.66 45.15
C VAL C 432 51.38 11.45 44.31
N GLY C 433 52.42 10.78 43.82
CA GLY C 433 53.37 11.42 42.93
C GLY C 433 52.89 11.59 41.52
N GLY C 434 51.70 11.10 41.20
CA GLY C 434 51.15 11.21 39.87
C GLY C 434 51.54 10.04 38.99
N ASN C 435 50.57 9.47 38.28
CA ASN C 435 50.82 8.35 37.38
C ASN C 435 50.99 8.90 35.96
N TYR C 436 52.23 8.90 35.48
CA TYR C 436 52.58 9.44 34.17
C TYR C 436 52.95 8.36 33.17
N ASN C 437 52.47 7.13 33.39
CA ASN C 437 52.74 6.03 32.46
C ASN C 437 51.78 6.01 31.28
N TYR C 438 50.75 6.83 31.29
CA TYR C 438 49.81 6.94 30.18
C TYR C 438 50.16 8.14 29.32
N LEU C 439 50.48 7.89 28.06
CA LEU C 439 50.91 8.91 27.12
C LEU C 439 49.81 9.17 26.11
N TYR C 440 49.54 10.43 25.84
CA TYR C 440 48.41 10.87 25.04
C TYR C 440 48.91 11.75 23.91
N ARG C 441 48.30 11.62 22.73
CA ARG C 441 48.70 12.40 21.56
C ARG C 441 47.83 13.64 21.41
N LEU C 442 48.48 14.76 21.13
CA LEU C 442 47.79 16.01 20.82
C LEU C 442 48.07 16.52 19.41
N PHE C 443 49.17 16.11 18.79
CA PHE C 443 49.53 16.52 17.43
C PHE C 443 49.61 15.28 16.54
N ARG C 444 48.98 15.34 15.37
CA ARG C 444 49.12 14.33 14.34
C ARG C 444 49.03 15.02 12.99
N LYS C 445 49.58 14.36 11.97
CA LYS C 445 49.55 14.96 10.63
C LYS C 445 48.15 15.05 10.07
N SER C 446 47.36 13.98 10.21
CA SER C 446 46.02 13.96 9.67
C SER C 446 45.14 13.06 10.52
N ASN C 447 43.83 13.25 10.38
CA ASN C 447 42.86 12.45 11.11
C ASN C 447 42.92 10.99 10.65
N LEU C 448 42.50 10.10 11.54
CA LEU C 448 42.59 8.67 11.28
C LEU C 448 41.28 8.17 10.66
N LYS C 449 41.20 6.86 10.49
CA LYS C 449 40.03 6.14 10.02
C LYS C 449 39.45 5.31 11.16
N PRO C 450 38.19 4.90 11.06
CA PRO C 450 37.61 4.08 12.13
C PRO C 450 38.40 2.80 12.35
N PHE C 451 38.68 2.50 13.62
CA PHE C 451 39.38 1.28 14.04
C PHE C 451 40.79 1.21 13.45
N GLU C 452 41.44 2.35 13.31
CA GLU C 452 42.84 2.43 12.88
C GLU C 452 43.73 2.64 14.09
N ARG C 453 44.91 2.01 14.06
CA ARG C 453 45.86 2.11 15.17
C ARG C 453 47.20 2.63 14.67
N ASP C 454 47.68 3.71 15.29
CA ASP C 454 49.01 4.25 15.05
C ASP C 454 49.75 4.31 16.37
N ILE C 455 50.94 3.71 16.44
CA ILE C 455 51.79 3.75 17.61
C ILE C 455 53.14 4.39 17.30
N SER C 456 53.28 4.98 16.11
CA SER C 456 54.54 5.62 15.74
C SER C 456 54.84 6.80 16.66
N THR C 457 56.12 6.95 17.00
CA THR C 457 56.57 7.99 17.92
C THR C 457 57.38 9.07 17.20
N GLU C 458 57.09 9.31 15.93
CA GLU C 458 57.81 10.32 15.18
C GLU C 458 57.48 11.73 15.68
N ILE C 459 58.47 12.60 15.66
CA ILE C 459 58.31 13.97 16.13
C ILE C 459 57.66 14.79 15.02
N TYR C 460 56.53 15.42 15.34
CA TYR C 460 55.77 16.16 14.35
C TYR C 460 56.39 17.54 14.10
N GLN C 461 56.26 18.01 12.86
CA GLN C 461 56.83 19.28 12.43
C GLN C 461 55.75 20.35 12.50
N ALA C 462 55.79 21.16 13.56
CA ALA C 462 54.84 22.25 13.69
C ALA C 462 55.15 23.40 12.74
N GLY C 463 56.42 23.63 12.46
CA GLY C 463 56.87 24.68 11.57
C GLY C 463 57.13 24.21 10.16
N SER C 464 58.05 24.88 9.48
CA SER C 464 58.41 24.54 8.11
C SER C 464 59.67 23.69 8.01
N THR C 465 60.60 23.84 8.96
CA THR C 465 61.81 23.05 8.95
C THR C 465 61.53 21.63 9.42
N PRO C 466 62.28 20.65 8.92
CA PRO C 466 62.04 19.25 9.34
C PRO C 466 62.69 18.96 10.68
N CYS C 467 61.98 18.17 11.50
CA CYS C 467 62.51 17.77 12.79
C CYS C 467 63.57 16.67 12.67
N ASN C 468 63.40 15.77 11.69
CA ASN C 468 64.33 14.66 11.48
C ASN C 468 64.44 13.78 12.71
N GLY C 469 63.32 13.60 13.40
CA GLY C 469 63.30 12.80 14.62
C GLY C 469 63.92 13.46 15.82
N VAL C 470 64.24 14.76 15.74
CA VAL C 470 64.87 15.50 16.81
C VAL C 470 63.97 16.66 17.20
N GLU C 471 63.71 16.80 18.50
CA GLU C 471 62.90 17.90 18.98
C GLU C 471 63.64 19.22 18.85
N GLY C 472 63.00 20.30 19.25
CA GLY C 472 63.56 21.63 19.16
C GLY C 472 62.46 22.64 18.89
N PHE C 473 62.84 23.68 18.13
CA PHE C 473 61.89 24.73 17.78
C PHE C 473 60.87 24.17 16.80
N ASN C 474 59.58 24.32 17.14
CA ASN C 474 58.48 23.80 16.34
C ASN C 474 58.61 22.29 16.11
N CYS C 475 59.08 21.59 17.15
CA CYS C 475 59.21 20.14 17.11
C CYS C 475 58.87 19.59 18.50
N TYR C 476 57.89 18.70 18.57
CA TYR C 476 57.42 18.17 19.84
C TYR C 476 57.26 16.65 19.73
N PHE C 477 57.46 15.98 20.86
CA PHE C 477 57.16 14.56 20.93
C PHE C 477 55.66 14.33 20.81
N PRO C 478 55.24 13.19 20.27
CA PRO C 478 53.81 12.96 20.07
C PRO C 478 53.03 12.79 21.37
N LEU C 479 53.67 12.30 22.42
CA LEU C 479 52.98 11.82 23.60
C LEU C 479 53.34 12.64 24.84
N GLN C 480 52.30 13.13 25.52
CA GLN C 480 52.44 13.78 26.83
C GLN C 480 51.79 12.92 27.90
N SER C 481 52.36 12.91 29.09
CA SER C 481 51.85 12.09 30.17
C SER C 481 50.88 12.90 31.04
N TYR C 482 49.86 12.22 31.56
CA TYR C 482 48.87 12.84 32.43
C TYR C 482 49.33 12.79 33.87
N GLY C 483 48.96 13.83 34.62
CA GLY C 483 49.22 13.87 36.04
C GLY C 483 48.07 13.31 36.87
N PHE C 484 47.80 12.01 36.73
CA PHE C 484 46.73 11.39 37.48
C PHE C 484 47.07 11.38 38.97
N GLN C 485 46.38 12.22 39.73
CA GLN C 485 46.56 12.31 41.17
C GLN C 485 45.24 12.04 41.87
N PRO C 486 45.28 11.47 43.08
CA PRO C 486 44.01 11.23 43.80
C PRO C 486 43.33 12.50 44.28
N THR C 487 43.98 13.65 44.18
CA THR C 487 43.42 14.92 44.61
C THR C 487 42.91 15.77 43.45
N ASN C 488 43.01 15.30 42.22
CA ASN C 488 42.53 16.07 41.08
C ASN C 488 41.01 16.10 41.05
N GLY C 489 40.47 17.12 40.38
CA GLY C 489 39.04 17.32 40.29
C GLY C 489 38.37 16.30 39.39
N VAL C 490 37.04 16.39 39.33
CA VAL C 490 36.22 15.36 38.70
C VAL C 490 36.64 15.13 37.25
N GLY C 491 36.89 16.20 36.52
CA GLY C 491 37.28 16.05 35.12
C GLY C 491 38.70 15.55 34.95
N TYR C 492 39.60 15.89 35.88
CA TYR C 492 41.00 15.51 35.79
C TYR C 492 41.28 14.15 36.39
N GLN C 493 40.25 13.47 36.91
CA GLN C 493 40.41 12.15 37.49
C GLN C 493 40.67 11.11 36.39
N PRO C 494 41.29 10.00 36.75
CA PRO C 494 41.37 8.87 35.81
C PRO C 494 40.03 8.17 35.69
N TYR C 495 39.69 7.77 34.47
CA TYR C 495 38.37 7.25 34.15
C TYR C 495 38.53 5.96 33.38
N ARG C 496 38.08 4.86 33.98
CA ARG C 496 38.14 3.55 33.35
C ARG C 496 36.90 3.41 32.47
N VAL C 497 37.09 3.53 31.17
CA VAL C 497 36.02 3.50 30.18
C VAL C 497 36.18 2.25 29.35
N VAL C 498 35.06 1.64 28.96
CA VAL C 498 35.05 0.41 28.20
C VAL C 498 34.26 0.63 26.92
N VAL C 499 34.82 0.17 25.81
CA VAL C 499 34.09 0.12 24.54
C VAL C 499 34.07 -1.32 24.07
N LEU C 500 32.87 -1.84 23.84
CA LEU C 500 32.68 -3.18 23.30
C LEU C 500 32.08 -3.04 21.91
N SER C 501 32.78 -3.60 20.92
CA SER C 501 32.32 -3.61 19.54
C SER C 501 31.91 -5.03 19.18
N PHE C 502 30.66 -5.20 18.78
CA PHE C 502 30.10 -6.50 18.46
C PHE C 502 29.96 -6.62 16.95
N GLU C 503 29.94 -7.86 16.46
CA GLU C 503 29.77 -8.09 15.03
C GLU C 503 28.48 -8.85 14.77
N LEU C 504 27.54 -8.21 14.08
CA LEU C 504 26.30 -8.82 13.62
C LEU C 504 26.46 -9.09 12.12
N LEU C 505 26.70 -10.34 11.78
CA LEU C 505 26.93 -10.73 10.39
C LEU C 505 26.03 -11.92 10.04
N HIS C 506 25.95 -12.20 8.74
CA HIS C 506 25.31 -13.42 8.25
C HIS C 506 26.28 -14.60 8.36
N ALA C 507 26.76 -14.80 9.58
CA ALA C 507 27.82 -15.74 9.88
C ALA C 507 27.43 -16.52 11.13
N PRO C 508 28.02 -17.70 11.34
CA PRO C 508 27.70 -18.46 12.55
C PRO C 508 28.05 -17.70 13.82
N ALA C 509 27.17 -17.81 14.81
CA ALA C 509 27.33 -17.09 16.06
C ALA C 509 28.14 -17.92 17.04
N THR C 510 29.16 -17.31 17.64
CA THR C 510 30.02 -17.98 18.61
C THR C 510 29.87 -17.44 20.02
N VAL C 511 29.36 -16.23 20.18
CA VAL C 511 29.10 -15.65 21.49
C VAL C 511 27.60 -15.53 21.64
N CYS C 512 27.05 -15.98 22.77
CA CYS C 512 25.62 -15.82 22.99
C CYS C 512 25.36 -15.52 24.46
N GLY C 513 24.17 -15.02 24.74
CA GLY C 513 23.85 -14.54 26.06
C GLY C 513 23.43 -15.65 27.00
N PRO C 514 23.26 -15.30 28.27
CA PRO C 514 22.75 -16.27 29.24
C PRO C 514 21.33 -16.69 28.86
N LYS C 515 20.99 -17.93 29.21
CA LYS C 515 19.75 -18.55 28.77
C LYS C 515 18.85 -18.85 29.96
N LYS C 516 17.60 -18.39 29.88
CA LYS C 516 16.63 -18.57 30.95
C LYS C 516 16.18 -20.03 30.99
N SER C 517 16.54 -20.74 32.05
CA SER C 517 16.12 -22.13 32.25
C SER C 517 15.23 -22.20 33.49
N THR C 518 14.11 -22.90 33.35
CA THR C 518 13.11 -22.99 34.40
C THR C 518 13.07 -24.39 34.99
N ASN C 519 12.13 -24.60 35.90
CA ASN C 519 11.97 -25.87 36.57
C ASN C 519 11.18 -26.84 35.70
N LEU C 520 11.18 -28.10 36.10
CA LEU C 520 10.59 -29.20 35.33
C LEU C 520 9.22 -29.57 35.90
N VAL C 521 8.26 -29.76 35.01
CA VAL C 521 6.91 -30.17 35.38
C VAL C 521 6.54 -31.38 34.54
N LYS C 522 5.96 -32.40 35.17
CA LYS C 522 5.58 -33.63 34.50
C LYS C 522 4.11 -33.94 34.75
N ASN C 523 3.52 -34.68 33.81
CA ASN C 523 2.13 -35.14 33.91
C ASN C 523 1.15 -33.98 33.98
N LYS C 524 1.51 -32.82 33.44
CA LYS C 524 0.60 -31.68 33.33
C LYS C 524 0.79 -31.04 31.97
N CYS C 525 -0.33 -30.73 31.31
CA CYS C 525 -0.27 -30.05 30.01
C CYS C 525 0.44 -28.72 30.15
N VAL C 526 1.47 -28.50 29.34
CA VAL C 526 2.32 -27.32 29.45
C VAL C 526 2.87 -26.98 28.08
N ASN C 527 3.10 -25.70 27.86
CA ASN C 527 3.87 -25.24 26.71
C ASN C 527 5.36 -25.40 27.03
N PHE C 528 6.07 -26.09 26.14
CA PHE C 528 7.45 -26.46 26.36
C PHE C 528 8.34 -25.91 25.25
N ASN C 529 9.56 -25.54 25.62
CA ASN C 529 10.57 -25.07 24.68
C ASN C 529 11.88 -25.80 24.97
N PHE C 530 12.17 -26.83 24.19
CA PHE C 530 13.37 -27.64 24.34
C PHE C 530 14.32 -27.33 23.19
N ASN C 531 15.43 -26.65 23.51
CA ASN C 531 16.50 -26.39 22.55
C ASN C 531 15.99 -25.60 21.34
N GLY C 532 14.91 -24.85 21.51
CA GLY C 532 14.32 -24.08 20.44
C GLY C 532 13.03 -24.66 19.89
N LEU C 533 12.75 -25.93 20.13
CA LEU C 533 11.47 -26.51 19.71
C LEU C 533 10.39 -26.09 20.68
N THR C 534 9.37 -25.39 20.18
CA THR C 534 8.25 -24.95 20.98
C THR C 534 7.03 -25.79 20.65
N GLY C 535 6.26 -26.14 21.69
CA GLY C 535 5.05 -26.88 21.47
C GLY C 535 4.20 -26.93 22.71
N THR C 536 3.08 -27.64 22.61
CA THR C 536 2.18 -27.88 23.72
C THR C 536 2.06 -29.38 23.93
N GLY C 537 2.19 -29.82 25.17
CA GLY C 537 2.06 -31.25 25.40
C GLY C 537 2.19 -31.58 26.87
N VAL C 538 2.05 -32.86 27.17
CA VAL C 538 2.28 -33.39 28.50
C VAL C 538 3.51 -34.27 28.43
N LEU C 539 4.45 -34.05 29.33
CA LEU C 539 5.74 -34.73 29.33
C LEU C 539 5.68 -35.87 30.32
N THR C 540 5.90 -37.09 29.83
CA THR C 540 5.87 -38.28 30.66
C THR C 540 7.20 -39.00 30.59
N GLU C 541 7.49 -39.76 31.64
CA GLU C 541 8.72 -40.53 31.68
C GLU C 541 8.66 -41.64 30.65
N SER C 542 9.72 -41.78 29.86
CA SER C 542 9.74 -42.67 28.72
C SER C 542 10.83 -43.71 28.87
N ASN C 543 10.55 -44.92 28.40
CA ASN C 543 11.49 -46.03 28.50
C ASN C 543 12.43 -46.12 27.30
N LYS C 544 12.16 -45.36 26.23
CA LYS C 544 12.99 -45.42 25.04
C LYS C 544 14.45 -45.12 25.38
N LYS C 545 15.35 -45.73 24.61
CA LYS C 545 16.78 -45.50 24.75
C LYS C 545 17.30 -44.80 23.50
N PHE C 546 17.92 -43.64 23.69
CA PHE C 546 18.50 -42.88 22.60
C PHE C 546 19.98 -43.24 22.48
N LEU C 547 20.48 -43.28 21.26
CA LEU C 547 21.92 -43.34 21.08
C LEU C 547 22.54 -41.99 21.46
N PRO C 548 23.77 -41.98 21.95
CA PRO C 548 24.30 -40.76 22.58
C PRO C 548 24.32 -39.53 21.69
N PHE C 549 24.42 -39.70 20.38
CA PHE C 549 24.47 -38.55 19.49
C PHE C 549 23.10 -38.09 19.01
N GLN C 550 22.02 -38.73 19.46
CA GLN C 550 20.68 -38.36 19.06
C GLN C 550 20.03 -37.46 20.10
N GLN C 551 19.13 -36.61 19.64
CA GLN C 551 18.44 -35.66 20.49
C GLN C 551 16.93 -35.77 20.45
N PHE C 552 16.34 -36.07 19.31
CA PHE C 552 14.90 -36.01 19.14
C PHE C 552 14.36 -37.38 18.75
N GLY C 553 13.06 -37.43 18.50
CA GLY C 553 12.43 -38.63 18.00
C GLY C 553 11.15 -38.30 17.27
N ARG C 554 10.92 -38.93 16.13
CA ARG C 554 9.71 -38.71 15.36
C ARG C 554 8.99 -40.03 15.15
N ASP C 555 7.69 -39.95 14.93
CA ASP C 555 6.88 -41.12 14.65
C ASP C 555 6.91 -41.39 13.14
N ILE C 556 6.10 -42.36 12.69
CA ILE C 556 6.03 -42.67 11.27
C ILE C 556 5.44 -41.51 10.48
N ALA C 557 4.69 -40.62 11.12
CA ALA C 557 3.96 -39.57 10.43
C ALA C 557 4.59 -38.19 10.66
N ASP C 558 5.90 -38.14 10.86
CA ASP C 558 6.65 -36.88 10.93
C ASP C 558 6.13 -35.97 12.05
N THR C 559 5.86 -36.55 13.21
CA THR C 559 5.47 -35.79 14.39
C THR C 559 6.43 -36.13 15.53
N THR C 560 6.96 -35.09 16.19
CA THR C 560 7.89 -35.31 17.28
C THR C 560 7.19 -35.96 18.46
N ASP C 561 7.85 -36.98 19.04
CA ASP C 561 7.27 -37.69 20.17
C ASP C 561 8.22 -37.88 21.34
N ALA C 562 9.53 -37.89 21.15
CA ALA C 562 10.46 -38.08 22.25
C ALA C 562 11.55 -37.04 22.18
N VAL C 563 12.09 -36.66 23.34
CA VAL C 563 13.07 -35.60 23.42
C VAL C 563 14.03 -35.90 24.56
N ARG C 564 15.24 -35.36 24.45
CA ARG C 564 16.30 -35.54 25.44
C ARG C 564 16.45 -34.24 26.24
N ASP C 565 16.24 -34.33 27.53
CA ASP C 565 16.41 -33.17 28.40
C ASP C 565 17.89 -32.81 28.47
N PRO C 566 18.28 -31.58 28.12
CA PRO C 566 19.72 -31.26 28.09
C PRO C 566 20.40 -31.33 29.45
N GLN C 567 19.82 -30.72 30.49
CA GLN C 567 20.44 -30.75 31.81
C GLN C 567 20.44 -32.16 32.38
N THR C 568 19.26 -32.73 32.58
CA THR C 568 19.13 -34.07 33.12
C THR C 568 19.00 -35.06 31.98
N LEU C 569 19.90 -36.03 31.93
CA LEU C 569 20.03 -36.89 30.76
C LEU C 569 18.89 -37.90 30.62
N GLU C 570 17.79 -37.71 31.33
CA GLU C 570 16.62 -38.56 31.15
C GLU C 570 16.00 -38.31 29.78
N ILE C 571 15.10 -39.21 29.38
CA ILE C 571 14.44 -39.14 28.08
C ILE C 571 12.94 -39.02 28.32
N LEU C 572 12.33 -38.02 27.71
CA LEU C 572 10.94 -37.67 28.01
C LEU C 572 10.11 -37.81 26.75
N ASP C 573 8.94 -38.42 26.85
CA ASP C 573 8.06 -38.49 25.69
C ASP C 573 6.88 -37.54 25.87
N ILE C 574 6.31 -37.12 24.75
CA ILE C 574 5.34 -36.06 24.70
C ILE C 574 4.03 -36.62 24.19
N THR C 575 2.95 -36.35 24.93
CA THR C 575 1.62 -36.65 24.44
C THR C 575 0.87 -35.36 24.22
N PRO C 576 0.28 -35.14 23.05
CA PRO C 576 -0.49 -33.91 22.85
C PRO C 576 -1.64 -33.84 23.84
N CYS C 577 -1.94 -32.62 24.29
CA CYS C 577 -2.88 -32.44 25.39
C CYS C 577 -4.26 -32.91 24.96
N SER C 578 -4.88 -33.74 25.80
CA SER C 578 -6.10 -34.45 25.43
C SER C 578 -7.22 -33.47 25.10
N PHE C 579 -7.89 -33.71 23.98
CA PHE C 579 -9.04 -32.92 23.58
C PHE C 579 -10.14 -33.84 23.09
N GLY C 580 -11.19 -33.30 22.51
CA GLY C 580 -12.21 -34.14 21.92
C GLY C 580 -13.52 -33.40 21.76
N GLY C 581 -14.54 -34.16 21.35
CA GLY C 581 -15.87 -33.61 21.21
C GLY C 581 -16.73 -33.83 22.44
N VAL C 582 -17.80 -33.04 22.54
CA VAL C 582 -18.74 -33.12 23.65
C VAL C 582 -20.11 -33.45 23.06
N SER C 583 -20.77 -34.45 23.63
CA SER C 583 -22.07 -34.88 23.15
C SER C 583 -23.07 -34.84 24.29
N VAL C 584 -24.33 -34.58 23.95
CA VAL C 584 -25.41 -34.46 24.93
C VAL C 584 -26.43 -35.54 24.64
N ILE C 585 -26.70 -36.39 25.63
CA ILE C 585 -27.76 -37.38 25.58
C ILE C 585 -28.98 -36.80 26.27
N THR C 586 -30.10 -36.73 25.55
CA THR C 586 -31.31 -36.14 26.08
C THR C 586 -32.54 -36.77 25.46
N PRO C 587 -33.60 -37.01 26.25
CA PRO C 587 -34.88 -37.42 25.67
C PRO C 587 -35.64 -36.23 25.09
N GLY C 588 -36.87 -36.45 24.66
CA GLY C 588 -37.66 -35.34 24.16
C GLY C 588 -37.88 -34.28 25.22
N THR C 589 -37.86 -33.02 24.78
CA THR C 589 -38.05 -31.91 25.71
C THR C 589 -39.46 -31.88 26.29
N ASN C 590 -40.43 -32.49 25.61
CA ASN C 590 -41.80 -32.58 26.13
C ASN C 590 -41.93 -33.57 27.28
N THR C 591 -40.89 -34.35 27.56
CA THR C 591 -40.91 -35.34 28.63
C THR C 591 -40.04 -34.95 29.83
N SER C 592 -38.87 -34.36 29.60
CA SER C 592 -37.99 -33.97 30.68
C SER C 592 -37.07 -32.84 30.20
N ASN C 593 -36.46 -32.16 31.16
CA ASN C 593 -35.51 -31.09 30.88
C ASN C 593 -34.10 -31.40 31.37
N GLN C 594 -33.86 -32.60 31.89
CA GLN C 594 -32.53 -32.99 32.34
C GLN C 594 -31.78 -33.70 31.21
N VAL C 595 -30.46 -33.56 31.22
CA VAL C 595 -29.61 -34.07 30.14
C VAL C 595 -28.40 -34.77 30.76
N ALA C 596 -27.63 -35.42 29.88
CA ALA C 596 -26.37 -36.05 30.25
C ALA C 596 -25.29 -35.66 29.26
N VAL C 597 -24.04 -35.65 29.71
CA VAL C 597 -22.91 -35.22 28.89
C VAL C 597 -21.95 -36.39 28.73
N LEU C 598 -21.34 -36.50 27.55
CA LEU C 598 -20.38 -37.54 27.23
C LEU C 598 -19.21 -36.91 26.48
N TYR C 599 -18.00 -37.11 26.98
CA TYR C 599 -16.80 -36.57 26.36
C TYR C 599 -16.12 -37.69 25.57
N GLN C 600 -16.04 -37.50 24.24
CA GLN C 600 -15.51 -38.54 23.37
C GLN C 600 -13.99 -38.58 23.42
N GLY C 601 -13.44 -39.78 23.54
CA GLY C 601 -12.02 -40.00 23.34
C GLY C 601 -11.10 -39.24 24.27
N VAL C 602 -11.43 -39.18 25.56
CA VAL C 602 -10.60 -38.54 26.57
C VAL C 602 -10.73 -39.36 27.85
N ASN C 603 -9.90 -39.05 28.84
CA ASN C 603 -9.96 -39.70 30.13
C ASN C 603 -10.65 -38.77 31.12
N CYS C 604 -11.33 -39.35 32.11
CA CYS C 604 -12.28 -38.59 32.91
C CYS C 604 -11.62 -37.87 34.08
N THR C 605 -10.33 -37.60 33.97
CA THR C 605 -9.60 -36.83 34.98
C THR C 605 -9.45 -35.37 34.59
N GLU C 606 -9.26 -35.08 33.31
CA GLU C 606 -9.04 -33.70 32.87
C GLU C 606 -10.31 -32.87 32.96
N VAL C 607 -11.48 -33.50 32.92
CA VAL C 607 -12.74 -32.79 33.03
C VAL C 607 -12.87 -32.12 34.40
N GLN D 1 2.90 2.22 -4.67
CA GLN D 1 3.14 2.21 -3.23
C GLN D 1 4.63 2.34 -2.95
N VAL D 2 5.38 2.66 -3.99
CA VAL D 2 6.83 2.87 -3.89
C VAL D 2 7.07 4.18 -3.15
N GLN D 3 7.60 4.10 -1.94
CA GLN D 3 7.79 5.28 -1.10
C GLN D 3 9.21 5.31 -0.55
N LEU D 4 9.89 6.44 -0.77
CA LEU D 4 11.20 6.71 -0.20
C LEU D 4 11.05 7.89 0.76
N GLN D 5 11.40 7.67 2.03
CA GLN D 5 11.15 8.65 3.08
C GLN D 5 12.45 9.07 3.72
N GLU D 6 12.68 10.38 3.79
CA GLU D 6 13.83 10.96 4.47
C GLU D 6 13.43 11.40 5.88
N SER D 7 14.35 11.20 6.82
CA SER D 7 14.11 11.59 8.20
C SER D 7 15.42 11.99 8.86
N GLY D 8 15.32 12.76 9.94
CA GLY D 8 16.47 13.19 10.69
C GLY D 8 16.94 14.60 10.45
N GLY D 9 16.27 15.36 9.57
CA GLY D 9 16.68 16.72 9.32
C GLY D 9 16.43 17.62 10.51
N GLY D 10 17.15 18.75 10.53
CA GLY D 10 17.01 19.68 11.62
C GLY D 10 18.07 20.77 11.55
N LEU D 11 18.14 21.55 12.62
CA LEU D 11 19.08 22.65 12.75
C LEU D 11 20.19 22.26 13.72
N VAL D 12 21.43 22.44 13.29
CA VAL D 12 22.60 22.05 14.08
C VAL D 12 23.65 23.16 14.06
N GLN D 13 24.52 23.14 15.06
CA GLN D 13 25.62 24.07 15.11
C GLN D 13 26.71 23.67 14.12
N PRO D 14 27.36 24.63 13.47
CA PRO D 14 28.56 24.30 12.69
C PRO D 14 29.59 23.62 13.57
N GLY D 15 30.24 22.58 13.01
CA GLY D 15 31.14 21.76 13.77
C GLY D 15 30.49 20.64 14.54
N GLY D 16 29.16 20.56 14.52
CA GLY D 16 28.43 19.50 15.19
C GLY D 16 28.28 18.28 14.31
N SER D 17 27.30 17.45 14.65
CA SER D 17 27.03 16.22 13.92
C SER D 17 25.53 16.06 13.72
N LEU D 18 25.15 15.35 12.66
CA LEU D 18 23.76 15.09 12.36
C LEU D 18 23.66 13.77 11.59
N ARG D 19 22.49 13.13 11.66
CA ARG D 19 22.27 11.87 10.97
C ARG D 19 20.98 11.92 10.18
N LEU D 20 21.04 11.51 8.92
CA LEU D 20 19.89 11.44 8.02
C LEU D 20 19.68 9.99 7.61
N SER D 21 18.41 9.58 7.56
CA SER D 21 18.06 8.21 7.19
C SER D 21 17.03 8.23 6.07
N CYS D 22 17.24 7.36 5.09
CA CYS D 22 16.30 7.15 4.00
C CYS D 22 15.79 5.73 4.07
N ALA D 23 14.47 5.58 4.21
CA ALA D 23 13.83 4.29 4.31
C ALA D 23 12.95 4.05 3.09
N ALA D 24 12.79 2.78 2.74
CA ALA D 24 12.03 2.37 1.57
C ALA D 24 10.85 1.50 2.01
N SER D 25 9.66 1.83 1.52
CA SER D 25 8.47 1.03 1.77
C SER D 25 7.78 0.72 0.45
N GLY D 26 7.32 -0.52 0.31
CA GLY D 26 6.70 -0.97 -0.91
C GLY D 26 7.62 -1.61 -1.92
N PHE D 27 8.93 -1.66 -1.64
CA PHE D 27 9.90 -2.24 -2.56
C PHE D 27 11.17 -2.56 -1.79
N THR D 28 12.05 -3.32 -2.43
CA THR D 28 13.32 -3.71 -1.83
C THR D 28 14.39 -2.70 -2.24
N LEU D 29 15.06 -2.11 -1.25
CA LEU D 29 16.09 -1.12 -1.49
C LEU D 29 17.47 -1.71 -1.66
N ASP D 30 17.66 -2.99 -1.32
CA ASP D 30 18.96 -3.63 -1.52
C ASP D 30 19.32 -3.69 -2.99
N TYR D 31 18.32 -3.90 -3.86
CA TYR D 31 18.58 -4.02 -5.29
C TYR D 31 18.96 -2.68 -5.93
N TYR D 32 18.58 -1.57 -5.33
CA TYR D 32 18.88 -0.25 -5.86
C TYR D 32 20.13 0.33 -5.22
N ALA D 33 20.80 1.20 -5.98
CA ALA D 33 21.88 2.03 -5.46
C ALA D 33 21.32 3.41 -5.12
N ILE D 34 21.74 3.96 -3.99
CA ILE D 34 21.07 5.11 -3.41
C ILE D 34 22.07 6.24 -3.23
N GLY D 35 21.66 7.44 -3.63
CA GLY D 35 22.48 8.64 -3.50
C GLY D 35 21.75 9.73 -2.75
N TRP D 36 22.46 10.41 -1.87
CA TRP D 36 21.96 11.60 -1.21
C TRP D 36 22.33 12.82 -2.03
N PHE D 37 21.33 13.65 -2.31
CA PHE D 37 21.47 14.83 -3.14
C PHE D 37 20.89 16.03 -2.40
N ARG D 38 21.23 17.22 -2.88
CA ARG D 38 20.90 18.44 -2.16
C ARG D 38 20.49 19.55 -3.12
N GLN D 39 19.69 20.48 -2.60
CA GLN D 39 19.47 21.76 -3.24
C GLN D 39 19.53 22.86 -2.18
N ALA D 40 20.39 23.83 -2.41
CA ALA D 40 20.56 24.99 -1.55
C ALA D 40 19.72 26.14 -2.07
N PRO D 41 19.43 27.15 -1.23
CA PRO D 41 18.70 28.32 -1.73
C PRO D 41 19.44 29.01 -2.86
N GLY D 42 18.86 28.99 -4.05
CA GLY D 42 19.47 29.60 -5.21
C GLY D 42 20.51 28.78 -5.94
N LYS D 43 20.59 27.48 -5.67
CA LYS D 43 21.56 26.59 -6.31
C LYS D 43 20.84 25.44 -7.00
N GLU D 44 21.62 24.60 -7.68
CA GLU D 44 21.10 23.48 -8.46
C GLU D 44 21.24 22.18 -7.67
N ARG D 45 20.52 21.16 -8.12
CA ARG D 45 20.52 19.84 -7.48
C ARG D 45 21.86 19.16 -7.76
N GLU D 46 22.78 19.24 -6.81
CA GLU D 46 24.12 18.70 -6.97
C GLU D 46 24.26 17.37 -6.25
N GLY D 47 25.07 16.49 -6.82
CA GLY D 47 25.26 15.17 -6.27
C GLY D 47 26.17 15.16 -5.06
N VAL D 48 25.58 14.95 -3.89
CA VAL D 48 26.36 14.97 -2.65
C VAL D 48 27.15 13.67 -2.50
N SER D 49 26.45 12.54 -2.48
CA SER D 49 27.17 11.27 -2.36
C SER D 49 26.28 10.13 -2.85
N CYS D 50 26.89 8.97 -3.04
CA CYS D 50 26.19 7.80 -3.57
C CYS D 50 26.82 6.53 -3.02
N ILE D 51 26.00 5.48 -2.92
CA ILE D 51 26.43 4.14 -2.54
C ILE D 51 25.75 3.14 -3.45
N SER D 52 26.46 2.05 -3.75
CA SER D 52 25.96 1.03 -4.65
C SER D 52 24.92 0.15 -3.94
N SER D 53 24.34 -0.78 -4.70
CA SER D 53 23.32 -1.68 -4.14
C SER D 53 23.91 -2.57 -3.07
N SER D 54 25.10 -3.12 -3.30
CA SER D 54 25.76 -3.98 -2.32
C SER D 54 26.53 -3.19 -1.27
N GLY D 55 26.75 -1.90 -1.49
CA GLY D 55 27.56 -1.10 -0.58
C GLY D 55 29.05 -1.19 -0.80
N GLY D 56 29.50 -1.97 -1.78
CA GLY D 56 30.92 -2.10 -2.04
C GLY D 56 31.55 -0.94 -2.78
N ARG D 57 30.74 -0.05 -3.36
CA ARG D 57 31.24 1.11 -4.09
C ARG D 57 30.53 2.36 -3.61
N THR D 58 31.31 3.42 -3.38
CA THR D 58 30.77 4.69 -2.90
C THR D 58 31.44 5.84 -3.64
N ASN D 59 30.72 6.95 -3.73
CA ASN D 59 31.26 8.18 -4.28
C ASN D 59 30.84 9.34 -3.40
N TYR D 60 31.74 10.32 -3.28
CA TYR D 60 31.48 11.51 -2.49
C TYR D 60 31.74 12.75 -3.35
N ALA D 61 31.13 13.86 -2.94
CA ALA D 61 31.47 15.15 -3.51
C ALA D 61 32.72 15.69 -2.82
N ASP D 62 33.56 16.36 -3.62
CA ASP D 62 34.76 16.95 -3.05
C ASP D 62 34.44 18.02 -2.01
N SER D 63 33.23 18.57 -2.04
CA SER D 63 32.80 19.51 -1.02
C SER D 63 32.46 18.80 0.30
N VAL D 64 32.25 17.49 0.29
CA VAL D 64 31.88 16.74 1.47
C VAL D 64 32.90 15.65 1.81
N LYS D 65 34.04 15.63 1.14
CA LYS D 65 35.02 14.58 1.37
C LYS D 65 35.70 14.75 2.73
N GLY D 66 35.88 13.64 3.44
CA GLY D 66 36.52 13.64 4.73
C GLY D 66 35.65 14.07 5.88
N ARG D 67 34.37 14.35 5.63
CA ARG D 67 33.50 14.91 6.65
C ARG D 67 32.18 14.15 6.70
N PHE D 68 31.82 13.53 5.58
CA PHE D 68 30.55 12.85 5.41
C PHE D 68 30.76 11.34 5.48
N THR D 69 29.70 10.61 5.81
CA THR D 69 29.77 9.15 5.84
C THR D 69 28.48 8.57 5.28
N ILE D 70 28.60 7.79 4.20
CA ILE D 70 27.48 7.11 3.56
C ILE D 70 27.55 5.63 3.87
N SER D 71 26.40 5.04 4.21
CA SER D 71 26.34 3.60 4.41
C SER D 71 24.91 3.13 4.20
N ARG D 72 24.70 1.83 4.36
CA ARG D 72 23.39 1.25 4.14
C ARG D 72 23.22 -0.02 4.97
N ASP D 73 21.98 -0.29 5.35
CA ASP D 73 21.58 -1.57 5.93
C ASP D 73 20.59 -2.20 4.96
N ASN D 74 21.04 -3.24 4.26
CA ASN D 74 20.20 -3.91 3.28
C ASN D 74 19.21 -4.88 3.90
N THR D 75 19.47 -5.33 5.13
CA THR D 75 18.49 -6.14 5.85
C THR D 75 17.32 -5.28 6.34
N LYS D 76 17.62 -4.05 6.77
CA LYS D 76 16.59 -3.11 7.21
C LYS D 76 16.11 -2.19 6.10
N ASN D 77 16.67 -2.32 4.89
CA ASN D 77 16.16 -1.65 3.69
C ASN D 77 16.25 -0.13 3.81
N THR D 78 17.41 0.35 4.25
CA THR D 78 17.59 1.77 4.50
C THR D 78 19.03 2.20 4.21
N VAL D 79 19.21 3.50 4.05
CA VAL D 79 20.50 4.12 3.74
C VAL D 79 20.73 5.30 4.68
N TYR D 80 21.94 5.38 5.25
CA TYR D 80 22.28 6.42 6.21
C TYR D 80 23.34 7.37 5.68
N LEU D 81 23.21 8.62 6.12
CA LEU D 81 24.25 9.65 5.97
C LEU D 81 24.54 10.26 7.33
N GLN D 82 25.77 10.11 7.79
CA GLN D 82 26.24 10.80 8.98
C GLN D 82 27.08 12.00 8.56
N MET D 83 26.99 13.07 9.33
CA MET D 83 27.38 14.39 8.88
C MET D 83 28.16 15.05 10.02
N ASN D 84 29.46 15.25 9.80
CA ASN D 84 30.39 15.69 10.83
C ASN D 84 31.16 16.92 10.38
N SER D 85 31.57 17.73 11.35
CA SER D 85 32.33 18.96 11.13
C SER D 85 31.55 19.90 10.20
N LEU D 86 30.36 20.26 10.66
CA LEU D 86 29.41 20.96 9.81
C LEU D 86 29.81 22.40 9.58
N LYS D 87 29.54 22.89 8.38
CA LYS D 87 29.81 24.24 7.95
C LYS D 87 28.51 24.91 7.52
N PRO D 88 28.43 26.25 7.60
CA PRO D 88 27.21 26.94 7.15
C PRO D 88 26.87 26.70 5.69
N GLU D 89 27.83 26.24 4.89
CA GLU D 89 27.56 25.84 3.51
C GLU D 89 26.77 24.55 3.40
N ASP D 90 26.37 23.94 4.53
CA ASP D 90 25.66 22.68 4.54
C ASP D 90 24.17 22.83 4.86
N THR D 91 23.64 24.05 4.81
CA THR D 91 22.20 24.25 4.95
C THR D 91 21.53 24.13 3.58
N ALA D 92 20.57 23.22 3.47
CA ALA D 92 19.88 22.95 2.22
C ALA D 92 18.79 21.92 2.46
N VAL D 93 18.02 21.64 1.41
CA VAL D 93 17.05 20.55 1.42
C VAL D 93 17.72 19.32 0.82
N TYR D 94 17.63 18.19 1.52
CA TYR D 94 18.34 16.98 1.16
C TYR D 94 17.35 15.90 0.78
N TYR D 95 17.52 15.32 -0.41
CA TYR D 95 16.74 14.20 -0.88
C TYR D 95 17.60 12.94 -0.90
N CYS D 96 16.93 11.79 -0.85
CA CYS D 96 17.52 10.51 -1.15
C CYS D 96 16.88 9.95 -2.41
N ALA D 97 17.70 9.45 -3.33
CA ALA D 97 17.23 8.94 -4.60
C ALA D 97 17.79 7.55 -4.83
N ALA D 98 16.97 6.67 -5.40
CA ALA D 98 17.36 5.30 -5.68
C ALA D 98 17.27 5.03 -7.18
N TRP D 99 18.32 4.43 -7.73
CA TRP D 99 18.39 4.16 -9.15
C TRP D 99 19.23 2.90 -9.36
N GLU D 100 19.35 2.49 -10.62
CA GLU D 100 20.18 1.36 -11.00
C GLU D 100 21.31 1.87 -11.90
N ALA D 101 22.45 1.21 -11.83
CA ALA D 101 23.58 1.60 -12.65
C ALA D 101 23.20 1.52 -14.13
N SER D 102 23.07 2.69 -14.77
CA SER D 102 22.62 2.79 -16.14
C SER D 102 23.79 2.90 -17.12
N ARG D 103 24.95 2.37 -16.75
CA ARG D 103 26.13 2.39 -17.60
C ARG D 103 27.04 1.25 -17.17
N TRP D 104 28.03 0.98 -18.01
CA TRP D 104 29.07 0.03 -17.64
C TRP D 104 29.98 0.63 -16.58
N TYR D 105 30.72 -0.26 -15.89
CA TYR D 105 31.65 0.01 -14.80
C TYR D 105 30.93 0.02 -13.46
N CYS D 106 31.54 -0.61 -12.46
CA CYS D 106 30.93 -0.70 -11.14
C CYS D 106 30.70 0.64 -10.46
N PRO D 107 31.64 1.61 -10.45
CA PRO D 107 31.42 2.83 -9.66
C PRO D 107 30.19 3.61 -10.08
N LEU D 108 29.75 4.49 -9.17
CA LEU D 108 28.54 5.29 -9.36
C LEU D 108 28.84 6.78 -9.32
N GLN D 109 30.06 7.20 -9.63
CA GLN D 109 30.41 8.62 -9.51
C GLN D 109 29.76 9.47 -10.60
N PHE D 110 29.45 8.91 -11.76
CA PHE D 110 28.66 9.65 -12.73
C PHE D 110 27.23 9.82 -12.24
N SER D 111 26.56 10.83 -12.78
CA SER D 111 25.14 11.04 -12.57
C SER D 111 24.35 10.35 -13.68
N ALA D 112 23.09 10.03 -13.38
CA ALA D 112 22.28 9.23 -14.27
C ALA D 112 20.80 9.35 -13.96
N ASP D 113 20.00 8.46 -14.54
CA ASP D 113 18.62 8.27 -14.11
C ASP D 113 18.52 8.27 -12.59
N PHE D 114 17.50 8.93 -12.06
CA PHE D 114 17.11 8.81 -10.66
C PHE D 114 15.62 8.48 -10.70
N SER D 115 15.32 7.19 -10.84
CA SER D 115 13.96 6.77 -11.13
C SER D 115 13.02 7.05 -9.95
N SER D 116 13.52 6.92 -8.73
CA SER D 116 12.72 7.10 -7.53
C SER D 116 13.31 8.21 -6.68
N TRP D 117 12.42 9.02 -6.10
CA TRP D 117 12.81 10.19 -5.33
C TRP D 117 12.00 10.24 -4.04
N GLY D 118 12.57 10.91 -3.03
CA GLY D 118 11.85 11.20 -1.81
C GLY D 118 11.32 12.64 -1.80
N GLN D 119 10.69 12.98 -0.68
CA GLN D 119 10.13 14.32 -0.52
C GLN D 119 11.13 15.33 0.00
N GLY D 120 12.14 14.89 0.73
CA GLY D 120 13.21 15.76 1.17
C GLY D 120 13.07 16.21 2.62
N THR D 121 14.20 16.43 3.26
CA THR D 121 14.25 16.92 4.63
C THR D 121 15.23 18.09 4.72
N GLN D 122 14.91 19.07 5.55
CA GLN D 122 15.73 20.28 5.66
C GLN D 122 16.84 20.06 6.68
N VAL D 123 18.07 20.45 6.31
CA VAL D 123 19.20 20.43 7.23
C VAL D 123 19.81 21.82 7.21
N THR D 124 19.76 22.50 8.36
CA THR D 124 20.26 23.85 8.48
C THR D 124 21.45 23.87 9.43
N VAL D 125 22.51 24.56 9.02
CA VAL D 125 23.73 24.70 9.80
C VAL D 125 24.03 26.18 9.93
N SER D 126 23.90 26.72 11.14
CA SER D 126 24.06 28.16 11.34
C SER D 126 24.30 28.45 12.81
N SER D 127 25.34 29.23 13.10
CA SER D 127 25.61 29.70 14.45
C SER D 127 26.63 30.84 14.42
N GLN E 1 23.15 14.19 22.39
CA GLN E 1 22.05 15.11 22.61
C GLN E 1 21.66 15.16 24.08
N VAL E 2 22.44 14.48 24.92
CA VAL E 2 22.20 14.49 26.35
C VAL E 2 22.48 15.89 26.89
N GLN E 3 21.44 16.52 27.44
CA GLN E 3 21.54 17.90 27.91
C GLN E 3 20.89 18.01 29.28
N LEU E 4 21.56 18.72 30.18
CA LEU E 4 21.08 18.97 31.54
C LEU E 4 20.95 20.47 31.75
N GLN E 5 19.81 20.91 32.29
CA GLN E 5 19.52 22.32 32.46
C GLN E 5 18.99 22.61 33.86
N GLU E 6 19.47 23.72 34.43
CA GLU E 6 19.01 24.20 35.72
C GLU E 6 17.81 25.13 35.54
N SER E 7 16.98 25.22 36.59
CA SER E 7 15.89 26.17 36.62
C SER E 7 15.52 26.49 38.07
N GLY E 8 15.45 27.78 38.39
CA GLY E 8 15.03 28.22 39.70
C GLY E 8 16.08 28.98 40.50
N GLY E 9 17.29 29.20 39.99
CA GLY E 9 18.28 29.96 40.73
C GLY E 9 17.95 31.44 40.75
N GLY E 10 18.60 32.15 41.67
CA GLY E 10 18.38 33.57 41.79
C GLY E 10 18.80 34.09 43.16
N LEU E 11 18.34 35.31 43.45
CA LEU E 11 18.69 36.02 44.66
C LEU E 11 17.54 36.00 45.66
N VAL E 12 17.83 35.66 46.91
CA VAL E 12 16.86 35.57 47.98
C VAL E 12 17.47 36.19 49.24
N GLN E 13 16.67 36.15 50.34
CA GLN E 13 17.01 36.63 51.68
C GLN E 13 17.42 35.47 52.59
N PRO E 14 18.33 35.71 53.53
CA PRO E 14 18.62 34.69 54.53
C PRO E 14 17.38 34.29 55.32
N GLY E 15 17.26 33.00 55.60
CA GLY E 15 16.09 32.46 56.24
C GLY E 15 14.94 32.16 55.31
N GLY E 16 15.07 32.45 54.01
CA GLY E 16 14.01 32.25 53.05
C GLY E 16 13.99 30.86 52.48
N SER E 17 13.15 30.69 51.46
CA SER E 17 12.95 29.39 50.81
C SER E 17 12.91 29.56 49.30
N LEU E 18 13.37 28.54 48.59
CA LEU E 18 13.33 28.52 47.14
C LEU E 18 13.36 27.06 46.69
N ARG E 19 13.04 26.85 45.41
CA ARG E 19 13.04 25.50 44.85
C ARG E 19 13.86 25.50 43.56
N LEU E 20 14.76 24.54 43.44
CA LEU E 20 15.59 24.37 42.26
C LEU E 20 15.25 23.04 41.59
N SER E 21 15.36 23.04 40.26
CA SER E 21 15.05 21.85 39.48
C SER E 21 16.12 21.65 38.42
N CYS E 22 16.49 20.41 38.19
CA CYS E 22 17.31 20.02 37.06
C CYS E 22 16.44 19.21 36.11
N ALA E 23 16.23 19.76 34.92
CA ALA E 23 15.56 19.07 33.83
C ALA E 23 16.60 18.55 32.85
N ALA E 24 16.17 17.65 31.99
CA ALA E 24 17.10 17.07 31.03
C ALA E 24 16.37 16.70 29.76
N SER E 25 17.14 16.65 28.67
CA SER E 25 16.65 16.25 27.37
C SER E 25 17.66 15.30 26.75
N GLY E 26 17.18 14.45 25.84
CA GLY E 26 18.02 13.55 25.10
C GLY E 26 18.12 12.14 25.65
N PHE E 27 17.68 11.91 26.88
CA PHE E 27 17.68 10.56 27.46
C PHE E 27 16.85 10.60 28.74
N THR E 28 16.60 9.41 29.29
CA THR E 28 15.77 9.26 30.47
C THR E 28 16.62 9.26 31.74
N LEU E 29 16.03 9.75 32.82
CA LEU E 29 16.74 9.95 34.08
C LEU E 29 16.32 8.99 35.19
N ASP E 30 15.40 8.07 34.93
CA ASP E 30 14.98 7.14 35.97
C ASP E 30 16.10 6.16 36.31
N TYR E 31 16.90 5.76 35.32
CA TYR E 31 17.98 4.82 35.55
C TYR E 31 19.09 5.44 36.40
N TYR E 32 19.35 6.74 36.22
CA TYR E 32 20.43 7.41 36.92
C TYR E 32 20.03 7.87 38.32
N ALA E 33 20.98 7.78 39.23
CA ALA E 33 20.97 8.59 40.44
C ALA E 33 21.41 10.00 40.11
N ILE E 34 20.87 10.97 40.83
CA ILE E 34 21.19 12.38 40.58
C ILE E 34 21.63 13.03 41.88
N GLY E 35 22.79 13.68 41.82
CA GLY E 35 23.29 14.47 42.92
C GLY E 35 23.27 15.95 42.61
N TRP E 36 23.35 16.75 43.66
CA TRP E 36 23.38 18.19 43.60
C TRP E 36 24.65 18.65 44.30
N PHE E 37 25.40 19.52 43.62
CA PHE E 37 26.71 19.96 44.08
C PHE E 37 26.78 21.47 43.98
N ARG E 38 27.69 22.06 44.73
CA ARG E 38 27.78 23.52 44.82
C ARG E 38 29.23 23.94 44.90
N GLN E 39 29.56 25.05 44.23
CA GLN E 39 30.89 25.64 44.24
C GLN E 39 30.77 27.09 44.69
N ALA E 40 31.33 27.38 45.88
CA ALA E 40 31.37 28.68 46.56
C ALA E 40 32.57 29.50 46.09
N PRO E 41 32.47 30.83 46.13
CA PRO E 41 33.60 31.67 45.69
C PRO E 41 34.83 31.41 46.53
N GLY E 42 35.88 30.90 45.88
CA GLY E 42 37.10 30.53 46.56
C GLY E 42 37.09 29.18 47.22
N LYS E 43 36.03 28.40 47.06
CA LYS E 43 35.90 27.08 47.68
C LYS E 43 35.66 26.02 46.61
N GLU E 44 35.95 24.77 46.99
CA GLU E 44 35.84 23.64 46.09
C GLU E 44 34.39 23.20 45.95
N ARG E 45 34.14 22.35 44.96
CA ARG E 45 32.80 21.81 44.70
C ARG E 45 32.50 20.70 45.71
N GLU E 46 31.51 20.91 46.56
CA GLU E 46 31.15 19.95 47.59
C GLU E 46 29.87 19.22 47.22
N GLY E 47 29.65 18.08 47.88
CA GLY E 47 28.43 17.31 47.69
C GLY E 47 27.28 17.84 48.51
N VAL E 48 26.26 18.40 47.85
CA VAL E 48 25.13 18.98 48.57
C VAL E 48 24.09 17.91 48.90
N SER E 49 23.60 17.19 47.90
CA SER E 49 22.56 16.19 48.18
C SER E 49 22.36 15.20 47.05
N CYS E 50 22.37 13.91 47.35
CA CYS E 50 22.24 12.87 46.34
C CYS E 50 20.95 12.09 46.52
N ILE E 51 20.39 11.60 45.42
CA ILE E 51 19.21 10.75 45.43
C ILE E 51 19.44 9.62 44.43
N SER E 52 18.92 8.45 44.76
CA SER E 52 19.18 7.24 43.98
C SER E 52 18.40 7.27 42.66
N SER E 53 18.53 6.17 41.91
CA SER E 53 17.77 6.03 40.67
C SER E 53 16.28 5.93 40.95
N SER E 54 15.90 5.16 41.97
CA SER E 54 14.51 5.01 42.35
C SER E 54 14.06 6.01 43.40
N GLY E 55 14.98 6.79 43.96
CA GLY E 55 14.64 7.78 44.96
C GLY E 55 14.52 7.26 46.38
N GLY E 56 14.72 5.96 46.60
CA GLY E 56 14.60 5.39 47.93
C GLY E 56 15.79 5.63 48.84
N ARG E 57 16.92 6.06 48.28
CA ARG E 57 18.13 6.31 49.05
C ARG E 57 18.57 7.75 48.81
N THR E 58 18.83 8.47 49.89
CA THR E 58 19.17 9.88 49.80
C THR E 58 20.35 10.19 50.71
N ASN E 59 21.07 11.24 50.33
CA ASN E 59 22.25 11.71 51.05
C ASN E 59 22.18 13.22 51.20
N TYR E 60 22.44 13.69 52.42
CA TYR E 60 22.61 15.11 52.69
C TYR E 60 23.94 15.31 53.40
N ALA E 61 24.65 16.38 53.03
CA ALA E 61 25.81 16.78 53.80
C ALA E 61 25.38 17.24 55.20
N ASP E 62 26.31 17.13 56.15
CA ASP E 62 25.96 17.49 57.53
C ASP E 62 25.59 18.96 57.65
N SER E 63 26.19 19.82 56.82
CA SER E 63 25.86 21.24 56.88
C SER E 63 24.51 21.56 56.26
N VAL E 64 23.94 20.65 55.48
CA VAL E 64 22.72 20.93 54.73
C VAL E 64 21.52 20.13 55.25
N LYS E 65 21.71 19.30 56.28
CA LYS E 65 20.61 18.50 56.81
C LYS E 65 19.57 19.36 57.51
N GLY E 66 18.31 19.04 57.27
CA GLY E 66 17.21 19.71 57.95
C GLY E 66 16.74 21.00 57.32
N ARG E 67 17.33 21.42 56.20
CA ARG E 67 16.95 22.65 55.53
C ARG E 67 16.69 22.36 54.06
N PHE E 68 17.38 21.35 53.54
CA PHE E 68 17.26 20.91 52.16
C PHE E 68 16.45 19.62 52.08
N THR E 69 15.56 19.56 51.10
CA THR E 69 14.81 18.34 50.80
C THR E 69 14.98 18.03 49.32
N ILE E 70 15.51 16.83 49.03
CA ILE E 70 15.76 16.39 47.67
C ILE E 70 14.63 15.48 47.24
N SER E 71 14.33 15.48 45.94
CA SER E 71 13.26 14.64 45.41
C SER E 71 13.45 14.52 43.90
N ARG E 72 12.63 13.68 43.28
CA ARG E 72 12.68 13.50 41.84
C ARG E 72 11.32 13.04 41.34
N ASP E 73 11.01 13.38 40.10
CA ASP E 73 9.90 12.76 39.39
C ASP E 73 10.45 12.04 38.16
N ASN E 74 10.34 10.71 38.17
CA ASN E 74 10.77 9.88 37.06
C ASN E 74 9.78 9.89 35.91
N THR E 75 8.52 10.20 36.17
CA THR E 75 7.53 10.22 35.10
C THR E 75 7.77 11.37 34.13
N LYS E 76 8.03 12.57 34.66
CA LYS E 76 8.30 13.74 33.83
C LYS E 76 9.80 13.98 33.69
N ASN E 77 10.63 13.14 34.34
CA ASN E 77 12.08 13.11 34.13
C ASN E 77 12.77 14.39 34.58
N THR E 78 12.52 14.79 35.82
CA THR E 78 13.22 15.92 36.41
C THR E 78 13.58 15.60 37.86
N VAL E 79 14.48 16.39 38.43
CA VAL E 79 14.88 16.22 39.82
C VAL E 79 14.77 17.56 40.54
N TYR E 80 14.13 17.57 41.71
CA TYR E 80 13.85 18.78 42.47
C TYR E 80 14.61 18.83 43.78
N LEU E 81 14.72 20.05 44.31
CA LEU E 81 15.11 20.25 45.69
C LEU E 81 14.46 21.53 46.21
N GLN E 82 14.14 21.51 47.50
CA GLN E 82 13.54 22.64 48.20
C GLN E 82 14.48 23.04 49.33
N MET E 83 14.95 24.29 49.33
CA MET E 83 15.71 24.78 50.46
C MET E 83 14.90 25.81 51.23
N ASN E 84 14.96 25.69 52.56
CA ASN E 84 14.29 26.60 53.48
C ASN E 84 15.30 27.10 54.49
N SER E 85 15.04 28.28 55.04
CA SER E 85 15.90 28.91 56.04
C SER E 85 17.33 29.05 55.52
N LEU E 86 17.46 29.78 54.42
CA LEU E 86 18.74 29.94 53.76
C LEU E 86 19.69 30.81 54.59
N LYS E 87 20.98 30.64 54.32
CA LYS E 87 22.06 31.30 55.02
C LYS E 87 23.02 31.92 54.02
N PRO E 88 23.78 32.95 54.42
CA PRO E 88 24.79 33.52 53.52
C PRO E 88 25.87 32.53 53.11
N GLU E 89 26.01 31.41 53.82
CA GLU E 89 26.99 30.40 53.46
C GLU E 89 26.56 29.56 52.26
N ASP E 90 25.33 29.75 51.76
CA ASP E 90 24.82 28.97 50.65
C ASP E 90 24.89 29.70 49.31
N THR E 91 25.43 30.91 49.26
CA THR E 91 25.53 31.63 48.00
C THR E 91 26.70 31.09 47.17
N ALA E 92 26.39 30.59 45.97
CA ALA E 92 27.37 29.94 45.12
C ALA E 92 26.80 29.52 43.77
N VAL E 93 27.66 28.94 42.91
CA VAL E 93 27.22 28.30 41.67
C VAL E 93 26.78 26.89 42.02
N TYR E 94 25.83 26.35 41.26
CA TYR E 94 25.13 25.15 41.67
C TYR E 94 24.92 24.25 40.46
N TYR E 95 25.14 22.95 40.65
CA TYR E 95 25.16 21.99 39.54
C TYR E 95 24.36 20.74 39.89
N CYS E 96 23.81 20.11 38.86
CA CYS E 96 23.13 18.83 38.97
C CYS E 96 23.92 17.81 38.14
N ALA E 97 24.26 16.68 38.76
CA ALA E 97 25.00 15.62 38.09
C ALA E 97 24.19 14.33 38.10
N ALA E 98 24.05 13.70 36.94
CA ALA E 98 23.33 12.44 36.83
C ALA E 98 24.32 11.34 36.45
N TRP E 99 24.38 10.29 37.26
CA TRP E 99 25.33 9.21 37.04
C TRP E 99 24.80 7.93 37.70
N GLU E 100 25.65 6.91 37.72
CA GLU E 100 25.39 5.62 38.37
C GLU E 100 26.43 5.38 39.45
N ALA E 101 25.99 4.88 40.59
CA ALA E 101 26.87 4.54 41.70
C ALA E 101 28.00 3.63 41.24
N SER E 102 29.08 3.57 42.01
CA SER E 102 30.27 2.82 41.60
C SER E 102 30.66 1.70 42.55
N ARG E 103 29.93 1.50 43.64
CA ARG E 103 30.31 0.52 44.66
C ARG E 103 29.11 -0.35 45.02
N TRP E 104 29.41 -1.47 45.67
CA TRP E 104 28.38 -2.46 46.05
C TRP E 104 27.66 -1.99 47.31
N TYR E 105 26.65 -1.15 47.12
CA TYR E 105 25.70 -0.78 48.16
C TYR E 105 24.60 0.07 47.54
N CYS E 106 23.48 0.15 48.25
CA CYS E 106 22.31 0.92 47.84
C CYS E 106 22.45 2.41 48.12
N PRO E 107 22.98 2.85 49.29
CA PRO E 107 23.05 4.29 49.56
C PRO E 107 23.91 5.08 48.59
N LEU E 108 23.93 6.39 48.76
CA LEU E 108 24.69 7.31 47.92
C LEU E 108 25.57 8.21 48.77
N GLN E 109 26.03 7.71 49.93
CA GLN E 109 26.83 8.51 50.84
C GLN E 109 28.12 8.99 50.17
N PHE E 110 28.81 8.07 49.49
CA PHE E 110 30.13 8.35 48.96
C PHE E 110 30.02 9.07 47.61
N SER E 111 31.15 9.60 47.16
CA SER E 111 31.25 10.20 45.84
C SER E 111 31.85 9.21 44.84
N ALA E 112 31.65 9.51 43.56
CA ALA E 112 32.11 8.64 42.50
C ALA E 112 32.21 9.48 41.23
N ASP E 113 32.23 8.82 40.07
CA ASP E 113 32.19 9.55 38.82
C ASP E 113 30.86 10.29 38.70
N PHE E 114 30.89 11.42 37.99
CA PHE E 114 29.76 12.33 37.87
C PHE E 114 29.52 12.44 36.37
N SER E 115 28.65 11.57 35.85
CA SER E 115 28.60 11.31 34.41
C SER E 115 28.27 12.58 33.62
N SER E 116 27.10 13.17 33.89
CA SER E 116 26.61 14.28 33.09
C SER E 116 26.42 15.50 33.96
N TRP E 117 26.94 16.64 33.49
CA TRP E 117 26.89 17.90 34.24
C TRP E 117 26.20 18.95 33.38
N GLY E 118 25.32 19.73 34.02
CA GLY E 118 24.71 20.86 33.36
C GLY E 118 25.62 22.08 33.38
N GLN E 119 25.07 23.20 32.95
CA GLN E 119 25.82 24.46 33.00
C GLN E 119 25.74 25.15 34.35
N GLY E 120 24.81 24.74 35.22
CA GLY E 120 24.71 25.30 36.54
C GLY E 120 23.87 26.57 36.60
N THR E 121 23.61 27.00 37.83
CA THR E 121 22.86 28.23 38.06
C THR E 121 23.38 28.88 39.33
N GLN E 122 23.15 30.19 39.47
CA GLN E 122 23.65 30.94 40.61
C GLN E 122 22.56 31.06 41.66
N VAL E 123 22.90 30.76 42.91
CA VAL E 123 22.01 30.96 44.04
C VAL E 123 22.68 31.94 44.99
N THR E 124 22.00 33.04 45.31
CA THR E 124 22.57 34.10 46.13
C THR E 124 21.69 34.34 47.34
N VAL E 125 22.32 34.38 48.52
CA VAL E 125 21.65 34.65 49.78
C VAL E 125 22.42 35.77 50.46
N SER E 126 21.80 36.94 50.58
CA SER E 126 22.48 38.09 51.17
C SER E 126 21.45 39.15 51.55
N SER E 127 21.54 39.63 52.78
CA SER E 127 20.71 40.74 53.26
C SER E 127 21.26 41.29 54.57
N GLN F 1 -25.12 31.77 -6.99
CA GLN F 1 -24.04 32.02 -7.93
C GLN F 1 -24.38 33.21 -8.82
N VAL F 2 -25.39 33.98 -8.41
CA VAL F 2 -25.82 35.13 -9.19
C VAL F 2 -24.77 36.23 -9.07
N GLN F 3 -24.21 36.63 -10.21
CA GLN F 3 -23.17 37.66 -10.25
C GLN F 3 -23.49 38.66 -11.36
N LEU F 4 -23.38 39.95 -11.03
CA LEU F 4 -23.41 41.03 -12.00
C LEU F 4 -22.04 41.67 -12.04
N GLN F 5 -21.44 41.73 -13.23
CA GLN F 5 -20.08 42.22 -13.38
C GLN F 5 -20.05 43.34 -14.40
N GLU F 6 -19.58 44.51 -13.98
CA GLU F 6 -19.43 45.66 -14.86
C GLU F 6 -17.99 45.76 -15.37
N SER F 7 -17.86 46.42 -16.52
CA SER F 7 -16.57 46.53 -17.20
C SER F 7 -16.60 47.70 -18.16
N GLY F 8 -15.40 48.16 -18.51
CA GLY F 8 -15.21 49.27 -19.43
C GLY F 8 -14.83 50.58 -18.79
N GLY F 9 -14.78 50.65 -17.45
CA GLY F 9 -14.50 51.91 -16.79
C GLY F 9 -13.06 52.36 -16.95
N GLY F 10 -12.83 53.63 -16.68
CA GLY F 10 -11.49 54.19 -16.79
C GLY F 10 -11.54 55.71 -16.82
N LEU F 11 -10.48 56.27 -17.39
CA LEU F 11 -10.27 57.72 -17.47
C LEU F 11 -10.41 58.18 -18.92
N VAL F 12 -11.23 59.21 -19.13
CA VAL F 12 -11.47 59.76 -20.45
C VAL F 12 -11.42 61.28 -20.40
N GLN F 13 -11.26 61.89 -21.57
CA GLN F 13 -11.23 63.35 -21.73
C GLN F 13 -12.65 63.91 -21.78
N PRO F 14 -12.88 65.09 -21.20
CA PRO F 14 -14.18 65.76 -21.40
C PRO F 14 -14.46 65.98 -22.87
N GLY F 15 -15.71 65.75 -23.26
CA GLY F 15 -16.09 65.77 -24.65
C GLY F 15 -15.84 64.47 -25.39
N GLY F 16 -15.18 63.50 -24.76
CA GLY F 16 -14.93 62.21 -25.36
C GLY F 16 -16.08 61.26 -25.14
N SER F 17 -15.81 59.98 -25.43
CA SER F 17 -16.82 58.94 -25.36
C SER F 17 -16.28 57.73 -24.61
N LEU F 18 -17.20 57.00 -23.98
CA LEU F 18 -16.88 55.75 -23.29
C LEU F 18 -18.10 54.84 -23.38
N ARG F 19 -17.86 53.54 -23.24
CA ARG F 19 -18.92 52.55 -23.29
C ARG F 19 -18.76 51.59 -22.11
N LEU F 20 -19.86 51.32 -21.41
CA LEU F 20 -19.85 50.49 -20.22
C LEU F 20 -20.79 49.30 -20.38
N SER F 21 -20.37 48.17 -19.82
CA SER F 21 -21.06 46.90 -20.04
C SER F 21 -21.20 46.12 -18.75
N CYS F 22 -22.41 45.66 -18.43
CA CYS F 22 -22.60 44.76 -17.30
C CYS F 22 -23.18 43.44 -17.80
N ALA F 23 -22.59 42.35 -17.33
CA ALA F 23 -23.00 41.00 -17.69
C ALA F 23 -23.50 40.26 -16.47
N ALA F 24 -24.32 39.25 -16.72
CA ALA F 24 -24.92 38.42 -15.69
C ALA F 24 -24.40 36.99 -15.82
N SER F 25 -23.97 36.41 -14.71
CA SER F 25 -23.51 35.03 -14.68
C SER F 25 -24.26 34.29 -13.58
N GLY F 26 -24.64 33.05 -13.85
CA GLY F 26 -25.44 32.26 -12.95
C GLY F 26 -26.93 32.44 -13.08
N PHE F 27 -27.38 33.37 -13.93
CA PHE F 27 -28.80 33.58 -14.15
C PHE F 27 -28.99 34.32 -15.47
N THR F 28 -30.21 34.22 -16.01
CA THR F 28 -30.55 34.87 -17.27
C THR F 28 -30.98 36.30 -16.99
N LEU F 29 -30.36 37.24 -17.70
CA LEU F 29 -30.60 38.66 -17.49
C LEU F 29 -31.75 39.22 -18.31
N ASP F 30 -32.34 38.41 -19.21
CA ASP F 30 -33.38 38.93 -20.10
C ASP F 30 -34.67 39.22 -19.34
N TYR F 31 -34.99 38.42 -18.33
CA TYR F 31 -36.24 38.58 -17.60
C TYR F 31 -36.26 39.86 -16.76
N TYR F 32 -35.10 40.34 -16.32
CA TYR F 32 -35.01 41.44 -15.38
C TYR F 32 -34.88 42.77 -16.12
N ALA F 33 -35.42 43.82 -15.49
CA ALA F 33 -35.16 45.19 -15.94
C ALA F 33 -33.86 45.67 -15.32
N ILE F 34 -33.09 46.44 -16.10
CA ILE F 34 -31.71 46.75 -15.74
C ILE F 34 -31.55 48.27 -15.63
N GLY F 35 -30.97 48.71 -14.52
CA GLY F 35 -30.70 50.13 -14.31
C GLY F 35 -29.23 50.38 -14.07
N TRP F 36 -28.71 51.39 -14.75
CA TRP F 36 -27.35 51.89 -14.54
C TRP F 36 -27.42 53.09 -13.60
N PHE F 37 -26.64 53.03 -12.52
CA PHE F 37 -26.64 54.02 -11.45
C PHE F 37 -25.22 54.53 -11.26
N ARG F 38 -25.09 55.72 -10.68
CA ARG F 38 -23.77 56.25 -10.35
C ARG F 38 -23.80 56.92 -8.99
N GLN F 39 -22.63 56.96 -8.36
CA GLN F 39 -22.42 57.69 -7.11
C GLN F 39 -21.19 58.57 -7.27
N ALA F 40 -21.40 59.89 -7.19
CA ALA F 40 -20.34 60.87 -7.32
C ALA F 40 -19.67 61.10 -5.97
N PRO F 41 -18.44 61.61 -5.97
CA PRO F 41 -17.77 61.92 -4.70
C PRO F 41 -18.54 62.97 -3.91
N GLY F 42 -18.99 62.59 -2.72
CA GLY F 42 -19.78 63.47 -1.88
C GLY F 42 -21.25 63.53 -2.21
N LYS F 43 -21.73 62.70 -3.14
CA LYS F 43 -23.13 62.69 -3.54
C LYS F 43 -23.71 61.29 -3.33
N GLU F 44 -25.03 61.21 -3.43
CA GLU F 44 -25.76 59.97 -3.25
C GLU F 44 -25.92 59.26 -4.60
N ARG F 45 -26.28 57.98 -4.54
CA ARG F 45 -26.45 57.16 -5.74
C ARG F 45 -27.72 57.60 -6.47
N GLU F 46 -27.56 58.20 -7.64
CA GLU F 46 -28.68 58.65 -8.45
C GLU F 46 -28.90 57.73 -9.63
N GLY F 47 -30.12 57.79 -10.19
CA GLY F 47 -30.48 56.96 -11.32
C GLY F 47 -30.04 57.54 -12.65
N VAL F 48 -29.19 56.81 -13.38
CA VAL F 48 -28.64 57.31 -14.63
C VAL F 48 -29.52 56.87 -15.80
N SER F 49 -29.66 55.56 -16.00
CA SER F 49 -30.37 55.09 -17.19
C SER F 49 -30.95 53.71 -16.98
N CYS F 50 -32.24 53.56 -17.23
CA CYS F 50 -32.93 52.30 -17.01
C CYS F 50 -33.53 51.77 -18.31
N ILE F 51 -33.52 50.44 -18.46
CA ILE F 51 -34.04 49.76 -19.63
C ILE F 51 -34.89 48.57 -19.15
N SER F 52 -35.96 48.27 -19.90
CA SER F 52 -36.92 47.25 -19.55
C SER F 52 -36.36 45.86 -19.83
N SER F 53 -37.17 44.84 -19.50
CA SER F 53 -36.79 43.46 -19.79
C SER F 53 -36.67 43.21 -21.28
N SER F 54 -37.65 43.67 -22.06
CA SER F 54 -37.65 43.47 -23.50
C SER F 54 -36.92 44.57 -24.26
N GLY F 55 -36.49 45.63 -23.57
CA GLY F 55 -35.84 46.75 -24.21
C GLY F 55 -36.76 47.75 -24.87
N GLY F 56 -38.07 47.55 -24.78
CA GLY F 56 -39.03 48.45 -25.40
C GLY F 56 -39.34 49.70 -24.61
N ARG F 57 -38.88 49.79 -23.36
CA ARG F 57 -39.11 50.96 -22.53
C ARG F 57 -37.79 51.39 -21.89
N THR F 58 -37.48 52.68 -21.99
CA THR F 58 -36.24 53.22 -21.46
C THR F 58 -36.53 54.52 -20.72
N ASN F 59 -35.65 54.84 -19.77
CA ASN F 59 -35.76 56.08 -19.00
C ASN F 59 -34.35 56.63 -18.78
N TYR F 60 -34.23 57.95 -18.89
CA TYR F 60 -32.94 58.63 -18.74
C TYR F 60 -33.06 59.77 -17.74
N ALA F 61 -31.97 60.01 -17.01
CA ALA F 61 -31.88 61.20 -16.18
C ALA F 61 -31.76 62.44 -17.07
N ASP F 62 -32.37 63.54 -16.63
CA ASP F 62 -32.37 64.76 -17.42
C ASP F 62 -30.96 65.31 -17.63
N SER F 63 -30.02 64.99 -16.75
CA SER F 63 -28.65 65.48 -16.91
C SER F 63 -27.93 64.78 -18.06
N VAL F 64 -28.35 63.56 -18.41
CA VAL F 64 -27.67 62.77 -19.43
C VAL F 64 -28.53 62.59 -20.67
N LYS F 65 -29.67 63.27 -20.74
CA LYS F 65 -30.51 63.18 -21.93
C LYS F 65 -29.79 63.80 -23.13
N GLY F 66 -29.83 63.10 -24.26
CA GLY F 66 -29.13 63.53 -25.45
C GLY F 66 -27.65 63.21 -25.47
N ARG F 67 -27.15 62.53 -24.45
CA ARG F 67 -25.73 62.17 -24.36
C ARG F 67 -25.51 60.68 -24.14
N PHE F 68 -26.36 60.03 -23.36
CA PHE F 68 -26.22 58.63 -23.01
C PHE F 68 -27.27 57.82 -23.74
N THR F 69 -26.92 56.61 -24.20
CA THR F 69 -27.90 55.73 -24.83
C THR F 69 -27.75 54.32 -24.26
N ILE F 70 -28.87 53.76 -23.81
CA ILE F 70 -28.87 52.45 -23.16
C ILE F 70 -29.38 51.41 -24.16
N SER F 71 -28.81 50.21 -24.07
CA SER F 71 -29.17 49.13 -24.98
C SER F 71 -28.93 47.81 -24.28
N ARG F 72 -29.47 46.75 -24.86
CA ARG F 72 -29.38 45.42 -24.25
C ARG F 72 -29.31 44.36 -25.34
N ASP F 73 -28.59 43.28 -25.04
CA ASP F 73 -28.58 42.07 -25.87
C ASP F 73 -29.04 40.93 -24.99
N ASN F 74 -30.28 40.47 -25.21
CA ASN F 74 -30.81 39.33 -24.48
C ASN F 74 -30.16 38.02 -24.91
N THR F 75 -29.69 37.94 -26.14
CA THR F 75 -29.01 36.73 -26.60
C THR F 75 -27.65 36.58 -25.94
N LYS F 76 -26.92 37.69 -25.81
CA LYS F 76 -25.62 37.72 -25.17
C LYS F 76 -25.72 38.08 -23.69
N ASN F 77 -26.96 38.24 -23.17
CA ASN F 77 -27.24 38.52 -21.77
C ASN F 77 -26.37 39.64 -21.22
N THR F 78 -26.36 40.78 -21.92
CA THR F 78 -25.45 41.86 -21.55
C THR F 78 -26.14 43.21 -21.75
N VAL F 79 -25.86 44.15 -20.86
CA VAL F 79 -26.49 45.45 -20.88
C VAL F 79 -25.41 46.50 -21.09
N TYR F 80 -25.63 47.40 -22.06
CA TYR F 80 -24.66 48.40 -22.45
C TYR F 80 -25.21 49.80 -22.24
N LEU F 81 -24.34 50.72 -21.84
CA LEU F 81 -24.62 52.14 -21.93
C LEU F 81 -23.47 52.83 -22.66
N GLN F 82 -23.80 53.57 -23.71
CA GLN F 82 -22.84 54.35 -24.46
C GLN F 82 -22.88 55.79 -23.96
N MET F 83 -21.70 56.34 -23.64
CA MET F 83 -21.56 57.71 -23.19
C MET F 83 -20.96 58.56 -24.31
N ASN F 84 -21.61 59.68 -24.60
CA ASN F 84 -21.08 60.67 -25.54
C ASN F 84 -21.16 62.04 -24.89
N SER F 85 -20.19 62.90 -25.25
CA SER F 85 -20.08 64.24 -24.68
C SER F 85 -20.01 64.19 -23.16
N LEU F 86 -19.09 63.36 -22.65
CA LEU F 86 -18.92 63.23 -21.21
C LEU F 86 -18.39 64.52 -20.60
N LYS F 87 -18.74 64.74 -19.35
CA LYS F 87 -18.43 65.96 -18.62
C LYS F 87 -17.78 65.59 -17.30
N PRO F 88 -17.04 66.53 -16.69
CA PRO F 88 -16.46 66.25 -15.36
C PRO F 88 -17.50 65.94 -14.29
N GLU F 89 -18.75 66.36 -14.49
CA GLU F 89 -19.83 66.01 -13.58
C GLU F 89 -20.16 64.53 -13.59
N ASP F 90 -19.68 63.78 -14.59
CA ASP F 90 -20.01 62.36 -14.73
C ASP F 90 -19.01 61.44 -14.04
N THR F 91 -17.97 61.98 -13.41
CA THR F 91 -17.01 61.16 -12.70
C THR F 91 -17.68 60.53 -11.48
N ALA F 92 -17.75 59.20 -11.45
CA ALA F 92 -18.46 58.53 -10.38
C ALA F 92 -18.09 57.05 -10.36
N VAL F 93 -18.40 56.40 -9.24
CA VAL F 93 -18.39 54.95 -9.16
C VAL F 93 -19.74 54.45 -9.69
N TYR F 94 -19.71 53.50 -10.62
CA TYR F 94 -20.82 53.30 -11.53
C TYR F 94 -21.25 51.84 -11.46
N TYR F 95 -22.54 51.61 -11.21
CA TYR F 95 -23.07 50.31 -10.86
C TYR F 95 -24.15 49.88 -11.85
N CYS F 96 -24.28 48.57 -12.04
CA CYS F 96 -25.36 47.97 -12.81
C CYS F 96 -26.21 47.14 -11.88
N ALA F 97 -27.54 47.32 -11.95
CA ALA F 97 -28.46 46.62 -11.07
C ALA F 97 -29.59 46.01 -11.90
N ALA F 98 -30.11 44.87 -11.44
CA ALA F 98 -31.22 44.20 -12.08
C ALA F 98 -32.34 43.97 -11.07
N TRP F 99 -33.57 44.23 -11.49
CA TRP F 99 -34.73 44.05 -10.63
C TRP F 99 -35.97 43.92 -11.48
N GLU F 100 -37.06 43.50 -10.85
CA GLU F 100 -38.35 43.39 -11.49
C GLU F 100 -39.24 44.58 -11.12
N ALA F 101 -40.08 44.99 -12.07
CA ALA F 101 -40.93 46.17 -11.87
C ALA F 101 -41.82 46.00 -10.65
N SER F 102 -41.79 46.99 -9.76
CA SER F 102 -42.55 46.95 -8.52
C SER F 102 -43.91 47.63 -8.63
N ARG F 103 -44.20 48.29 -9.75
CA ARG F 103 -45.44 49.04 -9.91
C ARG F 103 -46.09 48.69 -11.24
N TRP F 104 -47.38 48.95 -11.32
CA TRP F 104 -48.08 48.86 -12.59
C TRP F 104 -47.56 49.94 -13.54
N TYR F 105 -47.71 49.66 -14.84
CA TYR F 105 -47.33 50.48 -16.00
C TYR F 105 -46.03 49.98 -16.60
N CYS F 106 -45.92 50.04 -17.92
CA CYS F 106 -44.68 49.70 -18.60
C CYS F 106 -43.49 50.58 -18.21
N PRO F 107 -43.60 51.91 -18.12
CA PRO F 107 -42.41 52.74 -17.95
C PRO F 107 -41.62 52.41 -16.68
N LEU F 108 -40.31 52.62 -16.77
CA LEU F 108 -39.37 52.38 -15.68
C LEU F 108 -38.91 53.68 -15.02
N GLN F 109 -39.69 54.75 -15.17
CA GLN F 109 -39.27 56.04 -14.65
C GLN F 109 -39.14 56.03 -13.14
N PHE F 110 -40.02 55.28 -12.46
CA PHE F 110 -40.01 55.22 -11.01
C PHE F 110 -38.90 54.30 -10.51
N SER F 111 -38.53 54.49 -9.24
CA SER F 111 -37.50 53.71 -8.58
C SER F 111 -38.13 52.79 -7.55
N ALA F 112 -37.35 51.79 -7.12
CA ALA F 112 -37.79 50.80 -6.15
C ALA F 112 -36.55 50.12 -5.57
N ASP F 113 -36.76 49.01 -4.88
CA ASP F 113 -35.65 48.16 -4.50
C ASP F 113 -35.09 47.46 -5.74
N PHE F 114 -33.82 47.09 -5.67
CA PHE F 114 -33.12 46.47 -6.80
C PHE F 114 -32.47 45.18 -6.31
N SER F 115 -32.80 44.07 -6.99
CA SER F 115 -32.48 42.75 -6.45
C SER F 115 -30.98 42.47 -6.46
N SER F 116 -30.34 42.61 -7.61
CA SER F 116 -28.95 42.18 -7.79
C SER F 116 -28.07 43.38 -8.14
N TRP F 117 -26.92 43.44 -7.47
CA TRP F 117 -25.98 44.56 -7.60
C TRP F 117 -24.59 44.03 -7.91
N GLY F 118 -23.87 44.73 -8.78
CA GLY F 118 -22.49 44.42 -9.08
C GLY F 118 -21.53 45.20 -8.20
N GLN F 119 -20.25 45.08 -8.52
CA GLN F 119 -19.21 45.81 -7.80
C GLN F 119 -18.92 47.17 -8.40
N GLY F 120 -19.21 47.37 -9.69
CA GLY F 120 -19.10 48.67 -10.31
C GLY F 120 -17.71 48.99 -10.81
N THR F 121 -17.64 50.03 -11.64
CA THR F 121 -16.37 50.51 -12.20
C THR F 121 -16.29 52.02 -12.03
N GLN F 122 -15.07 52.53 -11.99
CA GLN F 122 -14.85 53.97 -11.85
C GLN F 122 -14.84 54.62 -13.23
N VAL F 123 -15.55 55.74 -13.34
CA VAL F 123 -15.55 56.56 -14.56
C VAL F 123 -15.04 57.94 -14.19
N THR F 124 -13.86 58.30 -14.70
CA THR F 124 -13.24 59.57 -14.40
C THR F 124 -13.15 60.39 -15.68
N VAL F 125 -13.63 61.63 -15.62
CA VAL F 125 -13.55 62.57 -16.72
C VAL F 125 -12.85 63.82 -16.20
N SER F 126 -11.65 64.09 -16.73
CA SER F 126 -10.83 65.18 -16.21
C SER F 126 -9.78 65.57 -17.23
N SER F 127 -9.80 66.85 -17.63
CA SER F 127 -8.75 67.41 -18.49
C SER F 127 -8.82 68.93 -18.47
C1 NAG G . 34.09 -18.77 -1.78
C2 NAG G . 33.56 -17.36 -1.54
C3 NAG G . 32.19 -17.19 -2.21
C4 NAG G . 32.27 -17.57 -3.67
C5 NAG G . 32.86 -18.97 -3.83
C6 NAG G . 33.09 -19.36 -5.28
C7 NAG G . 34.44 -16.41 0.54
C8 NAG G . 34.19 -16.19 2.00
N2 NAG G . 33.47 -17.06 -0.12
O3 NAG G . 31.76 -15.84 -2.08
O4 NAG G . 30.98 -17.54 -4.26
O5 NAG G . 34.14 -19.04 -3.18
O6 NAG G . 32.30 -20.49 -5.64
O7 NAG G . 35.45 -16.03 -0.01
C1 NAG H . 19.46 -54.10 19.45
C2 NAG H . 19.01 -54.40 20.88
C3 NAG H . 19.08 -55.91 21.14
C4 NAG H . 18.31 -56.67 20.08
C5 NAG H . 18.80 -56.27 18.69
C6 NAG H . 18.03 -56.91 17.56
C7 NAG H . 19.34 -53.28 23.03
C8 NAG H . 20.30 -52.54 23.91
N2 NAG H . 19.81 -53.67 21.85
O3 NAG H . 18.53 -56.19 22.43
O4 NAG H . 18.50 -58.07 20.25
O5 NAG H . 18.67 -54.86 18.53
O6 NAG H . 18.57 -56.58 16.29
O7 NAG H . 18.18 -53.48 23.37
C1 NAG I . 16.68 -13.39 -44.61
C2 NAG I . 15.63 -12.56 -45.35
C3 NAG I . 15.42 -13.12 -46.76
C4 NAG I . 16.75 -13.24 -47.50
C5 NAG I . 17.74 -14.03 -46.66
C6 NAG I . 19.13 -14.10 -47.28
C7 NAG I . 13.45 -11.58 -44.79
C8 NAG I . 12.21 -11.72 -43.96
N2 NAG I . 14.37 -12.54 -44.63
O3 NAG I . 14.53 -12.29 -47.49
O4 NAG I . 16.56 -13.90 -48.74
O5 NAG I . 17.89 -13.42 -45.37
O6 NAG I . 19.82 -12.87 -47.12
O7 NAG I . 13.61 -10.66 -45.58
C1 NAG J . 21.35 11.23 -29.33
C2 NAG J . 21.86 9.90 -29.91
C3 NAG J . 23.07 9.39 -29.13
C4 NAG J . 24.15 10.46 -29.05
C5 NAG J . 23.57 11.68 -28.37
C6 NAG J . 24.55 12.83 -28.30
C7 NAG J . 20.79 7.82 -30.67
C8 NAG J . 19.63 6.90 -30.51
N2 NAG J . 20.80 8.90 -29.90
O3 NAG J . 23.61 8.25 -29.81
O4 NAG J . 25.27 9.97 -28.31
O5 NAG J . 22.46 12.15 -29.15
O6 NAG J . 23.91 14.05 -28.66
O7 NAG J . 21.69 7.60 -31.48
C1 NAG K . -35.82 -5.26 -45.48
C2 NAG K . -36.34 -5.08 -44.04
C3 NAG K . -37.81 -5.49 -43.93
C4 NAG K . -38.63 -4.71 -44.94
C5 NAG K . -38.09 -4.97 -46.34
C6 NAG K . -38.83 -4.20 -47.41
C7 NAG K . -35.61 -5.71 -41.77
C8 NAG K . -34.70 -6.58 -40.97
N2 NAG K . -35.53 -5.83 -43.09
O3 NAG K . -38.31 -5.28 -42.62
O4 NAG K . -40.00 -5.07 -44.87
O5 NAG K . -36.71 -4.55 -46.41
O6 NAG K . -38.07 -4.11 -48.60
O7 NAG K . -36.40 -4.92 -41.23
C1 NAG L . -14.45 11.07 -36.24
C2 NAG L . -14.25 11.01 -34.74
C3 NAG L . -15.59 11.10 -34.04
C4 NAG L . -16.30 12.37 -34.47
C5 NAG L . -16.40 12.45 -36.00
C6 NAG L . -16.96 13.77 -36.48
C7 NAG L . -12.28 9.84 -33.85
C8 NAG L . -11.69 8.50 -33.51
N2 NAG L . -13.53 9.81 -34.35
O3 NAG L . -15.37 11.11 -32.63
O4 NAG L . -17.62 12.41 -33.92
O5 NAG L . -15.09 12.30 -36.60
O6 NAG L . -17.00 13.83 -37.89
O7 NAG L . -11.68 10.89 -33.68
C1 NAG M . -9.46 -29.72 -51.41
C2 NAG M . -8.09 -30.10 -51.99
C3 NAG M . -8.26 -31.22 -53.02
C4 NAG M . -9.02 -32.39 -52.41
C5 NAG M . -10.33 -31.91 -51.82
C6 NAG M . -11.10 -33.01 -51.11
C7 NAG M . -6.57 -28.17 -51.96
C8 NAG M . -6.02 -27.03 -52.73
N2 NAG M . -7.46 -28.94 -52.60
O3 NAG M . -6.96 -31.65 -53.45
O4 NAG M . -9.28 -33.37 -53.42
O5 NAG M . -10.07 -30.89 -50.84
O6 NAG M . -12.19 -32.48 -50.38
O7 NAG M . -6.24 -28.40 -50.80
C1 NAG N . -46.81 14.27 3.01
C2 NAG N . -47.14 15.35 1.97
C3 NAG N . -48.60 15.79 2.10
C4 NAG N . -49.53 14.58 2.04
C5 NAG N . -49.14 13.57 3.10
C6 NAG N . -49.96 12.31 3.05
C7 NAG N . -45.98 17.34 1.13
C8 NAG N . -45.04 18.46 1.47
N2 NAG N . -46.25 16.49 2.12
O3 NAG N . -48.92 16.69 1.05
O4 NAG N . -50.88 14.99 2.24
O5 NAG N . -47.77 13.19 2.90
O6 NAG N . -51.32 12.55 3.38
O7 NAG N . -46.47 17.21 0.02
C1 NAG O . -48.67 -15.62 -14.72
C2 NAG O . -50.09 -15.02 -14.65
C3 NAG O . -50.95 -15.76 -13.65
C4 NAG O . -50.96 -17.23 -14.04
C5 NAG O . -49.55 -17.80 -13.97
C6 NAG O . -49.51 -19.28 -14.29
C7 NAG O . -50.53 -12.67 -15.17
C8 NAG O . -50.37 -11.25 -14.74
N2 NAG O . -50.04 -13.60 -14.35
O3 NAG O . -52.26 -15.21 -13.76
O4 NAG O . -51.87 -17.94 -13.21
O5 NAG O . -48.74 -17.10 -14.92
O6 NAG O . -50.82 -19.83 -14.32
O7 NAG O . -51.07 -12.98 -16.23
C1 NAG P . -25.02 -15.08 42.90
C2 NAG P . -23.87 -15.53 41.99
C3 NAG P . -23.46 -16.97 42.32
C4 NAG P . -23.22 -17.15 43.82
C5 NAG P . -24.33 -16.51 44.68
C6 NAG P . -23.92 -16.42 46.14
C7 NAG P . -23.31 -15.45 39.59
C8 NAG P . -23.84 -15.32 38.20
N2 NAG P . -24.22 -15.44 40.58
O3 NAG P . -22.27 -17.29 41.63
O4 NAG P . -23.18 -18.53 44.15
O5 NAG P . -24.61 -15.17 44.25
O6 NAG P . -24.25 -15.17 46.72
O7 NAG P . -22.11 -15.55 39.83
C1 NAG Q . -50.77 -11.36 16.53
C2 NAG Q . -50.93 -11.84 18.03
C3 NAG Q . -52.06 -11.14 18.76
C4 NAG Q . -51.92 -9.63 18.62
C5 NAG Q . -52.29 -9.38 17.17
C6 NAG Q . -52.31 -7.91 16.77
C7 NAG Q . -50.51 -14.04 19.03
C8 NAG Q . -50.77 -15.53 18.95
N2 NAG Q . -51.08 -13.29 18.09
O3 NAG Q . -52.19 -11.55 20.12
O4 NAG Q . -52.75 -8.92 19.54
O5 NAG Q . -51.29 -9.99 16.34
O6 NAG Q . -52.65 -7.73 15.40
O7 NAG Q . -49.79 -13.56 19.91
C1 NAG R . -7.19 -43.30 32.10
C2 NAG R . -7.21 -43.23 33.62
C3 NAG R . -6.96 -44.62 34.21
C4 NAG R . -7.96 -45.62 33.64
C5 NAG R . -7.94 -45.59 32.12
C6 NAG R . -9.01 -46.45 31.50
C7 NAG R . -6.51 -41.01 34.41
C8 NAG R . -5.36 -40.18 34.90
N2 NAG R . -6.22 -42.29 34.11
O3 NAG R . -7.07 -44.57 35.62
O4 NAG R . -7.65 -46.93 34.10
O5 NAG R . -8.16 -44.26 31.64
O6 NAG R . -8.69 -46.80 30.16
O7 NAG R . -7.64 -40.56 34.27
#